data_4IC9
# 
_entry.id   4IC9 
# 
_audit_conform.dict_name       mmcif_pdbx.dic 
_audit_conform.dict_version    5.379 
_audit_conform.dict_location   http://mmcif.pdb.org/dictionaries/ascii/mmcif_pdbx.dic 
# 
loop_
_database_2.database_id 
_database_2.database_code 
_database_2.pdbx_database_accession 
_database_2.pdbx_DOI 
PDB   4IC9         pdb_00004ic9 10.2210/pdb4ic9/pdb 
RCSB  RCSB076572   ?            ?                   
WWPDB D_1000076572 ?            ?                   
# 
_pdbx_database_related.db_name        PDB 
_pdbx_database_related.db_id          4ICA 
_pdbx_database_related.details        . 
_pdbx_database_related.content_type   unspecified 
# 
_pdbx_database_status.status_code                     REL 
_pdbx_database_status.entry_id                        4IC9 
_pdbx_database_status.recvd_initial_deposition_date   2012-12-10 
_pdbx_database_status.deposit_site                    RCSB 
_pdbx_database_status.process_site                    RCSB 
_pdbx_database_status.status_code_sf                  REL 
_pdbx_database_status.status_code_mr                  ? 
_pdbx_database_status.SG_entry                        ? 
_pdbx_database_status.status_code_cs                  ? 
_pdbx_database_status.methods_development_category    ? 
_pdbx_database_status.pdb_format_compatible           Y 
_pdbx_database_status.status_code_nmr_data            ? 
# 
loop_
_audit_author.name 
_audit_author.pdbx_ordinal 
'Serriere, J.' 1 
'Robert, X.'   2 
'Perez, M.'    3 
'Gouet, P.'    4 
'Guillon, C.'  5 
# 
_citation.id                        primary 
_citation.title                     
'Biophysical characterization and crystal structure of the Feline Immunodeficiency Virus p15 matrix protein.' 
_citation.journal_abbrev            Retrovirology 
_citation.journal_volume            10 
_citation.page_first                64 
_citation.page_last                 64 
_citation.year                      2013 
_citation.journal_id_ASTM           ? 
_citation.country                   UK 
_citation.journal_id_ISSN           1742-4690 
_citation.journal_id_CSD            ? 
_citation.book_publisher            ? 
_citation.pdbx_database_id_PubMed   23800358 
_citation.pdbx_database_id_DOI      10.1186/1742-4690-10-64 
# 
loop_
_citation_author.citation_id 
_citation_author.name 
_citation_author.ordinal 
_citation_author.identifier_ORCID 
primary 'Serriere, J.' 1 ? 
primary 'Robert, X.'   2 ? 
primary 'Perez, M.'    3 ? 
primary 'Gouet, P.'    4 ? 
primary 'Guillon, C.'  5 ? 
# 
_cell.entry_id           4IC9 
_cell.length_a           53.010 
_cell.length_b           71.200 
_cell.length_c           28.190 
_cell.angle_alpha        90.00 
_cell.angle_beta         90.00 
_cell.angle_gamma        90.00 
_cell.Z_PDB              4 
_cell.pdbx_unique_axis   ? 
_cell.length_a_esd       ? 
_cell.length_b_esd       ? 
_cell.length_c_esd       ? 
_cell.angle_alpha_esd    ? 
_cell.angle_beta_esd     ? 
_cell.angle_gamma_esd    ? 
# 
_symmetry.entry_id                         4IC9 
_symmetry.space_group_name_H-M             'P 21 21 2' 
_symmetry.pdbx_full_space_group_name_H-M   ? 
_symmetry.cell_setting                     ? 
_symmetry.Int_Tables_number                18 
_symmetry.space_group_name_Hall            ? 
# 
loop_
_entity.id 
_entity.type 
_entity.src_method 
_entity.pdbx_description 
_entity.formula_weight 
_entity.pdbx_number_of_molecules 
_entity.pdbx_ec 
_entity.pdbx_mutation 
_entity.pdbx_fragment 
_entity.details 
1 polymer     man 'Matrix protein p15' 16358.727 1  ? ? ? ? 
2 non-polymer syn 1,2-ETHANEDIOL       62.068    4  ? ? ? ? 
3 water       nat water                18.015    28 ? ? ? ? 
# 
_entity_poly.entity_id                      1 
_entity_poly.type                           'polypeptide(L)' 
_entity_poly.nstd_linkage                   no 
_entity_poly.nstd_monomer                   no 
_entity_poly.pdbx_seq_one_letter_code       
;MGNGQGRDWKMAIKRCSNVAVGVGGKSKKFGEGNFRWAIRMANVSTGREPGDIPETLDQLRLVICDLQERREKFGSSKEI
DMAIVTLKVFAVAGLLNMTVSTAAAAENMYSQMGLDTRPSMKEAGGKEEGPPQAYLVPRGSLEHHHHHH
;
_entity_poly.pdbx_seq_one_letter_code_can   
;MGNGQGRDWKMAIKRCSNVAVGVGGKSKKFGEGNFRWAIRMANVSTGREPGDIPETLDQLRLVICDLQERREKFGSSKEI
DMAIVTLKVFAVAGLLNMTVSTAAAAENMYSQMGLDTRPSMKEAGGKEEGPPQAYLVPRGSLEHHHHHH
;
_entity_poly.pdbx_strand_id                 A 
_entity_poly.pdbx_target_identifier         ? 
# 
loop_
_entity_poly_seq.entity_id 
_entity_poly_seq.num 
_entity_poly_seq.mon_id 
_entity_poly_seq.hetero 
1 1   MET n 
1 2   GLY n 
1 3   ASN n 
1 4   GLY n 
1 5   GLN n 
1 6   GLY n 
1 7   ARG n 
1 8   ASP n 
1 9   TRP n 
1 10  LYS n 
1 11  MET n 
1 12  ALA n 
1 13  ILE n 
1 14  LYS n 
1 15  ARG n 
1 16  CYS n 
1 17  SER n 
1 18  ASN n 
1 19  VAL n 
1 20  ALA n 
1 21  VAL n 
1 22  GLY n 
1 23  VAL n 
1 24  GLY n 
1 25  GLY n 
1 26  LYS n 
1 27  SER n 
1 28  LYS n 
1 29  LYS n 
1 30  PHE n 
1 31  GLY n 
1 32  GLU n 
1 33  GLY n 
1 34  ASN n 
1 35  PHE n 
1 36  ARG n 
1 37  TRP n 
1 38  ALA n 
1 39  ILE n 
1 40  ARG n 
1 41  MET n 
1 42  ALA n 
1 43  ASN n 
1 44  VAL n 
1 45  SER n 
1 46  THR n 
1 47  GLY n 
1 48  ARG n 
1 49  GLU n 
1 50  PRO n 
1 51  GLY n 
1 52  ASP n 
1 53  ILE n 
1 54  PRO n 
1 55  GLU n 
1 56  THR n 
1 57  LEU n 
1 58  ASP n 
1 59  GLN n 
1 60  LEU n 
1 61  ARG n 
1 62  LEU n 
1 63  VAL n 
1 64  ILE n 
1 65  CYS n 
1 66  ASP n 
1 67  LEU n 
1 68  GLN n 
1 69  GLU n 
1 70  ARG n 
1 71  ARG n 
1 72  GLU n 
1 73  LYS n 
1 74  PHE n 
1 75  GLY n 
1 76  SER n 
1 77  SER n 
1 78  LYS n 
1 79  GLU n 
1 80  ILE n 
1 81  ASP n 
1 82  MET n 
1 83  ALA n 
1 84  ILE n 
1 85  VAL n 
1 86  THR n 
1 87  LEU n 
1 88  LYS n 
1 89  VAL n 
1 90  PHE n 
1 91  ALA n 
1 92  VAL n 
1 93  ALA n 
1 94  GLY n 
1 95  LEU n 
1 96  LEU n 
1 97  ASN n 
1 98  MET n 
1 99  THR n 
1 100 VAL n 
1 101 SER n 
1 102 THR n 
1 103 ALA n 
1 104 ALA n 
1 105 ALA n 
1 106 ALA n 
1 107 GLU n 
1 108 ASN n 
1 109 MET n 
1 110 TYR n 
1 111 SER n 
1 112 GLN n 
1 113 MET n 
1 114 GLY n 
1 115 LEU n 
1 116 ASP n 
1 117 THR n 
1 118 ARG n 
1 119 PRO n 
1 120 SER n 
1 121 MET n 
1 122 LYS n 
1 123 GLU n 
1 124 ALA n 
1 125 GLY n 
1 126 GLY n 
1 127 LYS n 
1 128 GLU n 
1 129 GLU n 
1 130 GLY n 
1 131 PRO n 
1 132 PRO n 
1 133 GLN n 
1 134 ALA n 
1 135 TYR n 
1 136 LEU n 
1 137 VAL n 
1 138 PRO n 
1 139 ARG n 
1 140 GLY n 
1 141 SER n 
1 142 LEU n 
1 143 GLU n 
1 144 HIS n 
1 145 HIS n 
1 146 HIS n 
1 147 HIS n 
1 148 HIS n 
1 149 HIS n 
# 
_entity_src_gen.entity_id                          1 
_entity_src_gen.pdbx_src_id                        1 
_entity_src_gen.pdbx_alt_source_flag               sample 
_entity_src_gen.pdbx_seq_type                      ? 
_entity_src_gen.pdbx_beg_seq_num                   ? 
_entity_src_gen.pdbx_end_seq_num                   ? 
_entity_src_gen.gene_src_common_name               FIV 
_entity_src_gen.gene_src_genus                     ? 
_entity_src_gen.pdbx_gene_src_gene                 'FIV Gag, gag' 
_entity_src_gen.gene_src_species                   ? 
_entity_src_gen.gene_src_strain                    Petaluma 
_entity_src_gen.gene_src_tissue                    ? 
_entity_src_gen.gene_src_tissue_fraction           ? 
_entity_src_gen.gene_src_details                   ? 
_entity_src_gen.pdbx_gene_src_fragment             ? 
_entity_src_gen.pdbx_gene_src_scientific_name      'Feline immunodeficiency virus' 
_entity_src_gen.pdbx_gene_src_ncbi_taxonomy_id     11674 
_entity_src_gen.pdbx_gene_src_variant              ? 
_entity_src_gen.pdbx_gene_src_cell_line            ? 
_entity_src_gen.pdbx_gene_src_atcc                 ? 
_entity_src_gen.pdbx_gene_src_organ                ? 
_entity_src_gen.pdbx_gene_src_organelle            ? 
_entity_src_gen.pdbx_gene_src_cell                 ? 
_entity_src_gen.pdbx_gene_src_cellular_location    ? 
_entity_src_gen.host_org_common_name               ? 
_entity_src_gen.pdbx_host_org_scientific_name      'Escherichia coli' 
_entity_src_gen.pdbx_host_org_ncbi_taxonomy_id     866768 
_entity_src_gen.host_org_genus                     ? 
_entity_src_gen.pdbx_host_org_gene                 ? 
_entity_src_gen.pdbx_host_org_organ                ? 
_entity_src_gen.host_org_species                   ? 
_entity_src_gen.pdbx_host_org_tissue               ? 
_entity_src_gen.pdbx_host_org_tissue_fraction      ? 
_entity_src_gen.pdbx_host_org_strain               'BL21-Gold(DE3)pLysS AG' 
_entity_src_gen.pdbx_host_org_variant              ? 
_entity_src_gen.pdbx_host_org_cell_line            ? 
_entity_src_gen.pdbx_host_org_atcc                 ? 
_entity_src_gen.pdbx_host_org_culture_collection   ? 
_entity_src_gen.pdbx_host_org_cell                 ? 
_entity_src_gen.pdbx_host_org_organelle            ? 
_entity_src_gen.pdbx_host_org_cellular_location    ? 
_entity_src_gen.pdbx_host_org_vector_type          plasmid 
_entity_src_gen.pdbx_host_org_vector               ? 
_entity_src_gen.host_org_details                   ? 
_entity_src_gen.expression_system_id               ? 
_entity_src_gen.plasmid_name                       pRSET-B 
_entity_src_gen.plasmid_details                    ? 
_entity_src_gen.pdbx_description                   ? 
# 
_struct_ref.id                         1 
_struct_ref.db_name                    UNP 
_struct_ref.db_code                    GAG_FIVPE 
_struct_ref.pdbx_db_accession          P16087 
_struct_ref.entity_id                  1 
_struct_ref.pdbx_seq_one_letter_code   
;MGNGQGRDWKMAIKRCSNVAVGVGGKSKKFGEGNFRWAIRMANVSTGREPGDIPETLDQLRLVICDLQERREKFGSSKEI
DMAIVTLKVFAVAGLLNMTVSTAAAAENMYSQMGLDTRPSMKEAGGKEEGPPQAY
;
_struct_ref.pdbx_align_begin           1 
_struct_ref.pdbx_db_isoform            ? 
# 
_struct_ref_seq.align_id                      1 
_struct_ref_seq.ref_id                        1 
_struct_ref_seq.pdbx_PDB_id_code              4IC9 
_struct_ref_seq.pdbx_strand_id                A 
_struct_ref_seq.seq_align_beg                 1 
_struct_ref_seq.pdbx_seq_align_beg_ins_code   ? 
_struct_ref_seq.seq_align_end                 135 
_struct_ref_seq.pdbx_seq_align_end_ins_code   ? 
_struct_ref_seq.pdbx_db_accession             P16087 
_struct_ref_seq.db_align_beg                  1 
_struct_ref_seq.pdbx_db_align_beg_ins_code    ? 
_struct_ref_seq.db_align_end                  135 
_struct_ref_seq.pdbx_db_align_end_ins_code    ? 
_struct_ref_seq.pdbx_auth_seq_align_beg       1 
_struct_ref_seq.pdbx_auth_seq_align_end       135 
# 
loop_
_struct_ref_seq_dif.align_id 
_struct_ref_seq_dif.pdbx_pdb_id_code 
_struct_ref_seq_dif.mon_id 
_struct_ref_seq_dif.pdbx_pdb_strand_id 
_struct_ref_seq_dif.seq_num 
_struct_ref_seq_dif.pdbx_pdb_ins_code 
_struct_ref_seq_dif.pdbx_seq_db_name 
_struct_ref_seq_dif.pdbx_seq_db_accession_code 
_struct_ref_seq_dif.db_mon_id 
_struct_ref_seq_dif.pdbx_seq_db_seq_num 
_struct_ref_seq_dif.details 
_struct_ref_seq_dif.pdbx_auth_seq_num 
_struct_ref_seq_dif.pdbx_ordinal 
1 4IC9 LEU A 136 ? UNP P16087 ? ? 'expression tag' 136 1  
1 4IC9 VAL A 137 ? UNP P16087 ? ? 'expression tag' 137 2  
1 4IC9 PRO A 138 ? UNP P16087 ? ? 'expression tag' 138 3  
1 4IC9 ARG A 139 ? UNP P16087 ? ? 'expression tag' 139 4  
1 4IC9 GLY A 140 ? UNP P16087 ? ? 'expression tag' 140 5  
1 4IC9 SER A 141 ? UNP P16087 ? ? 'expression tag' 141 6  
1 4IC9 LEU A 142 ? UNP P16087 ? ? 'expression tag' 142 7  
1 4IC9 GLU A 143 ? UNP P16087 ? ? 'expression tag' 143 8  
1 4IC9 HIS A 144 ? UNP P16087 ? ? 'expression tag' 144 9  
1 4IC9 HIS A 145 ? UNP P16087 ? ? 'expression tag' 145 10 
1 4IC9 HIS A 146 ? UNP P16087 ? ? 'expression tag' 146 11 
1 4IC9 HIS A 147 ? UNP P16087 ? ? 'expression tag' 147 12 
1 4IC9 HIS A 148 ? UNP P16087 ? ? 'expression tag' 148 13 
1 4IC9 HIS A 149 ? UNP P16087 ? ? 'expression tag' 149 14 
# 
loop_
_chem_comp.id 
_chem_comp.type 
_chem_comp.mon_nstd_flag 
_chem_comp.name 
_chem_comp.pdbx_synonyms 
_chem_comp.formula 
_chem_comp.formula_weight 
ALA 'L-peptide linking' y ALANINE         ?                 'C3 H7 N O2'     89.093  
ARG 'L-peptide linking' y ARGININE        ?                 'C6 H15 N4 O2 1' 175.209 
ASN 'L-peptide linking' y ASPARAGINE      ?                 'C4 H8 N2 O3'    132.118 
ASP 'L-peptide linking' y 'ASPARTIC ACID' ?                 'C4 H7 N O4'     133.103 
CYS 'L-peptide linking' y CYSTEINE        ?                 'C3 H7 N O2 S'   121.158 
EDO non-polymer         . 1,2-ETHANEDIOL  'ETHYLENE GLYCOL' 'C2 H6 O2'       62.068  
GLN 'L-peptide linking' y GLUTAMINE       ?                 'C5 H10 N2 O3'   146.144 
GLU 'L-peptide linking' y 'GLUTAMIC ACID' ?                 'C5 H9 N O4'     147.129 
GLY 'peptide linking'   y GLYCINE         ?                 'C2 H5 N O2'     75.067  
HIS 'L-peptide linking' y HISTIDINE       ?                 'C6 H10 N3 O2 1' 156.162 
HOH non-polymer         . WATER           ?                 'H2 O'           18.015  
ILE 'L-peptide linking' y ISOLEUCINE      ?                 'C6 H13 N O2'    131.173 
LEU 'L-peptide linking' y LEUCINE         ?                 'C6 H13 N O2'    131.173 
LYS 'L-peptide linking' y LYSINE          ?                 'C6 H15 N2 O2 1' 147.195 
MET 'L-peptide linking' y METHIONINE      ?                 'C5 H11 N O2 S'  149.211 
PHE 'L-peptide linking' y PHENYLALANINE   ?                 'C9 H11 N O2'    165.189 
PRO 'L-peptide linking' y PROLINE         ?                 'C5 H9 N O2'     115.130 
SER 'L-peptide linking' y SERINE          ?                 'C3 H7 N O3'     105.093 
THR 'L-peptide linking' y THREONINE       ?                 'C4 H9 N O3'     119.119 
TRP 'L-peptide linking' y TRYPTOPHAN      ?                 'C11 H12 N2 O2'  204.225 
TYR 'L-peptide linking' y TYROSINE        ?                 'C9 H11 N O3'    181.189 
VAL 'L-peptide linking' y VALINE          ?                 'C5 H11 N O2'    117.146 
# 
_exptl.entry_id          4IC9 
_exptl.method            'X-RAY DIFFRACTION' 
_exptl.crystals_number   1 
# 
_exptl_crystal.id                    1 
_exptl_crystal.density_meas          ? 
_exptl_crystal.density_Matthews      ? 
_exptl_crystal.density_percent_sol   ? 
_exptl_crystal.description           ? 
_exptl_crystal.F_000                 ? 
_exptl_crystal.preparation           ? 
# 
_exptl_crystal_grow.crystal_id      1 
_exptl_crystal_grow.method          'VAPOR DIFFUSION, SITTING DROP' 
_exptl_crystal_grow.temp            292 
_exptl_crystal_grow.temp_details    ? 
_exptl_crystal_grow.pH              6.0 
_exptl_crystal_grow.pdbx_details    
'0.1 M sodium acetate, 25% (w/v) polyethylene glycol 3,000, pH 6.0, VAPOR DIFFUSION, SITTING DROP, temperature 292K' 
_exptl_crystal_grow.pdbx_pH_range   ? 
# 
_diffrn.id                     1 
_diffrn.ambient_temp           100 
_diffrn.ambient_temp_details   ? 
_diffrn.crystal_id             1 
# 
_diffrn_detector.diffrn_id              1 
_diffrn_detector.detector               PIXEL 
_diffrn_detector.type                   'PSI PILATUS 6M' 
_diffrn_detector.pdbx_collection_date   2012-02-23 
_diffrn_detector.details                ? 
# 
_diffrn_radiation.diffrn_id                        1 
_diffrn_radiation.wavelength_id                    1 
_diffrn_radiation.pdbx_monochromatic_or_laue_m_l   M 
_diffrn_radiation.monochromator                    
'Kirkpatrick-Baez pair of bi-morph mirrors + channel-cut cryo-cooled silicon monochromator' 
_diffrn_radiation.pdbx_diffrn_protocol             'SINGLE WAVELENGTH' 
_diffrn_radiation.pdbx_scattering_type             x-ray 
# 
_diffrn_radiation_wavelength.id           1 
_diffrn_radiation_wavelength.wavelength   0.98011 
_diffrn_radiation_wavelength.wt           1.0 
# 
_diffrn_source.diffrn_id                   1 
_diffrn_source.source                      SYNCHROTRON 
_diffrn_source.type                        'SOLEIL BEAMLINE PROXIMA 1' 
_diffrn_source.pdbx_synchrotron_site       SOLEIL 
_diffrn_source.pdbx_synchrotron_beamline   'PROXIMA 1' 
_diffrn_source.pdbx_wavelength             ? 
_diffrn_source.pdbx_wavelength_list        0.98011 
# 
_reflns.entry_id                     4IC9 
_reflns.observed_criterion_sigma_I   -3 
_reflns.observed_criterion_sigma_F   0 
_reflns.d_resolution_low             20.0 
_reflns.d_resolution_high            2.0 
_reflns.number_obs                   7647 
_reflns.number_all                   ? 
_reflns.percent_possible_obs         99.8 
_reflns.pdbx_Rmerge_I_obs            ? 
_reflns.pdbx_Rsym_value              ? 
_reflns.pdbx_netI_over_sigmaI        ? 
_reflns.B_iso_Wilson_estimate        ? 
_reflns.pdbx_redundancy              6.9 
_reflns.R_free_details               ? 
_reflns.limit_h_max                  ? 
_reflns.limit_h_min                  ? 
_reflns.limit_k_max                  ? 
_reflns.limit_k_min                  ? 
_reflns.limit_l_max                  ? 
_reflns.limit_l_min                  ? 
_reflns.observed_criterion_F_max     ? 
_reflns.observed_criterion_F_min     ? 
_reflns.pdbx_chi_squared             ? 
_reflns.pdbx_scaling_rejects         ? 
_reflns.pdbx_ordinal                 1 
_reflns.pdbx_diffrn_id               1 
# 
_reflns_shell.d_res_high             2.0 
_reflns_shell.d_res_low              2.05 
_reflns_shell.percent_possible_all   99.8 
_reflns_shell.Rmerge_I_obs           ? 
_reflns_shell.pdbx_Rsym_value        ? 
_reflns_shell.meanI_over_sigI_obs    4.78 
_reflns_shell.pdbx_redundancy        ? 
_reflns_shell.percent_possible_obs   ? 
_reflns_shell.number_unique_all      544 
_reflns_shell.number_measured_all    ? 
_reflns_shell.number_measured_obs    ? 
_reflns_shell.number_unique_obs      ? 
_reflns_shell.pdbx_chi_squared       ? 
_reflns_shell.pdbx_ordinal           1 
_reflns_shell.pdbx_diffrn_id         1 
# 
_refine.entry_id                                 4IC9 
_refine.ls_number_reflns_obs                     7646 
_refine.ls_number_reflns_all                     ? 
_refine.pdbx_ls_sigma_I                          ? 
_refine.pdbx_ls_sigma_F                          2.01 
_refine.pdbx_data_cutoff_high_absF               ? 
_refine.pdbx_data_cutoff_low_absF                ? 
_refine.pdbx_data_cutoff_high_rms_absF           ? 
_refine.ls_d_res_low                             19.310 
_refine.ls_d_res_high                            2.000 
_refine.ls_percent_reflns_obs                    99.91 
_refine.ls_R_factor_obs                          0.1937 
_refine.ls_R_factor_all                          ? 
_refine.ls_R_factor_R_work                       0.1905 
_refine.ls_R_factor_R_free                       0.2549 
_refine.ls_R_factor_R_free_error                 ? 
_refine.ls_R_factor_R_free_error_details         ? 
_refine.ls_percent_reflns_R_free                 5.01 
_refine.ls_number_reflns_R_free                  383 
_refine.ls_number_parameters                     ? 
_refine.ls_number_restraints                     ? 
_refine.occupancy_min                            ? 
_refine.occupancy_max                            ? 
_refine.correlation_coeff_Fo_to_Fc               ? 
_refine.correlation_coeff_Fo_to_Fc_free          ? 
_refine.B_iso_mean                               ? 
_refine.aniso_B[1][1]                            ? 
_refine.aniso_B[2][2]                            ? 
_refine.aniso_B[3][3]                            ? 
_refine.aniso_B[1][2]                            ? 
_refine.aniso_B[1][3]                            ? 
_refine.aniso_B[2][3]                            ? 
_refine.solvent_model_details                    'FLAT BULK SOLVENT MODEL' 
_refine.solvent_model_param_ksol                 ? 
_refine.solvent_model_param_bsol                 ? 
_refine.pdbx_solvent_vdw_probe_radii             1.11 
_refine.pdbx_solvent_ion_probe_radii             ? 
_refine.pdbx_solvent_shrinkage_radii             0.90 
_refine.pdbx_ls_cross_valid_method               ? 
_refine.details                                  ? 
_refine.pdbx_starting_model                      'PDB entry 1ECW, SIV matrix protein' 
_refine.pdbx_method_to_determine_struct          'MOLECULAR REPLACEMENT' 
_refine.pdbx_isotropic_thermal_model             ? 
_refine.pdbx_stereochemistry_target_values       'Engh & Huber' 
_refine.pdbx_stereochem_target_val_spec_case     ? 
_refine.pdbx_R_Free_selection_details            RANDOM 
_refine.pdbx_overall_ESU_R                       ? 
_refine.pdbx_overall_ESU_R_Free                  ? 
_refine.overall_SU_ML                            0.21 
_refine.pdbx_overall_phase_error                 24.85 
_refine.overall_SU_B                             ? 
_refine.overall_SU_R_Cruickshank_DPI             ? 
_refine.ls_redundancy_reflns_obs                 ? 
_refine.B_iso_min                                ? 
_refine.B_iso_max                                ? 
_refine.overall_SU_R_free                        ? 
_refine.ls_wR_factor_R_free                      ? 
_refine.ls_wR_factor_R_work                      ? 
_refine.overall_FOM_free_R_set                   ? 
_refine.overall_FOM_work_R_set                   ? 
_refine.pdbx_diffrn_id                           1 
_refine.pdbx_refine_id                           'X-RAY DIFFRACTION' 
_refine.pdbx_TLS_residual_ADP_flag               ? 
_refine.pdbx_overall_SU_R_free_Cruickshank_DPI   ? 
_refine.pdbx_overall_SU_R_Blow_DPI               ? 
_refine.pdbx_overall_SU_R_free_Blow_DPI          ? 
# 
_refine_hist.pdbx_refine_id                   'X-RAY DIFFRACTION' 
_refine_hist.cycle_id                         LAST 
_refine_hist.pdbx_number_atoms_protein        984 
_refine_hist.pdbx_number_atoms_nucleic_acid   0 
_refine_hist.pdbx_number_atoms_ligand         16 
_refine_hist.number_atoms_solvent             28 
_refine_hist.number_atoms_total               1028 
_refine_hist.d_res_high                       2.000 
_refine_hist.d_res_low                        19.310 
# 
loop_
_refine_ls_restr.type 
_refine_ls_restr.dev_ideal 
_refine_ls_restr.dev_ideal_target 
_refine_ls_restr.weight 
_refine_ls_restr.number 
_refine_ls_restr.pdbx_restraint_function 
_refine_ls_restr.pdbx_refine_id 
f_bond_d           0.007  ? ? 1009 ? 'X-RAY DIFFRACTION' 
f_angle_d          1.005  ? ? 1343 ? 'X-RAY DIFFRACTION' 
f_dihedral_angle_d 14.124 ? ? 389  ? 'X-RAY DIFFRACTION' 
f_chiral_restr     0.067  ? ? 144  ? 'X-RAY DIFFRACTION' 
f_plane_restr      0.005  ? ? 176  ? 'X-RAY DIFFRACTION' 
# 
loop_
_refine_ls_shell.pdbx_total_number_of_bins_used 
_refine_ls_shell.d_res_high 
_refine_ls_shell.d_res_low 
_refine_ls_shell.number_reflns_R_work 
_refine_ls_shell.R_factor_R_work 
_refine_ls_shell.percent_reflns_obs 
_refine_ls_shell.R_factor_R_free 
_refine_ls_shell.R_factor_R_free_error 
_refine_ls_shell.percent_reflns_R_free 
_refine_ls_shell.number_reflns_R_free 
_refine_ls_shell.number_reflns_all 
_refine_ls_shell.R_factor_all 
_refine_ls_shell.number_reflns_obs 
_refine_ls_shell.redundancy_reflns_obs 
_refine_ls_shell.pdbx_refine_id 
. 2.0    2.2889  2357 0.1695 100.00 0.2406 . . 124 . . . . 'X-RAY DIFFRACTION' 
. 2.2889 2.8822  2386 0.2111 100.00 0.2664 . . 126 . . . . 'X-RAY DIFFRACTION' 
. 2.8822 19.3110 2520 0.1874 100.00 0.2538 . . 133 . . . . 'X-RAY DIFFRACTION' 
# 
_struct.entry_id                  4IC9 
_struct.title                     
'Crystal structure of the full-length matrix subunit (p15) of the Feline Immunodeficiency Virus (FIV) Gag polyprotein' 
_struct.pdbx_model_details        ? 
_struct.pdbx_CASP_flag            ? 
_struct.pdbx_model_type_details   ? 
# 
_struct_keywords.entry_id        4IC9 
_struct_keywords.pdbx_keywords   'VIRAL PROTEIN' 
_struct_keywords.text            'FIV, p15, Retroviral matrix protein, Viral protein' 
# 
loop_
_struct_asym.id 
_struct_asym.pdbx_blank_PDB_chainid_flag 
_struct_asym.pdbx_modified 
_struct_asym.entity_id 
_struct_asym.details 
A N N 1 ? 
B N N 2 ? 
C N N 2 ? 
D N N 2 ? 
E N N 2 ? 
F N N 3 ? 
# 
_struct_biol.id        1 
_struct_biol.details   ? 
# 
loop_
_struct_conf.conf_type_id 
_struct_conf.id 
_struct_conf.pdbx_PDB_helix_id 
_struct_conf.beg_label_comp_id 
_struct_conf.beg_label_asym_id 
_struct_conf.beg_label_seq_id 
_struct_conf.pdbx_beg_PDB_ins_code 
_struct_conf.end_label_comp_id 
_struct_conf.end_label_asym_id 
_struct_conf.end_label_seq_id 
_struct_conf.pdbx_end_PDB_ins_code 
_struct_conf.beg_auth_comp_id 
_struct_conf.beg_auth_asym_id 
_struct_conf.beg_auth_seq_id 
_struct_conf.end_auth_comp_id 
_struct_conf.end_auth_asym_id 
_struct_conf.end_auth_seq_id 
_struct_conf.pdbx_PDB_helix_class 
_struct_conf.details 
_struct_conf.pdbx_PDB_helix_length 
HELX_P HELX_P1 1 GLY A 6   ? SER A 17  ? GLY A 6   SER A 17  1 ? 12 
HELX_P HELX_P2 2 GLY A 31  ? THR A 46  ? GLY A 31  THR A 46  1 ? 16 
HELX_P HELX_P3 3 THR A 56  ? GLY A 75  ? THR A 56  GLY A 75  1 ? 20 
HELX_P HELX_P4 4 SER A 77  ? GLY A 94  ? SER A 77  GLY A 94  1 ? 18 
HELX_P HELX_P5 5 THR A 102 ? MET A 113 ? THR A 102 MET A 113 1 ? 12 
HELX_P HELX_P6 6 SER A 120 ? GLY A 125 ? SER A 120 GLY A 125 1 ? 6  
# 
_struct_conf_type.id          HELX_P 
_struct_conf_type.criteria    ? 
_struct_conf_type.reference   ? 
# 
_struct_mon_prot_cis.pdbx_id                1 
_struct_mon_prot_cis.label_comp_id          GLY 
_struct_mon_prot_cis.label_seq_id           24 
_struct_mon_prot_cis.label_asym_id          A 
_struct_mon_prot_cis.label_alt_id           . 
_struct_mon_prot_cis.pdbx_PDB_ins_code      ? 
_struct_mon_prot_cis.auth_comp_id           GLY 
_struct_mon_prot_cis.auth_seq_id            24 
_struct_mon_prot_cis.auth_asym_id           A 
_struct_mon_prot_cis.pdbx_label_comp_id_2   GLY 
_struct_mon_prot_cis.pdbx_label_seq_id_2    25 
_struct_mon_prot_cis.pdbx_label_asym_id_2   A 
_struct_mon_prot_cis.pdbx_PDB_ins_code_2    ? 
_struct_mon_prot_cis.pdbx_auth_comp_id_2    GLY 
_struct_mon_prot_cis.pdbx_auth_seq_id_2     25 
_struct_mon_prot_cis.pdbx_auth_asym_id_2    A 
_struct_mon_prot_cis.pdbx_PDB_model_num     1 
_struct_mon_prot_cis.pdbx_omega_angle       3.71 
# 
loop_
_struct_site.id 
_struct_site.pdbx_evidence_code 
_struct_site.pdbx_auth_asym_id 
_struct_site.pdbx_auth_comp_id 
_struct_site.pdbx_auth_seq_id 
_struct_site.pdbx_auth_ins_code 
_struct_site.pdbx_num_residues 
_struct_site.details 
AC1 Software A EDO 201 ? 6 'BINDING SITE FOR RESIDUE EDO A 201' 
AC2 Software A EDO 202 ? 4 'BINDING SITE FOR RESIDUE EDO A 202' 
AC3 Software A EDO 203 ? 5 'BINDING SITE FOR RESIDUE EDO A 203' 
AC4 Software A EDO 204 ? 5 'BINDING SITE FOR RESIDUE EDO A 204' 
# 
loop_
_struct_site_gen.id 
_struct_site_gen.site_id 
_struct_site_gen.pdbx_num_res 
_struct_site_gen.label_comp_id 
_struct_site_gen.label_asym_id 
_struct_site_gen.label_seq_id 
_struct_site_gen.pdbx_auth_ins_code 
_struct_site_gen.auth_comp_id 
_struct_site_gen.auth_asym_id 
_struct_site_gen.auth_seq_id 
_struct_site_gen.label_atom_id 
_struct_site_gen.label_alt_id 
_struct_site_gen.symmetry 
_struct_site_gen.details 
1  AC1 6 ARG A 70  ? ARG A 70  . ? 1_555 ? 
2  AC1 6 GLY A 75  ? GLY A 75  . ? 1_555 ? 
3  AC1 6 SER A 77  ? SER A 77  . ? 1_555 ? 
4  AC1 6 ILE A 80  ? ILE A 80  . ? 1_555 ? 
5  AC1 6 GLN A 112 ? GLN A 112 . ? 1_556 ? 
6  AC1 6 HOH F .   ? HOH A 307 . ? 1_555 ? 
7  AC2 4 MET A 11  ? MET A 11  . ? 1_555 ? 
8  AC2 4 LYS A 73  ? LYS A 73  . ? 3_556 ? 
9  AC2 4 LYS A 122 ? LYS A 122 . ? 4_455 ? 
10 AC2 4 GLU A 123 ? GLU A 123 . ? 4_455 ? 
11 AC3 5 GLN A 68  ? GLN A 68  . ? 1_555 ? 
12 AC3 5 ARG A 71  ? ARG A 71  . ? 1_555 ? 
13 AC3 5 ILE A 84  ? ILE A 84  . ? 1_555 ? 
14 AC3 5 GLU A 107 ? GLU A 107 . ? 1_555 ? 
15 AC3 5 HOH F .   ? HOH A 306 . ? 1_555 ? 
16 AC4 5 ASP A 8   ? ASP A 8   . ? 1_555 ? 
17 AC4 5 ILE A 53  ? ILE A 53  . ? 1_555 ? 
18 AC4 5 PRO A 54  ? PRO A 54  . ? 1_555 ? 
19 AC4 5 GLU A 55  ? GLU A 55  . ? 1_555 ? 
20 AC4 5 LEU A 95  ? LEU A 95  . ? 1_555 ? 
# 
_atom_sites.entry_id                    4IC9 
_atom_sites.fract_transf_matrix[1][1]   -0.00114918 
_atom_sites.fract_transf_matrix[1][2]   0.01799600 
_atom_sites.fract_transf_matrix[1][3]   0.00553841 
_atom_sites.fract_transf_matrix[2][1]   -0.00007388 
_atom_sites.fract_transf_matrix[2][2]   0.00412687 
_atom_sites.fract_transf_matrix[2][3]   -0.01342481 
_atom_sites.fract_transf_matrix[3][1]   -0.03540762 
_atom_sites.fract_transf_matrix[3][2]   -0.00212041 
_atom_sites.fract_transf_matrix[3][3]   -0.00045697 
_atom_sites.fract_transf_vector[1]      0.271590 
_atom_sites.fract_transf_vector[2]      0.142743 
_atom_sites.fract_transf_vector[3]      0.303319 
# 
loop_
_atom_type.symbol 
C 
N 
O 
S 
# 
loop_
_atom_site.group_PDB 
_atom_site.id 
_atom_site.type_symbol 
_atom_site.label_atom_id 
_atom_site.label_alt_id 
_atom_site.label_comp_id 
_atom_site.label_asym_id 
_atom_site.label_entity_id 
_atom_site.label_seq_id 
_atom_site.pdbx_PDB_ins_code 
_atom_site.Cartn_x 
_atom_site.Cartn_y 
_atom_site.Cartn_z 
_atom_site.occupancy 
_atom_site.B_iso_or_equiv 
_atom_site.pdbx_formal_charge 
_atom_site.auth_seq_id 
_atom_site.auth_comp_id 
_atom_site.auth_asym_id 
_atom_site.auth_atom_id 
_atom_site.pdbx_PDB_model_num 
ATOM   1    N N   . GLY A 1 4   ? -5.165  6.018   -11.295 1.00 26.49 ? 4   GLY A N   1 
ATOM   2    C CA  . GLY A 1 4   ? -4.787  4.617   -11.303 1.00 28.65 ? 4   GLY A CA  1 
ATOM   3    C C   . GLY A 1 4   ? -4.983  3.985   -12.666 1.00 28.30 ? 4   GLY A C   1 
ATOM   4    O O   . GLY A 1 4   ? -5.550  2.894   -12.789 1.00 29.35 ? 4   GLY A O   1 
ATOM   5    N N   . GLN A 1 5   ? -4.520  4.682   -13.699 1.00 23.70 ? 5   GLN A N   1 
ATOM   6    C CA  . GLN A 1 5   ? -4.685  4.209   -15.070 1.00 29.67 ? 5   GLN A CA  1 
ATOM   7    C C   . GLN A 1 5   ? -3.474  4.552   -15.922 1.00 23.13 ? 5   GLN A C   1 
ATOM   8    O O   . GLN A 1 5   ? -3.338  4.053   -17.039 1.00 20.92 ? 5   GLN A O   1 
ATOM   9    C CB  . GLN A 1 5   ? -5.946  4.795   -15.714 1.00 29.84 ? 5   GLN A CB  1 
ATOM   10   C CG  . GLN A 1 5   ? -7.253  4.321   -15.093 1.00 38.77 ? 5   GLN A CG  1 
ATOM   11   C CD  . GLN A 1 5   ? -8.456  4.661   -15.950 1.00 46.74 ? 5   GLN A CD  1 
ATOM   12   O OE1 . GLN A 1 5   ? -8.314  5.150   -17.071 1.00 43.29 ? 5   GLN A OE1 1 
ATOM   13   N NE2 . GLN A 1 5   ? -9.649  4.398   -15.429 1.00 46.10 ? 5   GLN A NE2 1 
ATOM   14   N N   . GLY A 1 6   ? -2.597  5.396   -15.384 1.00 23.91 ? 6   GLY A N   1 
ATOM   15   C CA  . GLY A 1 6   ? -1.431  5.871   -16.108 1.00 19.99 ? 6   GLY A CA  1 
ATOM   16   C C   . GLY A 1 6   ? -0.297  4.873   -16.207 1.00 20.43 ? 6   GLY A C   1 
ATOM   17   O O   . GLY A 1 6   ? -0.351  3.792   -15.632 1.00 14.37 ? 6   GLY A O   1 
ATOM   18   N N   . ARG A 1 7   ? 0.735   5.247   -16.957 1.00 20.42 ? 7   ARG A N   1 
ATOM   19   C CA  . ARG A 1 7   ? 1.875   4.381   -17.210 1.00 17.38 ? 7   ARG A CA  1 
ATOM   20   C C   . ARG A 1 7   ? 2.653   4.031   -15.943 1.00 17.44 ? 7   ARG A C   1 
ATOM   21   O O   . ARG A 1 7   ? 3.203   2.938   -15.827 1.00 18.86 ? 7   ARG A O   1 
ATOM   22   C CB  . ARG A 1 7   ? 2.801   5.029   -18.243 1.00 22.39 ? 7   ARG A CB  1 
ATOM   23   C CG  . ARG A 1 7   ? 2.283   4.895   -19.667 1.00 17.80 ? 7   ARG A CG  1 
ATOM   24   C CD  . ARG A 1 7   ? 2.508   6.157   -20.504 1.00 31.82 ? 7   ARG A CD  1 
ATOM   25   N NE  . ARG A 1 7   ? 3.910   6.460   -20.816 1.00 33.56 ? 7   ARG A NE  1 
ATOM   26   C CZ  . ARG A 1 7   ? 4.748   5.664   -21.483 1.00 31.99 ? 7   ARG A CZ  1 
ATOM   27   N NH1 . ARG A 1 7   ? 4.373   4.457   -21.897 1.00 37.00 ? 7   ARG A NH1 1 
ATOM   28   N NH2 . ARG A 1 7   ? 5.984   6.077   -21.722 1.00 22.57 ? 7   ARG A NH2 1 
ATOM   29   N N   . ASP A 1 8   ? 2.699   4.957   -14.997 1.00 21.96 ? 8   ASP A N   1 
ATOM   30   C CA  . ASP A 1 8   ? 3.406   4.709   -13.745 1.00 21.27 ? 8   ASP A CA  1 
ATOM   31   C C   . ASP A 1 8   ? 2.658   3.664   -12.930 1.00 18.49 ? 8   ASP A C   1 
ATOM   32   O O   . ASP A 1 8   ? 3.269   2.774   -12.351 1.00 19.08 ? 8   ASP A O   1 
ATOM   33   C CB  . ASP A 1 8   ? 3.581   6.004   -12.955 1.00 23.69 ? 8   ASP A CB  1 
ATOM   34   C CG  . ASP A 1 8   ? 4.625   6.927   -13.568 1.00 31.09 ? 8   ASP A CG  1 
ATOM   35   O OD1 . ASP A 1 8   ? 5.773   6.486   -13.790 1.00 32.96 ? 8   ASP A OD1 1 
ATOM   36   O OD2 . ASP A 1 8   ? 4.293   8.095   -13.843 1.00 42.66 ? 8   ASP A OD2 1 
ATOM   37   N N   . TRP A 1 9   ? 1.331   3.774   -12.897 1.00 17.35 ? 9   TRP A N   1 
ATOM   38   C CA  . TRP A 1 9   ? 0.499   2.783   -12.221 1.00 14.61 ? 9   TRP A CA  1 
ATOM   39   C C   . TRP A 1 9   ? 0.732   1.389   -12.780 1.00 14.38 ? 9   TRP A C   1 
ATOM   40   O O   . TRP A 1 9   ? 0.912   0.447   -12.022 1.00 15.04 ? 9   TRP A O   1 
ATOM   41   C CB  . TRP A 1 9   ? -0.990  3.156   -12.327 1.00 18.63 ? 9   TRP A CB  1 
ATOM   42   C CG  . TRP A 1 9   ? -1.951  2.041   -11.958 1.00 17.17 ? 9   TRP A CG  1 
ATOM   43   C CD1 . TRP A 1 9   ? -2.557  1.159   -12.815 1.00 19.04 ? 9   TRP A CD1 1 
ATOM   44   C CD2 . TRP A 1 9   ? -2.426  1.705   -10.646 1.00 17.11 ? 9   TRP A CD2 1 
ATOM   45   N NE1 . TRP A 1 9   ? -3.372  0.297   -12.117 1.00 17.48 ? 9   TRP A NE1 1 
ATOM   46   C CE2 . TRP A 1 9   ? -3.306  0.613   -10.785 1.00 18.61 ? 9   TRP A CE2 1 
ATOM   47   C CE3 . TRP A 1 9   ? -2.188  2.231   -9.369  1.00 17.33 ? 9   TRP A CE3 1 
ATOM   48   C CZ2 . TRP A 1 9   ? -3.951  0.036   -9.695  1.00 18.66 ? 9   TRP A CZ2 1 
ATOM   49   C CZ3 . TRP A 1 9   ? -2.830  1.654   -8.288  1.00 15.57 ? 9   TRP A CZ3 1 
ATOM   50   C CH2 . TRP A 1 9   ? -3.695  0.566   -8.454  1.00 17.22 ? 9   TRP A CH2 1 
ATOM   51   N N   . LYS A 1 10  ? 0.737   1.256   -14.105 1.00 13.08 ? 10  LYS A N   1 
ATOM   52   C CA  . LYS A 1 10  ? 0.858   -0.065  -14.725 1.00 12.33 ? 10  LYS A CA  1 
ATOM   53   C C   . LYS A 1 10  ? 2.231   -0.689  -14.503 1.00 13.84 ? 10  LYS A C   1 
ATOM   54   O O   . LYS A 1 10  ? 2.354   -1.905  -14.374 1.00 10.77 ? 10  LYS A O   1 
ATOM   55   C CB  . LYS A 1 10  ? 0.551   -0.003  -16.225 1.00 13.36 ? 10  LYS A CB  1 
ATOM   56   C CG  . LYS A 1 10  ? -0.866  0.456   -16.568 1.00 14.00 ? 10  LYS A CG  1 
ATOM   57   C CD  . LYS A 1 10  ? -1.910  -0.607  -16.243 1.00 12.78 ? 10  LYS A CD  1 
ATOM   58   C CE  . LYS A 1 10  ? -3.331  -0.095  -16.499 1.00 16.06 ? 10  LYS A CE  1 
ATOM   59   N NZ  . LYS A 1 10  ? -4.342  -1.179  -16.383 1.00 20.60 ? 10  LYS A NZ  1 
ATOM   60   N N   . MET A 1 11  ? 3.265   0.139   -14.489 1.00 13.83 ? 11  MET A N   1 
ATOM   61   C CA  . MET A 1 11  ? 4.610   -0.369  -14.272 1.00 17.85 ? 11  MET A CA  1 
ATOM   62   C C   . MET A 1 11  ? 4.748   -0.843  -12.829 1.00 13.93 ? 11  MET A C   1 
ATOM   63   O O   . MET A 1 11  ? 5.396   -1.854  -12.554 1.00 17.95 ? 11  MET A O   1 
ATOM   64   C CB  . MET A 1 11  ? 5.665   0.696   -14.601 1.00 21.40 ? 11  MET A CB  1 
ATOM   65   C CG  . MET A 1 11  ? 5.847   0.942   -16.101 1.00 29.61 ? 11  MET A CG  1 
ATOM   66   S SD  . MET A 1 11  ? 6.972   2.313   -16.480 1.00 42.28 ? 11  MET A SD  1 
ATOM   67   C CE  . MET A 1 11  ? 8.470   1.716   -15.723 1.00 29.54 ? 11  MET A CE  1 
ATOM   68   N N   . ALA A 1 12  ? 4.134   -0.113  -11.904 1.00 14.27 ? 12  ALA A N   1 
ATOM   69   C CA  . ALA A 1 12  ? 4.177   -0.509  -10.504 1.00 13.55 ? 12  ALA A CA  1 
ATOM   70   C C   . ALA A 1 12  ? 3.463   -1.845  -10.331 1.00 14.08 ? 12  ALA A C   1 
ATOM   71   O O   . ALA A 1 12  ? 3.987   -2.751  -9.696  1.00 10.63 ? 12  ALA A O   1 
ATOM   72   C CB  . ALA A 1 12  ? 3.563   0.565   -9.622  1.00 18.50 ? 12  ALA A CB  1 
ATOM   73   N N   . ILE A 1 13  ? 2.287   -1.973  -10.946 1.00 15.42 ? 13  ILE A N   1 
ATOM   74   C CA  . ILE A 1 13  ? 1.516   -3.218  -10.917 1.00 12.30 ? 13  ILE A CA  1 
ATOM   75   C C   . ILE A 1 13  ? 2.291   -4.377  -11.541 1.00 14.45 ? 13  ILE A C   1 
ATOM   76   O O   . ILE A 1 13  ? 2.297   -5.493  -11.009 1.00 13.55 ? 13  ILE A O   1 
ATOM   77   C CB  . ILE A 1 13  ? 0.164   -3.059  -11.657 1.00 11.98 ? 13  ILE A CB  1 
ATOM   78   C CG1 . ILE A 1 13  ? -0.765  -2.120  -10.892 1.00 12.87 ? 13  ILE A CG1 1 
ATOM   79   C CG2 . ILE A 1 13  ? -0.498  -4.403  -11.881 1.00 13.27 ? 13  ILE A CG2 1 
ATOM   80   C CD1 . ILE A 1 13  ? -1.193  -2.639  -9.545  1.00 16.21 ? 13  ILE A CD1 1 
ATOM   81   N N   . LYS A 1 14  ? 2.960   -4.111  -12.659 1.00 11.02 ? 14  LYS A N   1 
ATOM   82   C CA  . LYS A 1 14  ? 3.792   -5.134  -13.291 1.00 16.94 ? 14  LYS A CA  1 
ATOM   83   C C   . LYS A 1 14  ? 4.897   -5.611  -12.344 1.00 14.62 ? 14  LYS A C   1 
ATOM   84   O O   . LYS A 1 14  ? 5.181   -6.801  -12.277 1.00 16.85 ? 14  LYS A O   1 
ATOM   85   C CB  . LYS A 1 14  ? 4.390   -4.641  -14.613 1.00 15.74 ? 14  LYS A CB  1 
ATOM   86   C CG  . LYS A 1 14  ? 5.075   -5.743  -15.423 1.00 22.69 ? 14  LYS A CG  1 
ATOM   87   C CD  . LYS A 1 14  ? 4.157   -6.960  -15.556 1.00 25.19 ? 14  LYS A CD  1 
ATOM   88   C CE  . LYS A 1 14  ? 4.897   -8.211  -16.061 1.00 27.62 ? 14  LYS A CE  1 
ATOM   89   N NZ  . LYS A 1 14  ? 4.319   -9.481  -15.492 1.00 27.20 ? 14  LYS A NZ  1 
ATOM   90   N N   . ARG A 1 15  ? 5.494   -4.683  -11.599 1.00 14.65 ? 15  ARG A N   1 
ATOM   91   C CA  . ARG A 1 15  ? 6.512   -5.033  -10.596 1.00 13.77 ? 15  ARG A CA  1 
ATOM   92   C C   . ARG A 1 15  ? 5.926   -5.930  -9.511  1.00 18.44 ? 15  ARG A C   1 
ATOM   93   O O   . ARG A 1 15  ? 6.564   -6.890  -9.064  1.00 19.26 ? 15  ARG A O   1 
ATOM   94   C CB  . ARG A 1 15  ? 7.078   -3.773  -9.937  1.00 16.90 ? 15  ARG A CB  1 
ATOM   95   C CG  . ARG A 1 15  ? 8.000   -2.945  -10.803 1.00 19.71 ? 15  ARG A CG  1 
ATOM   96   C CD  . ARG A 1 15  ? 8.121   -1.528  -10.246 1.00 22.20 ? 15  ARG A CD  1 
ATOM   97   N NE  . ARG A 1 15  ? 8.793   -0.650  -11.194 1.00 25.99 ? 15  ARG A NE  1 
ATOM   98   C CZ  . ARG A 1 15  ? 8.685   0.674   -11.203 1.00 31.90 ? 15  ARG A CZ  1 
ATOM   99   N NH1 . ARG A 1 15  ? 7.915   1.294   -10.316 1.00 24.15 ? 15  ARG A NH1 1 
ATOM   100  N NH2 . ARG A 1 15  ? 9.345   1.381   -12.114 1.00 36.58 ? 15  ARG A NH2 1 
ATOM   101  N N   . CYS A 1 16  ? 4.705   -5.618  -9.082  1.00 11.43 ? 16  CYS A N   1 
ATOM   102  C CA  . CYS A 1 16  ? 4.075   -6.374  -8.005  1.00 10.56 ? 16  CYS A CA  1 
ATOM   103  C C   . CYS A 1 16  ? 3.586   -7.748  -8.441  1.00 16.52 ? 16  CYS A C   1 
ATOM   104  O O   . CYS A 1 16  ? 3.394   -8.636  -7.607  1.00 12.69 ? 16  CYS A O   1 
ATOM   105  C CB  . CYS A 1 16  ? 2.896   -5.594  -7.422  1.00 9.44  ? 16  CYS A CB  1 
ATOM   106  S SG  . CYS A 1 16  ? 3.331   -4.018  -6.675  1.00 13.12 ? 16  CYS A SG  1 
ATOM   107  N N   . SER A 1 17  ? 3.365   -7.923  -9.743  1.00 13.55 ? 17  SER A N   1 
ATOM   108  C CA  . SER A 1 17  ? 2.800   -9.178  -10.256 1.00 14.82 ? 17  SER A CA  1 
ATOM   109  C C   . SER A 1 17  ? 3.696   -10.399 -10.041 1.00 16.43 ? 17  SER A C   1 
ATOM   110  O O   . SER A 1 17  ? 3.264   -11.538 -10.224 1.00 16.77 ? 17  SER A O   1 
ATOM   111  C CB  . SER A 1 17  ? 2.486   -9.044  -11.745 1.00 20.48 ? 17  SER A CB  1 
ATOM   112  O OG  . SER A 1 17  ? 3.697   -9.078  -12.475 1.00 22.79 ? 17  SER A OG  1 
ATOM   113  N N   . ASN A 1 18  ? 4.947   -10.177 -9.661  1.00 15.73 ? 18  ASN A N   1 
ATOM   114  C CA  . ASN A 1 18  ? 5.847   -11.290 -9.400  1.00 15.38 ? 18  ASN A CA  1 
ATOM   115  C C   . ASN A 1 18  ? 5.926   -11.648 -7.917  1.00 22.29 ? 18  ASN A C   1 
ATOM   116  O O   . ASN A 1 18  ? 6.580   -12.620 -7.541  1.00 23.70 ? 18  ASN A O   1 
ATOM   117  C CB  . ASN A 1 18  ? 7.223   -10.971 -9.979  1.00 25.77 ? 18  ASN A CB  1 
ATOM   118  C CG  . ASN A 1 18  ? 7.131   -10.478 -11.417 1.00 28.53 ? 18  ASN A CG  1 
ATOM   119  O OD1 . ASN A 1 18  ? 7.431   -9.318  -11.718 1.00 33.00 ? 18  ASN A OD1 1 
ATOM   120  N ND2 . ASN A 1 18  ? 6.674   -11.351 -12.307 1.00 26.45 ? 18  ASN A ND2 1 
ATOM   121  N N   . VAL A 1 19  ? 5.238   -10.870 -7.081  1.00 14.67 ? 19  VAL A N   1 
ATOM   122  C CA  . VAL A 1 19  ? 5.203   -11.126 -5.644  1.00 13.36 ? 19  VAL A CA  1 
ATOM   123  C C   . VAL A 1 19  ? 4.135   -12.160 -5.262  1.00 17.34 ? 19  VAL A C   1 
ATOM   124  O O   . VAL A 1 19  ? 2.980   -12.054 -5.682  1.00 12.53 ? 19  VAL A O   1 
ATOM   125  C CB  . VAL A 1 19  ? 4.916   -9.829  -4.861  1.00 14.07 ? 19  VAL A CB  1 
ATOM   126  C CG1 . VAL A 1 19  ? 4.853   -10.119 -3.363  1.00 13.64 ? 19  VAL A CG1 1 
ATOM   127  C CG2 . VAL A 1 19  ? 5.976   -8.767  -5.169  1.00 11.72 ? 19  VAL A CG2 1 
ATOM   128  N N   . ALA A 1 20  ? 4.531   -13.155 -4.465  1.00 16.01 ? 20  ALA A N   1 
ATOM   129  C CA  . ALA A 1 20  ? 3.601   -14.164 -3.951  1.00 14.98 ? 20  ALA A CA  1 
ATOM   130  C C   . ALA A 1 20  ? 2.740   -13.672 -2.789  1.00 16.73 ? 20  ALA A C   1 
ATOM   131  O O   . ALA A 1 20  ? 3.213   -12.986 -1.875  1.00 16.29 ? 20  ALA A O   1 
ATOM   132  C CB  . ALA A 1 20  ? 4.351   -15.430 -3.551  1.00 21.61 ? 20  ALA A CB  1 
ATOM   133  N N   . VAL A 1 21  ? 1.467   -14.034 -2.833  1.00 15.61 ? 21  VAL A N   1 
ATOM   134  C CA  . VAL A 1 21  ? 0.522   -13.654 -1.796  1.00 16.18 ? 21  VAL A CA  1 
ATOM   135  C C   . VAL A 1 21  ? 0.860   -14.410 -0.522  1.00 20.57 ? 21  VAL A C   1 
ATOM   136  O O   . VAL A 1 21  ? 0.884   -13.839 0.562   1.00 25.66 ? 21  VAL A O   1 
ATOM   137  C CB  . VAL A 1 21  ? -0.920  -13.991 -2.218  1.00 17.32 ? 21  VAL A CB  1 
ATOM   138  C CG1 . VAL A 1 21  ? -1.872  -13.787 -1.054  1.00 23.20 ? 21  VAL A CG1 1 
ATOM   139  C CG2 . VAL A 1 21  ? -1.335  -13.135 -3.389  1.00 15.88 ? 21  VAL A CG2 1 
ATOM   140  N N   . GLY A 1 22  ? 1.138   -15.699 -0.670  1.00 24.72 ? 22  GLY A N   1 
ATOM   141  C CA  . GLY A 1 22  ? 1.484   -16.538 0.457   1.00 25.60 ? 22  GLY A CA  1 
ATOM   142  C C   . GLY A 1 22  ? 2.965   -16.823 0.480   1.00 33.79 ? 22  GLY A C   1 
ATOM   143  O O   . GLY A 1 22  ? 3.626   -16.850 -0.555  1.00 35.39 ? 22  GLY A O   1 
ATOM   144  N N   . VAL A 1 23  ? 3.495   -17.072 1.668   1.00 40.34 ? 23  VAL A N   1 
ATOM   145  C CA  . VAL A 1 23  ? 4.930   -17.289 1.833   1.00 38.80 ? 23  VAL A CA  1 
ATOM   146  C C   . VAL A 1 23  ? 5.368   -18.650 1.244   1.00 40.55 ? 23  VAL A C   1 
ATOM   147  O O   . VAL A 1 23  ? 6.340   -19.270 1.677   1.00 45.23 ? 23  VAL A O   1 
ATOM   148  C CB  . VAL A 1 23  ? 5.345   -17.051 3.297   1.00 37.93 ? 23  VAL A CB  1 
ATOM   149  C CG1 . VAL A 1 23  ? 4.712   -18.090 4.207   1.00 41.92 ? 23  VAL A CG1 1 
ATOM   150  C CG2 . VAL A 1 23  ? 6.874   -16.944 3.467   1.00 34.05 ? 23  VAL A CG2 1 
ATOM   151  N N   . GLY A 1 24  ? 4.628   -19.109 0.239   1.00 46.47 ? 24  GLY A N   1 
ATOM   152  C CA  . GLY A 1 24  ? 5.112   -20.141 -0.660  1.00 50.77 ? 24  GLY A CA  1 
ATOM   153  C C   . GLY A 1 24  ? 5.834   -19.400 -1.776  1.00 47.33 ? 24  GLY A C   1 
ATOM   154  O O   . GLY A 1 24  ? 5.875   -18.164 -1.763  1.00 42.07 ? 24  GLY A O   1 
ATOM   155  N N   . GLY A 1 25  ? 6.412   -20.125 -2.730  1.00 51.46 ? 25  GLY A N   1 
ATOM   156  C CA  . GLY A 1 25  ? 6.313   -21.571 -2.787  1.00 48.57 ? 25  GLY A CA  1 
ATOM   157  C C   . GLY A 1 25  ? 5.426   -21.988 -3.945  1.00 53.74 ? 25  GLY A C   1 
ATOM   158  O O   . GLY A 1 25  ? 5.831   -21.955 -5.112  1.00 52.99 ? 25  GLY A O   1 
ATOM   159  N N   . LYS A 1 26  ? 4.201   -22.376 -3.607  1.00 53.32 ? 26  LYS A N   1 
ATOM   160  C CA  . LYS A 1 26  ? 3.180   -22.729 -4.590  1.00 49.81 ? 26  LYS A CA  1 
ATOM   161  C C   . LYS A 1 26  ? 2.263   -21.544 -4.856  1.00 46.04 ? 26  LYS A C   1 
ATOM   162  O O   . LYS A 1 26  ? 1.552   -21.506 -5.864  1.00 46.47 ? 26  LYS A O   1 
ATOM   163  C CB  . LYS A 1 26  ? 2.328   -23.904 -4.088  1.00 49.13 ? 26  LYS A CB  1 
ATOM   164  C CG  . LYS A 1 26  ? 2.485   -24.235 -2.604  1.00 49.55 ? 26  LYS A CG  1 
ATOM   165  C CD  . LYS A 1 26  ? 1.985   -23.138 -1.670  1.00 55.89 ? 26  LYS A CD  1 
ATOM   166  C CE  . LYS A 1 26  ? 2.926   -23.012 -0.466  1.00 53.76 ? 26  LYS A CE  1 
ATOM   167  N NZ  . LYS A 1 26  ? 2.616   -21.857 0.427   1.00 55.88 ? 26  LYS A NZ  1 
ATOM   168  N N   . SER A 1 27  ? 2.304   -20.584 -3.939  1.00 38.90 ? 27  SER A N   1 
ATOM   169  C CA  . SER A 1 27  ? 1.311   -19.521 -3.828  1.00 36.71 ? 27  SER A CA  1 
ATOM   170  C C   . SER A 1 27  ? 0.969   -18.765 -5.118  1.00 23.69 ? 27  SER A C   1 
ATOM   171  O O   . SER A 1 27  ? 1.787   -18.623 -6.021  1.00 25.67 ? 27  SER A O   1 
ATOM   172  C CB  . SER A 1 27  ? 1.746   -18.528 -2.747  1.00 30.57 ? 27  SER A CB  1 
ATOM   173  O OG  . SER A 1 27  ? 0.932   -17.368 -2.779  1.00 30.17 ? 27  SER A OG  1 
ATOM   174  N N   . LYS A 1 28  ? -0.265  -18.297 -5.196  1.00 26.13 ? 28  LYS A N   1 
ATOM   175  C CA  . LYS A 1 28  ? -0.683  -17.421 -6.278  1.00 21.98 ? 28  LYS A CA  1 
ATOM   176  C C   . LYS A 1 28  ? 0.055   -16.084 -6.119  1.00 17.94 ? 28  LYS A C   1 
ATOM   177  O O   . LYS A 1 28  ? 0.488   -15.749 -5.027  1.00 16.23 ? 28  LYS A O   1 
ATOM   178  C CB  . LYS A 1 28  ? -2.205  -17.228 -6.252  1.00 24.28 ? 28  LYS A CB  1 
ATOM   179  C CG  . LYS A 1 28  ? -2.885  -17.452 -4.879  1.00 40.49 ? 28  LYS A CG  1 
ATOM   180  C CD  . LYS A 1 28  ? -3.044  -18.956 -4.513  1.00 44.55 ? 28  LYS A CD  1 
ATOM   181  C CE  . LYS A 1 28  ? -3.831  -19.173 -3.218  1.00 44.07 ? 28  LYS A CE  1 
ATOM   182  N NZ  . LYS A 1 28  ? -3.186  -18.576 -2.010  1.00 46.73 ? 28  LYS A NZ  1 
ATOM   183  N N   . LYS A 1 29  ? 0.220   -15.345 -7.210  1.00 15.28 ? 29  LYS A N   1 
ATOM   184  C CA  . LYS A 1 29  ? 0.842   -14.026 -7.155  1.00 15.00 ? 29  LYS A CA  1 
ATOM   185  C C   . LYS A 1 29  ? -0.231  -12.941 -7.111  1.00 14.24 ? 29  LYS A C   1 
ATOM   186  O O   . LYS A 1 29  ? -1.383  -13.204 -7.428  1.00 15.52 ? 29  LYS A O   1 
ATOM   187  C CB  . LYS A 1 29  ? 1.721   -13.814 -8.376  1.00 16.88 ? 29  LYS A CB  1 
ATOM   188  C CG  . LYS A 1 29  ? 2.731   -14.922 -8.617  1.00 20.62 ? 29  LYS A CG  1 
ATOM   189  C CD  . LYS A 1 29  ? 4.057   -14.596 -7.985  1.00 22.77 ? 29  LYS A CD  1 
ATOM   190  C CE  . LYS A 1 29  ? 5.124   -15.633 -8.355  1.00 25.36 ? 29  LYS A CE  1 
ATOM   191  N NZ  . LYS A 1 29  ? 4.633   -17.015 -8.090  1.00 32.30 ? 29  LYS A NZ  1 
ATOM   192  N N   . PHE A 1 30  ? 0.157   -11.725 -6.730  1.00 11.49 ? 30  PHE A N   1 
ATOM   193  C CA  . PHE A 1 30  ? -0.762  -10.589 -6.690  1.00 16.91 ? 30  PHE A CA  1 
ATOM   194  C C   . PHE A 1 30  ? -1.180  -10.191 -8.097  1.00 13.22 ? 30  PHE A C   1 
ATOM   195  O O   . PHE A 1 30  ? -0.390  -10.293 -9.032  1.00 15.37 ? 30  PHE A O   1 
ATOM   196  C CB  . PHE A 1 30  ? -0.107  -9.374  -6.015  1.00 12.90 ? 30  PHE A CB  1 
ATOM   197  C CG  . PHE A 1 30  ? -0.080  -9.447  -4.516  1.00 12.20 ? 30  PHE A CG  1 
ATOM   198  C CD1 . PHE A 1 30  ? -1.148  -8.979  -3.768  1.00 12.42 ? 30  PHE A CD1 1 
ATOM   199  C CD2 . PHE A 1 30  ? 1.034   -9.948  -3.850  1.00 13.27 ? 30  PHE A CD2 1 
ATOM   200  C CE1 . PHE A 1 30  ? -1.135  -9.045  -2.390  1.00 12.71 ? 30  PHE A CE1 1 
ATOM   201  C CE2 . PHE A 1 30  ? 1.059   -10.013 -2.467  1.00 14.52 ? 30  PHE A CE2 1 
ATOM   202  C CZ  . PHE A 1 30  ? -0.035  -9.558  -1.734  1.00 14.90 ? 30  PHE A CZ  1 
ATOM   203  N N   . GLY A 1 31  ? -2.421  -9.724  -8.243  1.00 13.79 ? 31  GLY A N   1 
ATOM   204  C CA  . GLY A 1 31  ? -2.900  -9.200  -9.518  1.00 13.11 ? 31  GLY A CA  1 
ATOM   205  C C   . GLY A 1 31  ? -3.414  -7.776  -9.353  1.00 13.34 ? 31  GLY A C   1 
ATOM   206  O O   . GLY A 1 31  ? -3.718  -7.354  -8.233  1.00 8.74  ? 31  GLY A O   1 
ATOM   207  N N   . GLU A 1 32  ? -3.538  -7.050  -10.464 1.00 10.65 ? 32  GLU A N   1 
ATOM   208  C CA  . GLU A 1 32  ? -3.966  -5.649  -10.440 1.00 10.20 ? 32  GLU A CA  1 
ATOM   209  C C   . GLU A 1 32  ? -5.239  -5.430  -9.622  1.00 10.99 ? 32  GLU A C   1 
ATOM   210  O O   . GLU A 1 32  ? -5.344  -4.464  -8.867  1.00 10.79 ? 32  GLU A O   1 
ATOM   211  C CB  . GLU A 1 32  ? -4.165  -5.122  -11.866 1.00 9.83  ? 32  GLU A CB  1 
ATOM   212  C CG  . GLU A 1 32  ? -4.538  -3.648  -11.922 1.00 13.24 ? 32  GLU A CG  1 
ATOM   213  C CD  . GLU A 1 32  ? -4.495  -3.092  -13.337 1.00 20.09 ? 32  GLU A CD  1 
ATOM   214  O OE1 . GLU A 1 32  ? -4.320  -3.883  -14.274 1.00 20.20 ? 32  GLU A OE1 1 
ATOM   215  O OE2 . GLU A 1 32  ? -4.626  -1.864  -13.510 1.00 21.74 ? 32  GLU A OE2 1 
ATOM   216  N N   . GLY A 1 33  ? -6.192  -6.341  -9.758  1.00 11.32 ? 33  GLY A N   1 
ATOM   217  C CA  . GLY A 1 33  ? -7.456  -6.226  -9.047  1.00 13.13 ? 33  GLY A CA  1 
ATOM   218  C C   . GLY A 1 33  ? -7.311  -6.258  -7.538  1.00 15.34 ? 33  GLY A C   1 
ATOM   219  O O   . GLY A 1 33  ? -8.088  -5.622  -6.819  1.00 12.34 ? 33  GLY A O   1 
ATOM   220  N N   . ASN A 1 34  ? -6.324  -7.006  -7.057  1.00 12.88 ? 34  ASN A N   1 
ATOM   221  C CA  . ASN A 1 34  ? -6.032  -7.054  -5.628  1.00 12.98 ? 34  ASN A CA  1 
ATOM   222  C C   . ASN A 1 34  ? -5.657  -5.685  -5.072  1.00 12.37 ? 34  ASN A C   1 
ATOM   223  O O   . ASN A 1 34  ? -6.070  -5.327  -3.963  1.00 9.49  ? 34  ASN A O   1 
ATOM   224  C CB  . ASN A 1 34  ? -4.905  -8.032  -5.321  1.00 9.26  ? 34  ASN A CB  1 
ATOM   225  C CG  . ASN A 1 34  ? -5.188  -9.431  -5.822  1.00 15.04 ? 34  ASN A CG  1 
ATOM   226  O OD1 . ASN A 1 34  ? -4.284  -10.112 -6.281  1.00 11.06 ? 34  ASN A OD1 1 
ATOM   227  N ND2 . ASN A 1 34  ? -6.446  -9.860  -5.749  1.00 12.74 ? 34  ASN A ND2 1 
ATOM   228  N N   . PHE A 1 35  ? -4.869  -4.934  -5.835  1.00 9.30  ? 35  PHE A N   1 
ATOM   229  C CA  . PHE A 1 35  ? -4.466  -3.589  -5.418  1.00 9.01  ? 35  PHE A CA  1 
ATOM   230  C C   . PHE A 1 35  ? -5.608  -2.586  -5.462  1.00 11.81 ? 35  PHE A C   1 
ATOM   231  O O   . PHE A 1 35  ? -5.726  -1.739  -4.578  1.00 11.80 ? 35  PHE A O   1 
ATOM   232  C CB  . PHE A 1 35  ? -3.237  -3.090  -6.196  1.00 8.77  ? 35  PHE A CB  1 
ATOM   233  C CG  . PHE A 1 35  ? -2.048  -3.984  -6.023  1.00 8.90  ? 35  PHE A CG  1 
ATOM   234  C CD1 . PHE A 1 35  ? -1.296  -3.930  -4.861  1.00 7.29  ? 35  PHE A CD1 1 
ATOM   235  C CD2 . PHE A 1 35  ? -1.743  -4.951  -6.975  1.00 11.91 ? 35  PHE A CD2 1 
ATOM   236  C CE1 . PHE A 1 35  ? -0.243  -4.787  -4.669  1.00 10.36 ? 35  PHE A CE1 1 
ATOM   237  C CE2 . PHE A 1 35  ? -0.677  -5.819  -6.789  1.00 11.27 ? 35  PHE A CE2 1 
ATOM   238  C CZ  . PHE A 1 35  ? 0.065   -5.737  -5.639  1.00 10.14 ? 35  PHE A CZ  1 
ATOM   239  N N   . ARG A 1 36  ? -6.456  -2.693  -6.478  1.00 10.58 ? 36  ARG A N   1 
ATOM   240  C CA  . ARG A 1 36  ? -7.610  -1.810  -6.571  1.00 13.87 ? 36  ARG A CA  1 
ATOM   241  C C   . ARG A 1 36  ? -8.568  -2.078  -5.412  1.00 13.00 ? 36  ARG A C   1 
ATOM   242  O O   . ARG A 1 36  ? -9.123  -1.149  -4.832  1.00 12.21 ? 36  ARG A O   1 
ATOM   243  C CB  . ARG A 1 36  ? -8.320  -1.993  -7.908  1.00 13.79 ? 36  ARG A CB  1 
ATOM   244  C CG  . ARG A 1 36  ? -7.500  -1.475  -9.094  1.00 20.61 ? 36  ARG A CG  1 
ATOM   245  C CD  . ARG A 1 36  ? -8.277  -1.565  -10.393 1.00 24.99 ? 36  ARG A CD  1 
ATOM   246  N NE  . ARG A 1 36  ? -7.502  -1.089  -11.536 1.00 31.55 ? 36  ARG A NE  1 
ATOM   247  C CZ  . ARG A 1 36  ? -7.305  0.192   -11.832 1.00 28.57 ? 36  ARG A CZ  1 
ATOM   248  N NH1 . ARG A 1 36  ? -7.828  1.141   -11.071 1.00 27.94 ? 36  ARG A NH1 1 
ATOM   249  N NH2 . ARG A 1 36  ? -6.582  0.526   -12.896 1.00 30.80 ? 36  ARG A NH2 1 
ATOM   250  N N   . TRP A 1 37  ? -8.757  -3.355  -5.096  1.00 10.97 ? 37  TRP A N   1 
ATOM   251  C CA  . TRP A 1 37  ? -9.564  -3.750  -3.945  1.00 14.36 ? 37  TRP A CA  1 
ATOM   252  C C   . TRP A 1 37  ? -8.999  -3.172  -2.644  1.00 12.09 ? 37  TRP A C   1 
ATOM   253  O O   . TRP A 1 37  ? -9.740  -2.624  -1.822  1.00 8.87  ? 37  TRP A O   1 
ATOM   254  C CB  . TRP A 1 37  ? -9.659  -5.278  -3.844  1.00 13.22 ? 37  TRP A CB  1 
ATOM   255  C CG  . TRP A 1 37  ? -10.344 -5.744  -2.580  1.00 16.72 ? 37  TRP A CG  1 
ATOM   256  C CD1 . TRP A 1 37  ? -11.691 -5.857  -2.365  1.00 17.81 ? 37  TRP A CD1 1 
ATOM   257  C CD2 . TRP A 1 37  ? -9.706  -6.151  -1.360  1.00 13.88 ? 37  TRP A CD2 1 
ATOM   258  N NE1 . TRP A 1 37  ? -11.927 -6.297  -1.078  1.00 16.90 ? 37  TRP A NE1 1 
ATOM   259  C CE2 . TRP A 1 37  ? -10.728 -6.489  -0.448  1.00 17.35 ? 37  TRP A CE2 1 
ATOM   260  C CE3 . TRP A 1 37  ? -8.374  -6.259  -0.955  1.00 15.54 ? 37  TRP A CE3 1 
ATOM   261  C CZ2 . TRP A 1 37  ? -10.451 -6.928  0.850   1.00 21.33 ? 37  TRP A CZ2 1 
ATOM   262  C CZ3 . TRP A 1 37  ? -8.099  -6.700  0.335   1.00 13.38 ? 37  TRP A CZ3 1 
ATOM   263  C CH2 . TRP A 1 37  ? -9.134  -7.030  1.220   1.00 18.87 ? 37  TRP A CH2 1 
ATOM   264  N N   . ALA A 1 38  ? -7.685  -3.305  -2.456  1.00 9.31  ? 38  ALA A N   1 
ATOM   265  C CA  . ALA A 1 38  ? -7.074  -2.886  -1.199  1.00 9.17  ? 38  ALA A CA  1 
ATOM   266  C C   . ALA A 1 38  ? -7.155  -1.374  -1.020  1.00 10.22 ? 38  ALA A C   1 
ATOM   267  O O   . ALA A 1 38  ? -7.460  -0.876  0.073   1.00 9.93  ? 38  ALA A O   1 
ATOM   268  C CB  . ALA A 1 38  ? -5.623  -3.388  -1.092  1.00 7.14  ? 38  ALA A CB  1 
ATOM   269  N N   . ILE A 1 39  ? -6.884  -0.643  -2.090  1.00 9.93  ? 39  ILE A N   1 
ATOM   270  C CA  . ILE A 1 39  ? -6.970  0.807   -2.055  1.00 8.34  ? 39  ILE A CA  1 
ATOM   271  C C   . ILE A 1 39  ? -8.415  1.241   -1.804  1.00 12.56 ? 39  ILE A C   1 
ATOM   272  O O   . ILE A 1 39  ? -8.682  2.147   -1.003  1.00 10.24 ? 39  ILE A O   1 
ATOM   273  C CB  . ILE A 1 39  ? -6.449  1.423   -3.364  1.00 15.50 ? 39  ILE A CB  1 
ATOM   274  C CG1 . ILE A 1 39  ? -4.948  1.154   -3.503  1.00 10.65 ? 39  ILE A CG1 1 
ATOM   275  C CG2 . ILE A 1 39  ? -6.743  2.929   -3.412  1.00 12.03 ? 39  ILE A CG2 1 
ATOM   276  C CD1 . ILE A 1 39  ? -4.400  1.429   -4.900  1.00 14.96 ? 39  ILE A CD1 1 
ATOM   277  N N   . ARG A 1 40  ? -9.347  0.588   -2.457  1.00 11.21 ? 40  ARG A N   1 
ATOM   278  C CA  . ARG A 1 40  ? -10.727 0.964   -2.316  1.00 11.70 ? 40  ARG A CA  1 
ATOM   279  C C   . ARG A 1 40  ? -11.216 0.680   -0.889  1.00 10.14 ? 40  ARG A C   1 
ATOM   280  O O   . ARG A 1 40  ? -11.825 1.475   -0.311  1.00 10.67 ? 40  ARG A O   1 
ATOM   281  C CB  . ARG A 1 40  ? -11.627 0.324   -3.342  1.00 12.03 ? 40  ARG A CB  1 
ATOM   282  C CG  . ARG A 1 40  ? -12.996 0.986   -3.430  1.00 17.24 ? 40  ARG A CG  1 
ATOM   283  C CD  . ARG A 1 40  ? -13.795 0.646   -4.677  1.00 22.19 ? 40  ARG A CD  1 
ATOM   284  N NE  . ARG A 1 40  ? -13.045 0.854   -5.864  1.00 28.10 ? 40  ARG A NE  1 
ATOM   285  C CZ  . ARG A 1 40  ? -12.689 -0.075  -6.722  1.00 25.01 ? 40  ARG A CZ  1 
ATOM   286  N NH1 . ARG A 1 40  ? -13.112 -1.305  -6.589  1.00 28.58 ? 40  ARG A NH1 1 
ATOM   287  N NH2 . ARG A 1 40  ? -11.938 0.244   -7.749  1.00 26.21 ? 40  ARG A NH2 1 
ATOM   288  N N   . MET A 1 41  ? -10.823 -0.460  -0.360  1.00 11.34 ? 41  MET A N   1 
ATOM   289  C CA  . MET A 1 41  ? -11.222 -0.838  0.994   1.00 13.19 ? 41  MET A CA  1 
ATOM   290  C C   . MET A 1 41  ? -10.671 0.165   2.016   1.00 8.73  ? 41  MET A C   1 
ATOM   291  O O   . MET A 1 41  ? -11.407 0.679   2.875   1.00 9.90  ? 41  MET A O   1 
ATOM   292  C CB  . MET A 1 41  ? -10.758 -2.264  1.293   1.00 11.42 ? 41  MET A CB  1 
ATOM   293  C CG  . MET A 1 41  ? -11.355 -2.868  2.545   1.00 20.28 ? 41  MET A CG  1 
ATOM   294  S SD  . MET A 1 41  ? -10.397 -2.521  4.017   1.00 33.53 ? 41  MET A SD  1 
ATOM   295  C CE  . MET A 1 41  ? -10.784 -4.004  4.957   1.00 26.96 ? 41  MET A CE  1 
ATOM   296  N N   . ALA A 1 42  ? -9.378  0.455   1.911   1.00 9.71  ? 42  ALA A N   1 
ATOM   297  C CA  . ALA A 1 42  ? -8.743  1.431   2.785   1.00 7.10  ? 42  ALA A CA  1 
ATOM   298  C C   . ALA A 1 42  ? -9.386  2.818   2.639   1.00 9.65  ? 42  ALA A C   1 
ATOM   299  O O   . ALA A 1 42  ? -9.585  3.508   3.632   1.00 10.63 ? 42  ALA A O   1 
ATOM   300  C CB  . ALA A 1 42  ? -7.247  1.507   2.498   1.00 8.41  ? 42  ALA A CB  1 
ATOM   301  N N   . ASN A 1 43  ? -9.697  3.226   1.409   1.00 9.74  ? 43  ASN A N   1 
ATOM   302  C CA  . ASN A 1 43  ? -10.335 4.533   1.194   1.00 11.16 ? 43  ASN A CA  1 
ATOM   303  C C   . ASN A 1 43  ? -11.675 4.656   1.915   1.00 12.79 ? 43  ASN A C   1 
ATOM   304  O O   . ASN A 1 43  ? -11.907 5.617   2.642   1.00 11.79 ? 43  ASN A O   1 
ATOM   305  C CB  . ASN A 1 43  ? -10.535 4.836   -0.294  1.00 9.98  ? 43  ASN A CB  1 
ATOM   306  C CG  . ASN A 1 43  ? -9.252  5.268   -0.983  1.00 12.13 ? 43  ASN A CG  1 
ATOM   307  O OD1 . ASN A 1 43  ? -8.308  5.729   -0.341  1.00 12.48 ? 43  ASN A OD1 1 
ATOM   308  N ND2 . ASN A 1 43  ? -9.217  5.126   -2.294  1.00 10.39 ? 43  ASN A ND2 1 
ATOM   309  N N   . VAL A 1 44  ? -12.566 3.690   1.696   1.00 11.44 ? 44  VAL A N   1 
ATOM   310  C CA  . VAL A 1 44  ? -13.883 3.719   2.341   1.00 12.13 ? 44  VAL A CA  1 
ATOM   311  C C   . VAL A 1 44  ? -13.746 3.694   3.871   1.00 10.59 ? 44  VAL A C   1 
ATOM   312  O O   . VAL A 1 44  ? -14.406 4.462   4.590   1.00 10.13 ? 44  VAL A O   1 
ATOM   313  C CB  . VAL A 1 44  ? -14.778 2.545   1.852   1.00 12.33 ? 44  VAL A CB  1 
ATOM   314  C CG1 . VAL A 1 44  ? -16.136 2.568   2.566   1.00 14.85 ? 44  VAL A CG1 1 
ATOM   315  C CG2 . VAL A 1 44  ? -14.966 2.616   0.338   1.00 12.61 ? 44  VAL A CG2 1 
ATOM   316  N N   . SER A 1 45  ? -12.851 2.841   4.357   1.00 8.96  ? 45  SER A N   1 
ATOM   317  C CA  . SER A 1 45  ? -12.608 2.661   5.792   1.00 8.74  ? 45  SER A CA  1 
ATOM   318  C C   . SER A 1 45  ? -12.094 3.911   6.492   1.00 14.60 ? 45  SER A C   1 
ATOM   319  O O   . SER A 1 45  ? -12.266 4.058   7.700   1.00 15.45 ? 45  SER A O   1 
ATOM   320  C CB  . SER A 1 45  ? -11.586 1.541   6.023   1.00 10.58 ? 45  SER A CB  1 
ATOM   321  O OG  . SER A 1 45  ? -12.098 0.294   5.614   1.00 11.29 ? 45  SER A OG  1 
ATOM   322  N N   . THR A 1 46  ? -11.440 4.795   5.743   1.00 11.44 ? 46  THR A N   1 
ATOM   323  C CA  . THR A 1 46  ? -10.781 5.948   6.341   1.00 12.36 ? 46  THR A CA  1 
ATOM   324  C C   . THR A 1 46  ? -11.436 7.248   5.913   1.00 13.75 ? 46  THR A C   1 
ATOM   325  O O   . THR A 1 46  ? -10.924 8.334   6.197   1.00 14.23 ? 46  THR A O   1 
ATOM   326  C CB  . THR A 1 46  ? -9.283  5.986   5.985   1.00 13.52 ? 46  THR A CB  1 
ATOM   327  O OG1 . THR A 1 46  ? -9.127  6.108   4.567   1.00 13.19 ? 46  THR A OG1 1 
ATOM   328  C CG2 . THR A 1 46  ? -8.596  4.729   6.456   1.00 9.06  ? 46  THR A CG2 1 
ATOM   329  N N   . GLY A 1 47  ? -12.567 7.131   5.223   1.00 12.04 ? 47  GLY A N   1 
ATOM   330  C CA  . GLY A 1 47  ? -13.371 8.284   4.852   1.00 17.48 ? 47  GLY A CA  1 
ATOM   331  C C   . GLY A 1 47  ? -12.867 9.073   3.657   1.00 18.42 ? 47  GLY A C   1 
ATOM   332  O O   . GLY A 1 47  ? -13.194 10.249  3.514   1.00 17.06 ? 47  GLY A O   1 
ATOM   333  N N   . ARG A 1 48  ? -12.069 8.428   2.806   1.00 14.97 ? 48  ARG A N   1 
ATOM   334  C CA  . ARG A 1 48  ? -11.579 9.035   1.572   1.00 11.57 ? 48  ARG A CA  1 
ATOM   335  C C   . ARG A 1 48  ? -12.548 8.737   0.451   1.00 12.69 ? 48  ARG A C   1 
ATOM   336  O O   . ARG A 1 48  ? -13.327 7.809   0.557   1.00 11.84 ? 48  ARG A O   1 
ATOM   337  C CB  . ARG A 1 48  ? -10.209 8.440   1.206   1.00 11.67 ? 48  ARG A CB  1 
ATOM   338  C CG  . ARG A 1 48  ? -9.067  8.850   2.139   1.00 11.81 ? 48  ARG A CG  1 
ATOM   339  C CD  . ARG A 1 48  ? -7.742  8.236   1.660   1.00 12.95 ? 48  ARG A CD  1 
ATOM   340  N NE  . ARG A 1 48  ? -6.561  8.873   2.247   1.00 12.07 ? 48  ARG A NE  1 
ATOM   341  C CZ  . ARG A 1 48  ? -6.114  8.645   3.476   1.00 18.46 ? 48  ARG A CZ  1 
ATOM   342  N NH1 . ARG A 1 48  ? -6.752  7.798   4.280   1.00 13.25 ? 48  ARG A NH1 1 
ATOM   343  N NH2 . ARG A 1 48  ? -5.031  9.273   3.907   1.00 13.34 ? 48  ARG A NH2 1 
ATOM   344  N N   . GLU A 1 49  ? -12.501 9.508   -0.629  1.00 12.34 ? 49  GLU A N   1 
ATOM   345  C CA  . GLU A 1 49  ? -13.311 9.181   -1.792  1.00 16.10 ? 49  GLU A CA  1 
ATOM   346  C C   . GLU A 1 49  ? -12.869 7.803   -2.290  1.00 14.64 ? 49  GLU A C   1 
ATOM   347  O O   . GLU A 1 49  ? -11.669 7.520   -2.370  1.00 12.25 ? 49  GLU A O   1 
ATOM   348  C CB  . GLU A 1 49  ? -13.170 10.257  -2.880  1.00 15.74 ? 49  GLU A CB  1 
ATOM   349  C CG  . GLU A 1 49  ? -14.353 10.341  -3.836  1.00 22.28 ? 49  GLU A CG  1 
ATOM   350  C CD  . GLU A 1 49  ? -14.277 9.317   -4.952  1.00 23.78 ? 49  GLU A CD  1 
ATOM   351  O OE1 . GLU A 1 49  ? -13.156 8.860   -5.242  1.00 22.74 ? 49  GLU A OE1 1 
ATOM   352  O OE2 . GLU A 1 49  ? -15.331 8.974   -5.538  1.00 24.46 ? 49  GLU A OE2 1 
ATOM   353  N N   . PRO A 1 50  ? -13.836 6.918   -2.573  1.00 16.98 ? 50  PRO A N   1 
ATOM   354  C CA  . PRO A 1 50  ? -13.469 5.525   -2.863  1.00 14.70 ? 50  PRO A CA  1 
ATOM   355  C C   . PRO A 1 50  ? -12.437 5.336   -3.992  1.00 13.54 ? 50  PRO A C   1 
ATOM   356  O O   . PRO A 1 50  ? -11.561 4.491   -3.851  1.00 13.73 ? 50  PRO A O   1 
ATOM   357  C CB  . PRO A 1 50  ? -14.817 4.880   -3.202  1.00 16.99 ? 50  PRO A CB  1 
ATOM   358  C CG  . PRO A 1 50  ? -15.798 5.646   -2.341  1.00 14.76 ? 50  PRO A CG  1 
ATOM   359  C CD  . PRO A 1 50  ? -15.285 7.072   -2.337  1.00 14.66 ? 50  PRO A CD  1 
ATOM   360  N N   . GLY A 1 51  ? -12.502 6.127   -5.054  1.00 14.00 ? 51  GLY A N   1 
ATOM   361  C CA  . GLY A 1 51  ? -11.572 5.964   -6.161  1.00 18.42 ? 51  GLY A CA  1 
ATOM   362  C C   . GLY A 1 51  ? -10.263 6.728   -6.038  1.00 14.55 ? 51  GLY A C   1 
ATOM   363  O O   . GLY A 1 51  ? -9.542  6.889   -7.018  1.00 20.35 ? 51  GLY A O   1 
ATOM   364  N N   . ASP A 1 52  ? -9.945  7.196   -4.837  1.00 15.81 ? 52  ASP A N   1 
ATOM   365  C CA  . ASP A 1 52  ? -8.769  8.043   -4.635  1.00 17.18 ? 52  ASP A CA  1 
ATOM   366  C C   . ASP A 1 52  ? -7.481  7.228   -4.644  1.00 17.60 ? 52  ASP A C   1 
ATOM   367  O O   . ASP A 1 52  ? -7.190  6.495   -3.705  1.00 19.24 ? 52  ASP A O   1 
ATOM   368  C CB  . ASP A 1 52  ? -8.909  8.838   -3.328  1.00 15.31 ? 52  ASP A CB  1 
ATOM   369  C CG  . ASP A 1 52  ? -7.768  9.832   -3.095  1.00 25.43 ? 52  ASP A CG  1 
ATOM   370  O OD1 . ASP A 1 52  ? -6.950  10.072  -4.009  1.00 24.15 ? 52  ASP A OD1 1 
ATOM   371  O OD2 . ASP A 1 52  ? -7.708  10.395  -1.979  1.00 25.07 ? 52  ASP A OD2 1 
ATOM   372  N N   . ILE A 1 53  ? -6.703  7.378   -5.706  1.00 15.25 ? 53  ILE A N   1 
ATOM   373  C CA  . ILE A 1 53  ? -5.469  6.620   -5.862  1.00 19.97 ? 53  ILE A CA  1 
ATOM   374  C C   . ILE A 1 53  ? -4.287  7.404   -5.311  1.00 19.23 ? 53  ILE A C   1 
ATOM   375  O O   . ILE A 1 53  ? -4.068  8.538   -5.711  1.00 22.24 ? 53  ILE A O   1 
ATOM   376  C CB  . ILE A 1 53  ? -5.178  6.336   -7.351  1.00 23.77 ? 53  ILE A CB  1 
ATOM   377  C CG1 . ILE A 1 53  ? -6.319  5.532   -7.990  1.00 23.15 ? 53  ILE A CG1 1 
ATOM   378  C CG2 . ILE A 1 53  ? -3.832  5.626   -7.508  1.00 21.15 ? 53  ILE A CG2 1 
ATOM   379  C CD1 . ILE A 1 53  ? -6.538  4.177   -7.367  1.00 21.90 ? 53  ILE A CD1 1 
ATOM   380  N N   . PRO A 1 54  ? -3.507  6.792   -4.408  1.00 17.94 ? 54  PRO A N   1 
ATOM   381  C CA  . PRO A 1 54  ? -2.307  7.476   -3.916  1.00 22.49 ? 54  PRO A CA  1 
ATOM   382  C C   . PRO A 1 54  ? -1.288  7.575   -5.048  1.00 19.58 ? 54  PRO A C   1 
ATOM   383  O O   . PRO A 1 54  ? -1.012  6.577   -5.711  1.00 21.11 ? 54  PRO A O   1 
ATOM   384  C CB  . PRO A 1 54  ? -1.793  6.547   -2.801  1.00 17.74 ? 54  PRO A CB  1 
ATOM   385  C CG  . PRO A 1 54  ? -2.892  5.548   -2.552  1.00 19.66 ? 54  PRO A CG  1 
ATOM   386  C CD  . PRO A 1 54  ? -3.654  5.445   -3.839  1.00 18.39 ? 54  PRO A CD  1 
ATOM   387  N N   . GLU A 1 55  ? -0.752  8.768   -5.273  1.00 18.80 ? 55  GLU A N   1 
ATOM   388  C CA  . GLU A 1 55  ? 0.180   8.993   -6.377  1.00 23.87 ? 55  GLU A CA  1 
ATOM   389  C C   . GLU A 1 55  ? 1.646   8.905   -5.951  1.00 26.85 ? 55  GLU A C   1 
ATOM   390  O O   . GLU A 1 55  ? 2.524   8.593   -6.761  1.00 32.22 ? 55  GLU A O   1 
ATOM   391  C CB  . GLU A 1 55  ? -0.075  10.361  -7.006  1.00 25.93 ? 55  GLU A CB  1 
ATOM   392  C CG  . GLU A 1 55  ? -1.470  10.544  -7.539  1.00 32.10 ? 55  GLU A CG  1 
ATOM   393  C CD  . GLU A 1 55  ? -1.608  11.808  -8.356  1.00 44.97 ? 55  GLU A CD  1 
ATOM   394  O OE1 . GLU A 1 55  ? -0.716  12.076  -9.191  1.00 46.63 ? 55  GLU A OE1 1 
ATOM   395  O OE2 . GLU A 1 55  ? -2.603  12.535  -8.159  1.00 49.81 ? 55  GLU A OE2 1 
ATOM   396  N N   . THR A 1 56  ? 1.906   9.186   -4.678  1.00 20.38 ? 56  THR A N   1 
ATOM   397  C CA  . THR A 1 56  ? 3.267   9.236   -4.164  1.00 22.01 ? 56  THR A CA  1 
ATOM   398  C C   . THR A 1 56  ? 3.394   8.301   -2.975  1.00 19.36 ? 56  THR A C   1 
ATOM   399  O O   . THR A 1 56  ? 2.392   7.928   -2.362  1.00 12.76 ? 56  THR A O   1 
ATOM   400  C CB  . THR A 1 56  ? 3.632   10.647  -3.683  1.00 19.65 ? 56  THR A CB  1 
ATOM   401  O OG1 . THR A 1 56  ? 2.874   10.961  -2.509  1.00 17.84 ? 56  THR A OG1 1 
ATOM   402  C CG2 . THR A 1 56  ? 3.323   11.678  -4.754  1.00 21.50 ? 56  THR A CG2 1 
ATOM   403  N N   . LEU A 1 57  ? 4.627   7.940   -2.641  1.00 14.97 ? 57  LEU A N   1 
ATOM   404  C CA  . LEU A 1 57  ? 4.875   7.075   -1.491  1.00 18.60 ? 57  LEU A CA  1 
ATOM   405  C C   . LEU A 1 57  ? 4.342   7.695   -0.207  1.00 17.41 ? 57  LEU A C   1 
ATOM   406  O O   . LEU A 1 57  ? 3.761   7.001   0.629   1.00 15.36 ? 57  LEU A O   1 
ATOM   407  C CB  . LEU A 1 57  ? 6.364   6.786   -1.345  1.00 15.96 ? 57  LEU A CB  1 
ATOM   408  C CG  . LEU A 1 57  ? 6.707   5.964   -0.107  1.00 16.47 ? 57  LEU A CG  1 
ATOM   409  C CD1 . LEU A 1 57  ? 6.010   4.602   -0.167  1.00 17.43 ? 57  LEU A CD1 1 
ATOM   410  C CD2 . LEU A 1 57  ? 8.216   5.811   0.066   1.00 17.27 ? 57  LEU A CD2 1 
ATOM   411  N N   . ASP A 1 58  ? 4.554   8.999   -0.044  1.00 17.53 ? 58  ASP A N   1 
ATOM   412  C CA  . ASP A 1 58  ? 4.031   9.714   1.129   1.00 17.63 ? 58  ASP A CA  1 
ATOM   413  C C   . ASP A 1 58  ? 2.514   9.586   1.278   1.00 13.17 ? 58  ASP A C   1 
ATOM   414  O O   . ASP A 1 58  ? 2.012   9.359   2.369   1.00 15.24 ? 58  ASP A O   1 
ATOM   415  C CB  . ASP A 1 58  ? 4.423   11.186  1.085   1.00 18.52 ? 58  ASP A CB  1 
ATOM   416  C CG  . ASP A 1 58  ? 5.907   11.397  1.304   1.00 31.50 ? 58  ASP A CG  1 
ATOM   417  O OD1 . ASP A 1 58  ? 6.495   10.674  2.138   1.00 24.69 ? 58  ASP A OD1 1 
ATOM   418  O OD2 . ASP A 1 58  ? 6.487   12.289  0.644   1.00 39.05 ? 58  ASP A OD2 1 
ATOM   419  N N   . GLN A 1 59  ? 1.782   9.741   0.180   1.00 15.54 ? 59  GLN A N   1 
ATOM   420  C CA  . GLN A 1 59  ? 0.333   9.572   0.227   1.00 14.84 ? 59  GLN A CA  1 
ATOM   421  C C   . GLN A 1 59  ? -0.034  8.144   0.593   1.00 13.18 ? 59  GLN A C   1 
ATOM   422  O O   . GLN A 1 59  ? -0.937  7.923   1.393   1.00 12.96 ? 59  GLN A O   1 
ATOM   423  C CB  . GLN A 1 59  ? -0.311  9.950   -1.097  1.00 14.60 ? 59  GLN A CB  1 
ATOM   424  C CG  . GLN A 1 59  ? -0.267  11.438  -1.391  1.00 19.88 ? 59  GLN A CG  1 
ATOM   425  C CD  . GLN A 1 59  ? -0.693  11.767  -2.806  1.00 24.06 ? 59  GLN A CD  1 
ATOM   426  O OE1 . GLN A 1 59  ? -1.408  10.995  -3.452  1.00 26.87 ? 59  GLN A OE1 1 
ATOM   427  N NE2 . GLN A 1 59  ? -0.263  12.925  -3.294  1.00 30.18 ? 59  GLN A NE2 1 
ATOM   428  N N   . LEU A 1 60  ? 0.678   7.173   0.028   1.00 10.33 ? 60  LEU A N   1 
ATOM   429  C CA  . LEU A 1 60  ? 0.357   5.766   0.298   1.00 14.54 ? 60  LEU A CA  1 
ATOM   430  C C   . LEU A 1 60  ? 0.646   5.415   1.761   1.00 11.16 ? 60  LEU A C   1 
ATOM   431  O O   . LEU A 1 60  ? -0.135  4.737   2.428   1.00 11.50 ? 60  LEU A O   1 
ATOM   432  C CB  . LEU A 1 60  ? 1.149   4.858   -0.640  1.00 10.22 ? 60  LEU A CB  1 
ATOM   433  C CG  . LEU A 1 60  ? 0.981   3.347   -0.465  1.00 8.74  ? 60  LEU A CG  1 
ATOM   434  C CD1 . LEU A 1 60  ? -0.479  2.955   -0.521  1.00 8.51  ? 60  LEU A CD1 1 
ATOM   435  C CD2 . LEU A 1 60  ? 1.801   2.619   -1.534  1.00 10.26 ? 60  LEU A CD2 1 
ATOM   436  N N   . ARG A 1 61  ? 1.779   5.898   2.254   1.00 9.84  ? 61  ARG A N   1 
ATOM   437  C CA  . ARG A 1 61  ? 2.159   5.704   3.649   1.00 10.80 ? 61  ARG A CA  1 
ATOM   438  C C   . ARG A 1 61  ? 1.066   6.210   4.630   1.00 11.21 ? 61  ARG A C   1 
ATOM   439  O O   . ARG A 1 61  ? 0.724   5.541   5.613   1.00 10.40 ? 61  ARG A O   1 
ATOM   440  C CB  . ARG A 1 61  ? 3.486   6.436   3.878   1.00 13.13 ? 61  ARG A CB  1 
ATOM   441  C CG  . ARG A 1 61  ? 4.118   6.239   5.223   1.00 14.38 ? 61  ARG A CG  1 
ATOM   442  C CD  . ARG A 1 61  ? 5.505   6.852   5.222   1.00 14.63 ? 61  ARG A CD  1 
ATOM   443  N NE  . ARG A 1 61  ? 6.149   6.721   6.520   1.00 17.70 ? 61  ARG A NE  1 
ATOM   444  C CZ  . ARG A 1 61  ? 7.205   7.435   6.878   1.00 12.50 ? 61  ARG A CZ  1 
ATOM   445  N NH1 . ARG A 1 61  ? 7.707   8.324   6.035   1.00 16.86 ? 61  ARG A NH1 1 
ATOM   446  N NH2 . ARG A 1 61  ? 7.753   7.266   8.067   1.00 21.83 ? 61  ARG A NH2 1 
ATOM   447  N N   . LEU A 1 62  ? 0.522   7.391   4.359   1.00 9.16  ? 62  LEU A N   1 
ATOM   448  C CA  . LEU A 1 62  ? -0.547  7.944   5.182   1.00 9.20  ? 62  LEU A CA  1 
ATOM   449  C C   . LEU A 1 62  ? -1.831  7.099   5.160   1.00 10.22 ? 62  LEU A C   1 
ATOM   450  O O   . LEU A 1 62  ? -2.530  6.983   6.172   1.00 13.24 ? 62  LEU A O   1 
ATOM   451  C CB  . LEU A 1 62  ? -0.847  9.389   4.763   1.00 12.06 ? 62  LEU A CB  1 
ATOM   452  C CG  . LEU A 1 62  ? 0.229   10.418  5.138   1.00 19.13 ? 62  LEU A CG  1 
ATOM   453  C CD1 . LEU A 1 62  ? -0.128  11.836  4.638   1.00 17.84 ? 62  LEU A CD1 1 
ATOM   454  C CD2 . LEU A 1 62  ? 0.428   10.424  6.640   1.00 21.35 ? 62  LEU A CD2 1 
ATOM   455  N N   . VAL A 1 63  ? -2.151  6.513   4.014   1.00 9.36  ? 63  VAL A N   1 
ATOM   456  C CA  . VAL A 1 63  ? -3.299  5.614   3.940   1.00 9.23  ? 63  VAL A CA  1 
ATOM   457  C C   . VAL A 1 63  ? -3.052  4.392   4.799   1.00 9.06  ? 63  VAL A C   1 
ATOM   458  O O   . VAL A 1 63  ? -3.891  4.000   5.618   1.00 8.80  ? 63  VAL A O   1 
ATOM   459  C CB  . VAL A 1 63  ? -3.570  5.162   2.489   1.00 11.16 ? 63  VAL A CB  1 
ATOM   460  C CG1 . VAL A 1 63  ? -4.694  4.107   2.452   1.00 12.00 ? 63  VAL A CG1 1 
ATOM   461  C CG2 . VAL A 1 63  ? -3.913  6.366   1.623   1.00 12.36 ? 63  VAL A CG2 1 
ATOM   462  N N   . ILE A 1 64  ? -1.881  3.796   4.610   1.00 6.69  ? 64  ILE A N   1 
ATOM   463  C CA  . ILE A 1 64  ? -1.495  2.628   5.381   1.00 10.11 ? 64  ILE A CA  1 
ATOM   464  C C   . ILE A 1 64  ? -1.499  2.941   6.878   1.00 9.29  ? 64  ILE A C   1 
ATOM   465  O O   . ILE A 1 64  ? -2.015  2.163   7.683   1.00 10.53 ? 64  ILE A O   1 
ATOM   466  C CB  . ILE A 1 64  ? -0.127  2.105   4.928   1.00 10.82 ? 64  ILE A CB  1 
ATOM   467  C CG1 . ILE A 1 64  ? -0.209  1.599   3.483   1.00 8.53  ? 64  ILE A CG1 1 
ATOM   468  C CG2 . ILE A 1 64  ? 0.370   1.003   5.864   1.00 9.40  ? 64  ILE A CG2 1 
ATOM   469  C CD1 . ILE A 1 64  ? 1.156   1.213   2.895   1.00 10.03 ? 64  ILE A CD1 1 
ATOM   470  N N   . CYS A 1 65  ? -0.953  4.094   7.244   1.00 10.48 ? 65  CYS A N   1 
ATOM   471  C CA  . CYS A 1 65  ? -0.989  4.549   8.633   1.00 10.33 ? 65  CYS A CA  1 
ATOM   472  C C   . CYS A 1 65  ? -2.417  4.643   9.167   1.00 11.61 ? 65  CYS A C   1 
ATOM   473  O O   . CYS A 1 65  ? -2.722  4.071   10.209  1.00 9.36  ? 65  CYS A O   1 
ATOM   474  C CB  . CYS A 1 65  ? -0.280  5.900   8.792   1.00 9.78  ? 65  CYS A CB  1 
ATOM   475  S SG  . CYS A 1 65  ? 1.531   5.789   8.693   1.00 18.17 ? 65  CYS A SG  1 
ATOM   476  N N   . ASP A 1 66  ? -3.287  5.360   8.455   1.00 9.33  ? 66  ASP A N   1 
ATOM   477  C CA  . ASP A 1 66  ? -4.687  5.475   8.873   1.00 11.41 ? 66  ASP A CA  1 
ATOM   478  C C   . ASP A 1 66  ? -5.322  4.104   9.068   1.00 10.29 ? 66  ASP A C   1 
ATOM   479  O O   . ASP A 1 66  ? -6.060  3.876   10.025  1.00 9.89  ? 66  ASP A O   1 
ATOM   480  C CB  . ASP A 1 66  ? -5.512  6.249   7.842   1.00 11.83 ? 66  ASP A CB  1 
ATOM   481  C CG  . ASP A 1 66  ? -5.183  7.733   7.822   1.00 15.42 ? 66  ASP A CG  1 
ATOM   482  O OD1 . ASP A 1 66  ? -4.550  8.237   8.780   1.00 13.50 ? 66  ASP A OD1 1 
ATOM   483  O OD2 . ASP A 1 66  ? -5.572  8.396   6.849   1.00 17.63 ? 66  ASP A OD2 1 
ATOM   484  N N   . LEU A 1 67  ? -5.041  3.190   8.144   1.00 9.23  ? 67  LEU A N   1 
ATOM   485  C CA  . LEU A 1 67  ? -5.644  1.865   8.195   1.00 8.26  ? 67  LEU A CA  1 
ATOM   486  C C   . LEU A 1 67  ? -5.102  1.014   9.355   1.00 11.05 ? 67  LEU A C   1 
ATOM   487  O O   . LEU A 1 67  ? -5.850  0.250   9.968   1.00 12.37 ? 67  LEU A O   1 
ATOM   488  C CB  . LEU A 1 67  ? -5.472  1.142   6.852   1.00 10.91 ? 67  LEU A CB  1 
ATOM   489  C CG  . LEU A 1 67  ? -6.357  -0.091  6.673   1.00 14.29 ? 67  LEU A CG  1 
ATOM   490  C CD1 . LEU A 1 67  ? -7.827  0.280   6.864   1.00 12.84 ? 67  LEU A CD1 1 
ATOM   491  C CD2 . LEU A 1 67  ? -6.135  -0.769  5.317   1.00 11.82 ? 67  LEU A CD2 1 
ATOM   492  N N   . GLN A 1 68  ? -3.809  1.129   9.663   1.00 9.01  ? 68  GLN A N   1 
ATOM   493  C CA  . GLN A 1 68  ? -3.262  0.384   10.800  1.00 11.45 ? 68  GLN A CA  1 
ATOM   494  C C   . GLN A 1 68  ? -3.782  0.942   12.129  1.00 11.67 ? 68  GLN A C   1 
ATOM   495  O O   . GLN A 1 68  ? -3.955  0.202   13.101  1.00 12.09 ? 68  GLN A O   1 
ATOM   496  C CB  . GLN A 1 68  ? -1.722  0.353   10.773  1.00 13.34 ? 68  GLN A CB  1 
ATOM   497  C CG  . GLN A 1 68  ? -1.151  -0.280  9.499   1.00 10.49 ? 68  GLN A CG  1 
ATOM   498  C CD  . GLN A 1 68  ? 0.330   -0.615  9.602   1.00 12.91 ? 68  GLN A CD  1 
ATOM   499  O OE1 . GLN A 1 68  ? 0.697   -1.781  9.662   1.00 14.39 ? 68  GLN A OE1 1 
ATOM   500  N NE2 . GLN A 1 68  ? 1.188   0.410   9.607   1.00 13.68 ? 68  GLN A NE2 1 
ATOM   501  N N   . GLU A 1 69  ? -4.039  2.248   12.168  1.00 11.22 ? 69  GLU A N   1 
ATOM   502  C CA  . GLU A 1 69  ? -4.579  2.872   13.369  1.00 16.28 ? 69  GLU A CA  1 
ATOM   503  C C   . GLU A 1 69  ? -6.024  2.434   13.589  1.00 15.28 ? 69  GLU A C   1 
ATOM   504  O O   . GLU A 1 69  ? -6.442  2.176   14.722  1.00 14.39 ? 69  GLU A O   1 
ATOM   505  C CB  . GLU A 1 69  ? -4.452  4.396   13.277  1.00 12.95 ? 69  GLU A CB  1 
ATOM   506  C CG  . GLU A 1 69  ? -3.002  4.846   13.258  1.00 17.60 ? 69  GLU A CG  1 
ATOM   507  C CD  . GLU A 1 69  ? -2.839  6.322   12.962  1.00 21.36 ? 69  GLU A CD  1 
ATOM   508  O OE1 . GLU A 1 69  ? -3.791  7.085   13.234  1.00 19.93 ? 69  GLU A OE1 1 
ATOM   509  O OE2 . GLU A 1 69  ? -1.763  6.715   12.446  1.00 18.79 ? 69  GLU A OE2 1 
ATOM   510  N N   . ARG A 1 70  ? -6.773  2.328   12.495  1.00 10.67 ? 70  ARG A N   1 
ATOM   511  C CA  . ARG A 1 70  ? -8.105  1.724   12.517  1.00 11.65 ? 70  ARG A CA  1 
ATOM   512  C C   . ARG A 1 70  ? -8.066  0.290   13.025  1.00 13.88 ? 70  ARG A C   1 
ATOM   513  O O   . ARG A 1 70  ? -8.927  -0.131  13.815  1.00 13.10 ? 70  ARG A O   1 
ATOM   514  C CB  . ARG A 1 70  ? -8.713  1.739   11.108  1.00 13.33 ? 70  ARG A CB  1 
ATOM   515  C CG  . ARG A 1 70  ? -10.014 0.992   10.995  1.00 14.90 ? 70  ARG A CG  1 
ATOM   516  C CD  . ARG A 1 70  ? -10.760 1.357   9.712   1.00 16.26 ? 70  ARG A CD  1 
ATOM   517  N NE  . ARG A 1 70  ? -12.101 0.778   9.732   1.00 18.94 ? 70  ARG A NE  1 
ATOM   518  C CZ  . ARG A 1 70  ? -13.160 1.394   10.254  1.00 18.33 ? 70  ARG A CZ  1 
ATOM   519  N NH1 . ARG A 1 70  ? -13.026 2.605   10.780  1.00 13.21 ? 70  ARG A NH1 1 
ATOM   520  N NH2 . ARG A 1 70  ? -14.346 0.805   10.250  1.00 16.00 ? 70  ARG A NH2 1 
ATOM   521  N N   . ARG A 1 71  ? -7.077  -0.469  12.556  1.00 11.03 ? 71  ARG A N   1 
ATOM   522  C CA  . ARG A 1 71  ? -6.929  -1.863  12.971  1.00 11.48 ? 71  ARG A CA  1 
ATOM   523  C C   . ARG A 1 71  ? -6.661  -1.949  14.472  1.00 15.05 ? 71  ARG A C   1 
ATOM   524  O O   . ARG A 1 71  ? -7.176  -2.826  15.170  1.00 12.93 ? 71  ARG A O   1 
ATOM   525  C CB  . ARG A 1 71  ? -5.795  -2.544  12.209  1.00 10.79 ? 71  ARG A CB  1 
ATOM   526  C CG  . ARG A 1 71  ? -5.589  -4.000  12.613  1.00 18.03 ? 71  ARG A CG  1 
ATOM   527  C CD  . ARG A 1 71  ? -4.386  -4.605  11.917  1.00 17.90 ? 71  ARG A CD  1 
ATOM   528  N NE  . ARG A 1 71  ? -3.248  -4.680  12.819  1.00 34.97 ? 71  ARG A NE  1 
ATOM   529  C CZ  . ARG A 1 71  ? -2.830  -5.800  13.401  1.00 38.14 ? 71  ARG A CZ  1 
ATOM   530  N NH1 . ARG A 1 71  ? -3.441  -6.950  13.146  1.00 35.00 ? 71  ARG A NH1 1 
ATOM   531  N NH2 . ARG A 1 71  ? -1.786  -5.772  14.217  1.00 39.10 ? 71  ARG A NH2 1 
ATOM   532  N N   . GLU A 1 72  ? -5.847  -1.023  14.957  1.00 11.26 ? 72  GLU A N   1 
ATOM   533  C CA  . GLU A 1 72  ? -5.510  -0.955  16.367  1.00 14.48 ? 72  GLU A CA  1 
ATOM   534  C C   . GLU A 1 72  ? -6.728  -0.604  17.225  1.00 17.26 ? 72  GLU A C   1 
ATOM   535  O O   . GLU A 1 72  ? -6.921  -1.164  18.311  1.00 15.66 ? 72  GLU A O   1 
ATOM   536  C CB  . GLU A 1 72  ? -4.382  0.063   16.575  1.00 15.38 ? 72  GLU A CB  1 
ATOM   537  C CG  . GLU A 1 72  ? -3.996  0.284   18.032  1.00 21.02 ? 72  GLU A CG  1 
ATOM   538  C CD  . GLU A 1 72  ? -3.482  -0.975  18.700  1.00 39.55 ? 72  GLU A CD  1 
ATOM   539  O OE1 . GLU A 1 72  ? -2.867  -1.814  17.996  1.00 36.98 ? 72  GLU A OE1 1 
ATOM   540  O OE2 . GLU A 1 72  ? -3.694  -1.127  19.932  1.00 40.29 ? 72  GLU A OE2 1 
ATOM   541  N N   . LYS A 1 73  ? -7.553  0.312   16.722  1.00 14.64 ? 73  LYS A N   1 
ATOM   542  C CA  . LYS A 1 73  ? -8.700  0.822   17.468  1.00 14.37 ? 73  LYS A CA  1 
ATOM   543  C C   . LYS A 1 73  ? -9.885  -0.138  17.466  1.00 19.67 ? 73  LYS A C   1 
ATOM   544  O O   . LYS A 1 73  ? -10.475 -0.390  18.511  1.00 15.34 ? 73  LYS A O   1 
ATOM   545  C CB  . LYS A 1 73  ? -9.127  2.188   16.916  1.00 14.95 ? 73  LYS A CB  1 
ATOM   546  C CG  . LYS A 1 73  ? -10.367 2.782   17.569  1.00 19.46 ? 73  LYS A CG  1 
ATOM   547  C CD  . LYS A 1 73  ? -10.650 4.184   17.029  1.00 22.73 ? 73  LYS A CD  1 
ATOM   548  C CE  . LYS A 1 73  ? -11.799 4.866   17.758  1.00 20.98 ? 73  LYS A CE  1 
ATOM   549  N NZ  . LYS A 1 73  ? -12.058 6.223   17.174  1.00 20.36 ? 73  LYS A NZ  1 
ATOM   550  N N   . PHE A 1 74  ? -10.223 -0.678  16.294  1.00 15.55 ? 74  PHE A N   1 
ATOM   551  C CA  . PHE A 1 74  ? -11.413 -1.518  16.161  1.00 15.49 ? 74  PHE A CA  1 
ATOM   552  C C   . PHE A 1 74  ? -11.130 -3.010  16.039  1.00 16.64 ? 74  PHE A C   1 
ATOM   553  O O   . PHE A 1 74  ? -12.038 -3.824  16.191  1.00 16.42 ? 74  PHE A O   1 
ATOM   554  C CB  . PHE A 1 74  ? -12.275 -1.052  14.992  1.00 18.31 ? 74  PHE A CB  1 
ATOM   555  C CG  . PHE A 1 74  ? -12.777 0.349   15.142  1.00 15.84 ? 74  PHE A CG  1 
ATOM   556  C CD1 . PHE A 1 74  ? -13.807 0.635   16.016  1.00 19.51 ? 74  PHE A CD1 1 
ATOM   557  C CD2 . PHE A 1 74  ? -12.206 1.381   14.424  1.00 15.13 ? 74  PHE A CD2 1 
ATOM   558  C CE1 . PHE A 1 74  ? -14.262 1.929   16.171  1.00 18.98 ? 74  PHE A CE1 1 
ATOM   559  C CE2 . PHE A 1 74  ? -12.658 2.674   14.563  1.00 21.79 ? 74  PHE A CE2 1 
ATOM   560  C CZ  . PHE A 1 74  ? -13.692 2.951   15.440  1.00 21.84 ? 74  PHE A CZ  1 
ATOM   561  N N   . GLY A 1 75  ? -9.885  -3.373  15.751  1.00 14.80 ? 75  GLY A N   1 
ATOM   562  C CA  . GLY A 1 75  ? -9.499  -4.772  15.766  1.00 16.52 ? 75  GLY A CA  1 
ATOM   563  C C   . GLY A 1 75  ? -9.103  -5.327  14.414  1.00 19.81 ? 75  GLY A C   1 
ATOM   564  O O   . GLY A 1 75  ? -9.471  -4.793  13.371  1.00 17.34 ? 75  GLY A O   1 
ATOM   565  N N   . SER A 1 76  ? -8.336  -6.407  14.431  1.00 17.57 ? 76  SER A N   1 
ATOM   566  C CA  . SER A 1 76  ? -7.896  -7.003  13.186  1.00 16.95 ? 76  SER A CA  1 
ATOM   567  C C   . SER A 1 76  ? -8.975  -7.887  12.562  1.00 21.78 ? 76  SER A C   1 
ATOM   568  O O   . SER A 1 76  ? -10.007 -8.194  13.177  1.00 16.71 ? 76  SER A O   1 
ATOM   569  C CB  . SER A 1 76  ? -6.613  -7.801  13.397  1.00 22.83 ? 76  SER A CB  1 
ATOM   570  O OG  . SER A 1 76  ? -6.857  -8.927  14.218  1.00 26.06 ? 76  SER A OG  1 
ATOM   571  N N   . SER A 1 77  ? -8.723  -8.274  11.320  1.00 15.92 ? 77  SER A N   1 
ATOM   572  C CA  . SER A 1 77  ? -9.594  -9.181  10.600  1.00 21.46 ? 77  SER A CA  1 
ATOM   573  C C   . SER A 1 77  ? -8.824  -9.645  9.382   1.00 19.23 ? 77  SER A C   1 
ATOM   574  O O   . SER A 1 77  ? -7.819  -9.059  9.005   1.00 15.82 ? 77  SER A O   1 
ATOM   575  C CB  . SER A 1 77  ? -10.867 -8.476  10.147  1.00 18.84 ? 77  SER A CB  1 
ATOM   576  O OG  . SER A 1 77  ? -10.600 -7.706  8.992   1.00 20.03 ? 77  SER A OG  1 
ATOM   577  N N   . LYS A 1 78  ? -9.321  -10.696 8.758   1.00 18.81 ? 78  LYS A N   1 
ATOM   578  C CA  . LYS A 1 78  ? -8.662  -11.297 7.622   1.00 20.88 ? 78  LYS A CA  1 
ATOM   579  C C   . LYS A 1 78  ? -8.615  -10.226 6.529   1.00 17.21 ? 78  LYS A C   1 
ATOM   580  O O   . LYS A 1 78  ? -7.592  -10.049 5.867   1.00 17.70 ? 78  LYS A O   1 
ATOM   581  C CB  . LYS A 1 78  ? -9.447  -12.528 7.152   1.00 22.29 ? 78  LYS A CB  1 
ATOM   582  C CG  . LYS A 1 78  ? -9.523  -13.719 8.152   1.00 29.65 ? 78  LYS A CG  1 
ATOM   583  C CD  . LYS A 1 78  ? -9.902  -13.366 9.623   1.00 30.41 ? 78  LYS A CD  1 
ATOM   584  C CE  . LYS A 1 78  ? -11.387 -13.074 9.869   1.00 27.23 ? 78  LYS A CE  1 
ATOM   585  N NZ  . LYS A 1 78  ? -11.935 -11.820 9.294   1.00 28.15 ? 78  LYS A NZ  1 
ATOM   586  N N   . GLU A 1 79  ? -9.709  -9.479  6.397   1.00 10.53 ? 79  GLU A N   1 
ATOM   587  C CA  . GLU A 1 79  ? -9.846  -8.469  5.353   1.00 17.26 ? 79  GLU A CA  1 
ATOM   588  C C   . GLU A 1 79  ? -8.964  -7.238  5.543   1.00 16.72 ? 79  GLU A C   1 
ATOM   589  O O   . GLU A 1 79  ? -8.280  -6.828  4.611   1.00 14.07 ? 79  GLU A O   1 
ATOM   590  C CB  . GLU A 1 79  ? -11.305 -8.051  5.212   1.00 17.95 ? 79  GLU A CB  1 
ATOM   591  C CG  . GLU A 1 79  ? -12.204 -9.143  4.640   1.00 23.28 ? 79  GLU A CG  1 
ATOM   592  C CD  . GLU A 1 79  ? -12.344 -10.360 5.556   1.00 24.76 ? 79  GLU A CD  1 
ATOM   593  O OE1 . GLU A 1 79  ? -12.369 -11.501 5.038   1.00 32.55 ? 79  GLU A OE1 1 
ATOM   594  O OE2 . GLU A 1 79  ? -12.428 -10.181 6.789   1.00 22.12 ? 79  GLU A OE2 1 
ATOM   595  N N   . ILE A 1 80  ? -8.993  -6.630  6.729   1.00 16.24 ? 80  ILE A N   1 
ATOM   596  C CA  . ILE A 1 80  ? -8.145  -5.460  6.954   1.00 13.88 ? 80  ILE A CA  1 
ATOM   597  C C   . ILE A 1 80  ? -6.664  -5.847  6.902   1.00 13.74 ? 80  ILE A C   1 
ATOM   598  O O   . ILE A 1 80  ? -5.852  -5.110  6.342   1.00 15.15 ? 80  ILE A O   1 
ATOM   599  C CB  . ILE A 1 80  ? -8.517  -4.650  8.236   1.00 16.33 ? 80  ILE A CB  1 
ATOM   600  C CG1 . ILE A 1 80  ? -7.882  -3.253  8.192   1.00 16.09 ? 80  ILE A CG1 1 
ATOM   601  C CG2 . ILE A 1 80  ? -8.141  -5.401  9.514   1.00 16.42 ? 80  ILE A CG2 1 
ATOM   602  C CD1 . ILE A 1 80  ? -8.432  -2.283  9.231   1.00 14.88 ? 80  ILE A CD1 1 
ATOM   603  N N   . ASP A 1 81  ? -6.323  -7.011  7.448   1.00 11.58 ? 81  ASP A N   1 
ATOM   604  C CA  . ASP A 1 81  ? -4.947  -7.502  7.378   1.00 15.80 ? 81  ASP A CA  1 
ATOM   605  C C   . ASP A 1 81  ? -4.483  -7.652  5.929   1.00 14.12 ? 81  ASP A C   1 
ATOM   606  O O   . ASP A 1 81  ? -3.408  -7.198  5.582   1.00 11.57 ? 81  ASP A O   1 
ATOM   607  C CB  . ASP A 1 81  ? -4.788  -8.837  8.105   1.00 17.06 ? 81  ASP A CB  1 
ATOM   608  C CG  . ASP A 1 81  ? -4.799  -8.690  9.611   1.00 24.90 ? 81  ASP A CG  1 
ATOM   609  O OD1 . ASP A 1 81  ? -4.822  -7.545  10.104  1.00 23.10 ? 81  ASP A OD1 1 
ATOM   610  O OD2 . ASP A 1 81  ? -4.781  -9.731  10.301  1.00 20.58 ? 81  ASP A OD2 1 
ATOM   611  N N   . MET A 1 82  ? -5.299  -8.293  5.094   1.00 12.55 ? 82  MET A N   1 
ATOM   612  C CA  . MET A 1 82  ? -4.979  -8.445  3.672   1.00 12.18 ? 82  MET A CA  1 
ATOM   613  C C   . MET A 1 82  ? -4.839  -7.096  2.949   1.00 11.29 ? 82  MET A C   1 
ATOM   614  O O   . MET A 1 82  ? -3.953  -6.931  2.101   1.00 9.78  ? 82  MET A O   1 
ATOM   615  C CB  . MET A 1 82  ? -6.022  -9.309  2.948   1.00 13.63 ? 82  MET A CB  1 
ATOM   616  C CG  . MET A 1 82  ? -5.964  -10.797 3.300   1.00 14.91 ? 82  MET A CG  1 
ATOM   617  S SD  . MET A 1 82  ? -6.963  -11.811 2.183   1.00 30.34 ? 82  MET A SD  1 
ATOM   618  C CE  . MET A 1 82  ? -8.613  -11.251 2.565   1.00 20.75 ? 82  MET A CE  1 
ATOM   619  N N   . ALA A 1 83  ? -5.720  -6.147  3.262   1.00 10.74 ? 83  ALA A N   1 
ATOM   620  C CA  . ALA A 1 83  ? -5.642  -4.834  2.634   1.00 8.46  ? 83  ALA A CA  1 
ATOM   621  C C   . ALA A 1 83  ? -4.334  -4.152  3.015   1.00 9.57  ? 83  ALA A C   1 
ATOM   622  O O   . ALA A 1 83  ? -3.633  -3.621  2.166   1.00 8.98  ? 83  ALA A O   1 
ATOM   623  C CB  . ALA A 1 83  ? -6.857  -3.962  3.020   1.00 11.75 ? 83  ALA A CB  1 
ATOM   624  N N   . ILE A 1 84  ? -4.001  -4.185  4.301   1.00 12.05 ? 84  ILE A N   1 
ATOM   625  C CA  . ILE A 1 84  ? -2.759  -3.577  4.780   1.00 11.60 ? 84  ILE A CA  1 
ATOM   626  C C   . ILE A 1 84  ? -1.515  -4.155  4.104   1.00 10.45 ? 84  ILE A C   1 
ATOM   627  O O   . ILE A 1 84  ? -0.683  -3.408  3.557   1.00 9.24  ? 84  ILE A O   1 
ATOM   628  C CB  . ILE A 1 84  ? -2.642  -3.675  6.320   1.00 10.53 ? 84  ILE A CB  1 
ATOM   629  C CG1 . ILE A 1 84  ? -3.677  -2.748  6.979   1.00 12.01 ? 84  ILE A CG1 1 
ATOM   630  C CG2 . ILE A 1 84  ? -1.237  -3.293  6.764   1.00 11.63 ? 84  ILE A CG2 1 
ATOM   631  C CD1 . ILE A 1 84  ? -3.951  -3.051  8.460   1.00 9.92  ? 84  ILE A CD1 1 
ATOM   632  N N   . VAL A 1 85  ? -1.394  -5.478  4.105   1.00 7.41  ? 85  VAL A N   1 
ATOM   633  C CA  . VAL A 1 85  ? -0.227  -6.109  3.492   1.00 11.20 ? 85  VAL A CA  1 
ATOM   634  C C   . VAL A 1 85  ? -0.169  -5.856  1.979   1.00 9.30  ? 85  VAL A C   1 
ATOM   635  O O   . VAL A 1 85  ? 0.906   -5.647  1.417   1.00 9.11  ? 85  VAL A O   1 
ATOM   636  C CB  . VAL A 1 85  ? -0.124  -7.626  3.812   1.00 12.04 ? 85  VAL A CB  1 
ATOM   637  C CG1 . VAL A 1 85  ? -1.179  -8.423  3.081   1.00 14.25 ? 85  VAL A CG1 1 
ATOM   638  C CG2 . VAL A 1 85  ? 1.243   -8.148  3.452   1.00 21.10 ? 85  VAL A CG2 1 
ATOM   639  N N   . THR A 1 86  ? -1.325  -5.859  1.324   1.00 8.76  ? 86  THR A N   1 
ATOM   640  C CA  . THR A 1 86  ? -1.376  -5.558  -0.104  1.00 8.75  ? 86  THR A CA  1 
ATOM   641  C C   . THR A 1 86  ? -0.841  -4.150  -0.412  1.00 7.45  ? 86  THR A C   1 
ATOM   642  O O   . THR A 1 86  ? -0.119  -3.952  -1.396  1.00 7.21  ? 86  THR A O   1 
ATOM   643  C CB  . THR A 1 86  ? -2.808  -5.729  -0.661  1.00 8.89  ? 86  THR A CB  1 
ATOM   644  O OG1 . THR A 1 86  ? -3.224  -7.085  -0.478  1.00 10.56 ? 86  THR A OG1 1 
ATOM   645  C CG2 . THR A 1 86  ? -2.850  -5.416  -2.151  1.00 7.22  ? 86  THR A CG2 1 
ATOM   646  N N   . LEU A 1 87  ? -1.188  -3.175  0.431   1.00 6.34  ? 87  LEU A N   1 
ATOM   647  C CA  . LEU A 1 87  ? -0.704  -1.806  0.250   1.00 6.27  ? 87  LEU A CA  1 
ATOM   648  C C   . LEU A 1 87  ? 0.795   -1.695  0.491   1.00 8.62  ? 87  LEU A C   1 
ATOM   649  O O   . LEU A 1 87  ? 1.488   -0.892  -0.143  1.00 6.38  ? 87  LEU A O   1 
ATOM   650  C CB  . LEU A 1 87  ? -1.455  -0.836  1.168   1.00 7.32  ? 87  LEU A CB  1 
ATOM   651  C CG  . LEU A 1 87  ? -2.951  -0.731  0.847   1.00 7.25  ? 87  LEU A CG  1 
ATOM   652  C CD1 . LEU A 1 87  ? -3.671  0.238   1.774   1.00 12.20 ? 87  LEU A CD1 1 
ATOM   653  C CD2 . LEU A 1 87  ? -3.170  -0.354  -0.592  1.00 7.93  ? 87  LEU A CD2 1 
ATOM   654  N N   . LYS A 1 88  ? 1.294   -2.511  1.409   1.00 7.07  ? 88  LYS A N   1 
ATOM   655  C CA  . LYS A 1 88  ? 2.722   -2.523  1.709   1.00 9.66  ? 88  LYS A CA  1 
ATOM   656  C C   . LYS A 1 88  ? 3.497   -3.163  0.556   1.00 7.21  ? 88  LYS A C   1 
ATOM   657  O O   . LYS A 1 88  ? 4.604   -2.733  0.228   1.00 9.11  ? 88  LYS A O   1 
ATOM   658  C CB  . LYS A 1 88  ? 2.973   -3.257  3.027   1.00 8.67  ? 88  LYS A CB  1 
ATOM   659  C CG  . LYS A 1 88  ? 2.539   -2.455  4.248   1.00 8.56  ? 88  LYS A CG  1 
ATOM   660  C CD  . LYS A 1 88  ? 2.659   -3.280  5.518   1.00 13.68 ? 88  LYS A CD  1 
ATOM   661  C CE  . LYS A 1 88  ? 2.458   -2.436  6.760   1.00 11.97 ? 88  LYS A CE  1 
ATOM   662  N NZ  . LYS A 1 88  ? 2.554   -3.266  8.006   1.00 12.12 ? 88  LYS A NZ  1 
ATOM   663  N N   . VAL A 1 89  ? 2.919   -4.193  -0.059  1.00 7.28  ? 89  VAL A N   1 
ATOM   664  C CA  . VAL A 1 89  ? 3.505   -4.761  -1.276  1.00 8.41  ? 89  VAL A CA  1 
ATOM   665  C C   . VAL A 1 89  ? 3.571   -3.680  -2.358  1.00 9.31  ? 89  VAL A C   1 
ATOM   666  O O   . VAL A 1 89  ? 4.598   -3.500  -3.019  1.00 7.47  ? 89  VAL A O   1 
ATOM   667  C CB  . VAL A 1 89  ? 2.739   -6.025  -1.759  1.00 11.60 ? 89  VAL A CB  1 
ATOM   668  C CG1 . VAL A 1 89  ? 3.205   -6.450  -3.146  1.00 10.27 ? 89  VAL A CG1 1 
ATOM   669  C CG2 . VAL A 1 89  ? 2.933   -7.179  -0.756  1.00 9.85  ? 89  VAL A CG2 1 
ATOM   670  N N   . PHE A 1 90  ? 2.492   -2.912  -2.501  1.00 9.13  ? 90  PHE A N   1 
ATOM   671  C CA  . PHE A 1 90  ? 2.482   -1.849  -3.494  1.00 8.88  ? 90  PHE A CA  1 
ATOM   672  C C   . PHE A 1 90  ? 3.573   -0.812  -3.222  1.00 8.83  ? 90  PHE A C   1 
ATOM   673  O O   . PHE A 1 90  ? 4.236   -0.353  -4.148  1.00 9.17  ? 90  PHE A O   1 
ATOM   674  C CB  . PHE A 1 90  ? 1.117   -1.152  -3.554  1.00 10.55 ? 90  PHE A CB  1 
ATOM   675  C CG  . PHE A 1 90  ? 0.947   -0.277  -4.762  1.00 10.54 ? 90  PHE A CG  1 
ATOM   676  C CD1 . PHE A 1 90  ? 0.887   -0.836  -6.021  1.00 13.80 ? 90  PHE A CD1 1 
ATOM   677  C CD2 . PHE A 1 90  ? 0.854   1.097   -4.639  1.00 18.49 ? 90  PHE A CD2 1 
ATOM   678  C CE1 . PHE A 1 90  ? 0.738   -0.046  -7.140  1.00 17.66 ? 90  PHE A CE1 1 
ATOM   679  C CE2 . PHE A 1 90  ? 0.706   1.898   -5.752  1.00 20.53 ? 90  PHE A CE2 1 
ATOM   680  C CZ  . PHE A 1 90  ? 0.647   1.334   -6.999  1.00 22.29 ? 90  PHE A CZ  1 
ATOM   681  N N   . ALA A 1 91  ? 3.763   -0.447  -1.956  1.00 8.05  ? 91  ALA A N   1 
ATOM   682  C CA  . ALA A 1 91  ? 4.807   0.528   -1.609  1.00 9.05  ? 91  ALA A CA  1 
ATOM   683  C C   . ALA A 1 91  ? 6.198   -0.012  -1.964  1.00 8.06  ? 91  ALA A C   1 
ATOM   684  O O   . ALA A 1 91  ? 6.969   0.625   -2.679  1.00 11.67 ? 91  ALA A O   1 
ATOM   685  C CB  . ALA A 1 91  ? 4.734   0.869   -0.134  1.00 10.08 ? 91  ALA A CB  1 
ATOM   686  N N   . VAL A 1 92  ? 6.499   -1.200  -1.467  1.00 8.15  ? 92  VAL A N   1 
ATOM   687  C CA  . VAL A 1 92  ? 7.852   -1.756  -1.551  1.00 9.71  ? 92  VAL A CA  1 
ATOM   688  C C   . VAL A 1 92  ? 8.204   -2.289  -2.938  1.00 11.96 ? 92  VAL A C   1 
ATOM   689  O O   . VAL A 1 92  ? 9.243   -1.921  -3.509  1.00 12.03 ? 92  VAL A O   1 
ATOM   690  C CB  . VAL A 1 92  ? 8.054   -2.852  -0.497  1.00 8.96  ? 92  VAL A CB  1 
ATOM   691  C CG1 . VAL A 1 92  ? 9.469   -3.419  -0.577  1.00 15.82 ? 92  VAL A CG1 1 
ATOM   692  C CG2 . VAL A 1 92  ? 7.780   -2.298  0.898   1.00 8.96  ? 92  VAL A CG2 1 
ATOM   693  N N   . ALA A 1 93  ? 7.352   -3.152  -3.486  1.00 8.19  ? 93  ALA A N   1 
ATOM   694  C CA  . ALA A 1 93  ? 7.614   -3.721  -4.813  1.00 12.02 ? 93  ALA A CA  1 
ATOM   695  C C   . ALA A 1 93  ? 7.194   -2.781  -5.940  1.00 12.97 ? 93  ALA A C   1 
ATOM   696  O O   . ALA A 1 93  ? 7.818   -2.749  -6.999  1.00 16.51 ? 93  ALA A O   1 
ATOM   697  C CB  . ALA A 1 93  ? 6.925   -5.090  -4.969  1.00 12.04 ? 93  ALA A CB  1 
ATOM   698  N N   . GLY A 1 94  ? 6.121   -2.025  -5.731  1.00 9.70  ? 94  GLY A N   1 
ATOM   699  C CA  . GLY A 1 94  ? 5.647   -1.149  -6.784  1.00 13.06 ? 94  GLY A CA  1 
ATOM   700  C C   . GLY A 1 94  ? 6.374   0.181   -6.828  1.00 12.64 ? 94  GLY A C   1 
ATOM   701  O O   . GLY A 1 94  ? 7.115   0.473   -7.769  1.00 16.38 ? 94  GLY A O   1 
ATOM   702  N N   . LEU A 1 95  ? 6.166   0.997   -5.807  1.00 12.25 ? 95  LEU A N   1 
ATOM   703  C CA  . LEU A 1 95  ? 6.690   2.351   -5.835  1.00 12.14 ? 95  LEU A CA  1 
ATOM   704  C C   . LEU A 1 95  ? 8.202   2.393   -5.640  1.00 10.43 ? 95  LEU A C   1 
ATOM   705  O O   . LEU A 1 95  ? 8.873   3.220   -6.242  1.00 16.04 ? 95  LEU A O   1 
ATOM   706  C CB  . LEU A 1 95  ? 5.968   3.248   -4.823  1.00 10.65 ? 95  LEU A CB  1 
ATOM   707  C CG  . LEU A 1 95  ? 4.451   3.446   -5.017  1.00 13.43 ? 95  LEU A CG  1 
ATOM   708  C CD1 . LEU A 1 95  ? 3.924   4.492   -4.066  1.00 15.68 ? 95  LEU A CD1 1 
ATOM   709  C CD2 . LEU A 1 95  ? 4.107   3.823   -6.444  1.00 20.33 ? 95  LEU A CD2 1 
ATOM   710  N N   . LEU A 1 96  ? 8.749   1.520   -4.804  1.00 9.75  ? 96  LEU A N   1 
ATOM   711  C CA  . LEU A 1 96  ? 10.194  1.558   -4.537  1.00 12.24 ? 96  LEU A CA  1 
ATOM   712  C C   . LEU A 1 96  ? 10.983  0.591   -5.417  1.00 17.97 ? 96  LEU A C   1 
ATOM   713  O O   . LEU A 1 96  ? 12.221  0.576   -5.392  1.00 15.01 ? 96  LEU A O   1 
ATOM   714  C CB  . LEU A 1 96  ? 10.487  1.291   -3.055  1.00 13.24 ? 96  LEU A CB  1 
ATOM   715  C CG  . LEU A 1 96  ? 10.034  2.408   -2.111  1.00 12.50 ? 96  LEU A CG  1 
ATOM   716  C CD1 . LEU A 1 96  ? 10.121  1.972   -0.652  1.00 10.70 ? 96  LEU A CD1 1 
ATOM   717  C CD2 . LEU A 1 96  ? 10.891  3.635   -2.346  1.00 14.04 ? 96  LEU A CD2 1 
ATOM   718  N N   . ASN A 1 97  ? 10.262  -0.198  -6.208  1.00 15.04 ? 97  ASN A N   1 
ATOM   719  C CA  . ASN A 1 97  ? 10.876  -1.187  -7.100  1.00 17.94 ? 97  ASN A CA  1 
ATOM   720  C C   . ASN A 1 97  ? 11.866  -2.096  -6.395  1.00 17.51 ? 97  ASN A C   1 
ATOM   721  O O   . ASN A 1 97  ? 12.974  -2.328  -6.881  1.00 22.05 ? 97  ASN A O   1 
ATOM   722  C CB  . ASN A 1 97  ? 11.540  -0.522  -8.314  1.00 19.70 ? 97  ASN A CB  1 
ATOM   723  C CG  . ASN A 1 97  ? 11.978  -1.541  -9.369  1.00 30.26 ? 97  ASN A CG  1 
ATOM   724  O OD1 . ASN A 1 97  ? 11.414  -2.632  -9.458  1.00 24.06 ? 97  ASN A OD1 1 
ATOM   725  N ND2 . ASN A 1 97  ? 13.001  -1.198  -10.148 1.00 31.03 ? 97  ASN A ND2 1 
ATOM   726  N N   . MET A 1 98  ? 11.473  -2.612  -5.238  1.00 14.84 ? 98  MET A N   1 
ATOM   727  C CA  . MET A 1 98  ? 12.327  -3.535  -4.514  1.00 14.58 ? 98  MET A CA  1 
ATOM   728  C C   . MET A 1 98  ? 11.851  -4.967  -4.667  1.00 22.83 ? 98  MET A C   1 
ATOM   729  O O   . MET A 1 98  ? 10.687  -5.277  -4.385  1.00 14.19 ? 98  MET A O   1 
ATOM   730  C CB  . MET A 1 98  ? 12.430  -3.144  -3.034  1.00 17.40 ? 98  MET A CB  1 
ATOM   731  C CG  . MET A 1 98  ? 13.139  -1.815  -2.819  1.00 17.91 ? 98  MET A CG  1 
ATOM   732  S SD  . MET A 1 98  ? 13.273  -1.365  -1.076  1.00 22.30 ? 98  MET A SD  1 
ATOM   733  C CE  . MET A 1 98  ? 13.710  0.323   -1.230  1.00 17.38 ? 98  MET A CE  1 
ATOM   734  N N   . THR A 1 99  ? 12.756  -5.828  -5.132  1.00 13.09 ? 99  THR A N   1 
ATOM   735  C CA  . THR A 1 99  ? 12.504  -7.264  -5.181  1.00 22.95 ? 99  THR A CA  1 
ATOM   736  C C   . THR A 1 99  ? 12.199  -7.864  -3.820  1.00 20.48 ? 99  THR A C   1 
ATOM   737  O O   . THR A 1 99  ? 13.066  -7.940  -2.954  1.00 23.56 ? 99  THR A O   1 
ATOM   738  C CB  . THR A 1 99  ? 13.713  -8.022  -5.725  1.00 22.28 ? 99  THR A CB  1 
ATOM   739  O OG1 . THR A 1 99  ? 14.037  -7.526  -7.026  1.00 25.16 ? 99  THR A OG1 1 
ATOM   740  C CG2 . THR A 1 99  ? 13.418  -9.515  -5.783  1.00 25.79 ? 99  THR A CG2 1 
ATOM   741  N N   . VAL A 1 100 ? 10.957  -8.293  -3.637  1.00 19.09 ? 100 VAL A N   1 
ATOM   742  C CA  . VAL A 1 100 ? 10.584  -9.081  -2.476  1.00 15.91 ? 100 VAL A CA  1 
ATOM   743  C C   . VAL A 1 100 ? 9.823   -10.291 -3.006  1.00 19.19 ? 100 VAL A C   1 
ATOM   744  O O   . VAL A 1 100 ? 9.039   -10.176 -3.950  1.00 19.71 ? 100 VAL A O   1 
ATOM   745  C CB  . VAL A 1 100 ? 9.729   -8.278  -1.470  1.00 18.39 ? 100 VAL A CB  1 
ATOM   746  C CG1 . VAL A 1 100 ? 10.541  -7.122  -0.878  1.00 16.63 ? 100 VAL A CG1 1 
ATOM   747  C CG2 . VAL A 1 100 ? 8.468   -7.747  -2.130  1.00 20.40 ? 100 VAL A CG2 1 
ATOM   748  N N   . SER A 1 101 ? 10.062  -11.451 -2.410  1.00 17.27 ? 101 SER A N   1 
ATOM   749  C CA  . SER A 1 101 ? 9.497   -12.696 -2.916  1.00 21.76 ? 101 SER A CA  1 
ATOM   750  C C   . SER A 1 101 ? 8.035   -12.881 -2.540  1.00 16.03 ? 101 SER A C   1 
ATOM   751  O O   . SER A 1 101 ? 7.261   -13.434 -3.310  1.00 17.75 ? 101 SER A O   1 
ATOM   752  C CB  . SER A 1 101 ? 10.298  -13.879 -2.382  1.00 25.18 ? 101 SER A CB  1 
ATOM   753  O OG  . SER A 1 101 ? 10.205  -13.925 -0.969  1.00 30.01 ? 101 SER A OG  1 
ATOM   754  N N   . THR A 1 102 ? 7.673   -12.420 -1.349  1.00 16.24 ? 102 THR A N   1 
ATOM   755  C CA  . THR A 1 102 ? 6.363   -12.663 -0.768  1.00 15.44 ? 102 THR A CA  1 
ATOM   756  C C   . THR A 1 102 ? 5.827   -11.392 -0.126  1.00 15.38 ? 102 THR A C   1 
ATOM   757  O O   . THR A 1 102 ? 6.578   -10.439 0.075   1.00 13.98 ? 102 THR A O   1 
ATOM   758  C CB  . THR A 1 102 ? 6.491   -13.659 0.373   1.00 19.05 ? 102 THR A CB  1 
ATOM   759  O OG1 . THR A 1 102 ? 7.401   -13.114 1.336   1.00 18.85 ? 102 THR A OG1 1 
ATOM   760  C CG2 . THR A 1 102 ? 7.035   -14.992 -0.129  1.00 25.01 ? 102 THR A CG2 1 
ATOM   761  N N   . ALA A 1 103 ? 4.544   -11.402 0.233   1.00 13.15 ? 103 ALA A N   1 
ATOM   762  C CA  . ALA A 1 103 ? 3.922   -10.264 0.914   1.00 14.13 ? 103 ALA A CA  1 
ATOM   763  C C   . ALA A 1 103 ? 4.509   -10.083 2.317   1.00 17.30 ? 103 ALA A C   1 
ATOM   764  O O   . ALA A 1 103 ? 4.634   -8.958  2.826   1.00 14.33 ? 103 ALA A O   1 
ATOM   765  C CB  . ALA A 1 103 ? 2.417   -10.448 0.981   1.00 19.44 ? 103 ALA A CB  1 
ATOM   766  N N   . ALA A 1 104 ? 4.873   -11.199 2.937   1.00 13.57 ? 104 ALA A N   1 
ATOM   767  C CA  . ALA A 1 104 ? 5.536   -11.186 4.239   1.00 14.50 ? 104 ALA A CA  1 
ATOM   768  C C   . ALA A 1 104 ? 6.871   -10.458 4.182   1.00 12.03 ? 104 ALA A C   1 
ATOM   769  O O   . ALA A 1 104 ? 7.226   -9.714  5.100   1.00 15.67 ? 104 ALA A O   1 
ATOM   770  C CB  . ALA A 1 104 ? 5.755   -12.613 4.703   1.00 21.75 ? 104 ALA A CB  1 
ATOM   771  N N   . ALA A 1 105 ? 7.613   -10.673 3.101   1.00 14.22 ? 105 ALA A N   1 
ATOM   772  C CA  . ALA A 1 105 ? 8.906   -10.026 2.929   1.00 13.85 ? 105 ALA A CA  1 
ATOM   773  C C   . ALA A 1 105 ? 8.740   -8.526  2.718   1.00 15.08 ? 105 ALA A C   1 
ATOM   774  O O   . ALA A 1 105 ? 9.556   -7.739  3.185   1.00 11.21 ? 105 ALA A O   1 
ATOM   775  C CB  . ALA A 1 105 ? 9.659   -10.638 1.779   1.00 14.60 ? 105 ALA A CB  1 
ATOM   776  N N   . ALA A 1 106 ? 7.688   -8.136  2.003   1.00 12.83 ? 106 ALA A N   1 
ATOM   777  C CA  . ALA A 1 106 ? 7.390   -6.718  1.800   1.00 13.37 ? 106 ALA A CA  1 
ATOM   778  C C   . ALA A 1 106 ? 7.039   -6.042  3.125   1.00 12.54 ? 106 ALA A C   1 
ATOM   779  O O   . ALA A 1 106 ? 7.479   -4.922  3.417   1.00 12.95 ? 106 ALA A O   1 
ATOM   780  C CB  . ALA A 1 106 ? 6.239   -6.567  0.829   1.00 12.86 ? 106 ALA A CB  1 
ATOM   781  N N   . GLU A 1 107 ? 6.214   -6.725  3.905   1.00 10.97 ? 107 GLU A N   1 
ATOM   782  C CA  . GLU A 1 107 ? 5.813   -6.257  5.225   1.00 12.66 ? 107 GLU A CA  1 
ATOM   783  C C   . GLU A 1 107 ? 7.036   -6.054  6.109   1.00 12.58 ? 107 GLU A C   1 
ATOM   784  O O   . GLU A 1 107 ? 7.156   -5.049  6.819   1.00 14.79 ? 107 GLU A O   1 
ATOM   785  C CB  . GLU A 1 107 ? 4.863   -7.273  5.856   1.00 14.49 ? 107 GLU A CB  1 
ATOM   786  C CG  . GLU A 1 107 ? 4.381   -6.927  7.266   1.00 18.59 ? 107 GLU A CG  1 
ATOM   787  C CD  . GLU A 1 107 ? 3.441   -7.993  7.812   1.00 32.11 ? 107 GLU A CD  1 
ATOM   788  O OE1 . GLU A 1 107 ? 3.865   -9.168  7.922   1.00 40.28 ? 107 GLU A OE1 1 
ATOM   789  O OE2 . GLU A 1 107 ? 2.272   -7.665  8.108   1.00 31.16 ? 107 GLU A OE2 1 
ATOM   790  N N   . ASN A 1 108 ? 7.947   -7.014  6.064   1.00 15.08 ? 108 ASN A N   1 
ATOM   791  C CA  . ASN A 1 108 ? 9.166   -6.929  6.857   1.00 16.79 ? 108 ASN A CA  1 
ATOM   792  C C   . ASN A 1 108 ? 10.052  -5.770  6.406   1.00 14.22 ? 108 ASN A C   1 
ATOM   793  O O   . ASN A 1 108 ? 10.596  -5.047  7.233   1.00 13.30 ? 108 ASN A O   1 
ATOM   794  C CB  . ASN A 1 108 ? 9.933   -8.252  6.813   1.00 15.96 ? 108 ASN A CB  1 
ATOM   795  C CG  . ASN A 1 108 ? 11.273  -8.166  7.510   1.00 20.29 ? 108 ASN A CG  1 
ATOM   796  O OD1 . ASN A 1 108 ? 11.398  -7.524  8.554   1.00 21.48 ? 108 ASN A OD1 1 
ATOM   797  N ND2 . ASN A 1 108 ? 12.292  -8.787  6.922   1.00 24.07 ? 108 ASN A ND2 1 
ATOM   798  N N   . MET A 1 109 ? 10.174  -5.583  5.094   1.00 13.06 ? 109 MET A N   1 
ATOM   799  C CA  . MET A 1 109 ? 10.973  -4.490  4.544   1.00 13.80 ? 109 MET A CA  1 
ATOM   800  C C   . MET A 1 109 ? 10.360  -3.120  4.834   1.00 13.20 ? 109 MET A C   1 
ATOM   801  O O   . MET A 1 109 ? 11.066  -2.168  5.160   1.00 11.18 ? 109 MET A O   1 
ATOM   802  C CB  . MET A 1 109 ? 11.176  -4.678  3.035   1.00 17.44 ? 109 MET A CB  1 
ATOM   803  C CG  . MET A 1 109 ? 12.192  -5.757  2.692   1.00 22.08 ? 109 MET A CG  1 
ATOM   804  S SD  . MET A 1 109 ? 13.864  -5.223  3.134   1.00 29.55 ? 109 MET A SD  1 
ATOM   805  C CE  . MET A 1 109 ? 14.095  -3.855  2.008   1.00 16.95 ? 109 MET A CE  1 
ATOM   806  N N   . TYR A 1 110 ? 9.043   -3.032  4.708   1.00 10.73 ? 110 TYR A N   1 
ATOM   807  C CA  . TYR A 1 110 ? 8.316   -1.800  5.005   1.00 9.23  ? 110 TYR A CA  1 
ATOM   808  C C   . TYR A 1 110 ? 8.584   -1.391  6.451   1.00 11.74 ? 110 TYR A C   1 
ATOM   809  O O   . TYR A 1 110 ? 8.843   -0.229  6.745   1.00 10.43 ? 110 TYR A O   1 
ATOM   810  C CB  . TYR A 1 110 ? 6.814   -2.023  4.773   1.00 11.79 ? 110 TYR A CB  1 
ATOM   811  C CG  . TYR A 1 110 ? 5.936   -0.780  4.799   1.00 9.39  ? 110 TYR A CG  1 
ATOM   812  C CD1 . TYR A 1 110 ? 5.699   -0.048  3.641   1.00 9.15  ? 110 TYR A CD1 1 
ATOM   813  C CD2 . TYR A 1 110 ? 5.313   -0.372  5.963   1.00 9.85  ? 110 TYR A CD2 1 
ATOM   814  C CE1 . TYR A 1 110 ? 4.874   1.070   3.658   1.00 8.54  ? 110 TYR A CE1 1 
ATOM   815  C CE2 . TYR A 1 110 ? 4.489   0.742   5.990   1.00 8.88  ? 110 TYR A CE2 1 
ATOM   816  C CZ  . TYR A 1 110 ? 4.281   1.459   4.838   1.00 10.37 ? 110 TYR A CZ  1 
ATOM   817  O OH  . TYR A 1 110 ? 3.464   2.565   4.855   1.00 11.49 ? 110 TYR A OH  1 
ATOM   818  N N   . SER A 1 111 ? 8.553   -2.363  7.355   1.00 12.99 ? 111 SER A N   1 
ATOM   819  C CA  . SER A 1 111 ? 8.826   -2.087  8.756   1.00 11.03 ? 111 SER A CA  1 
ATOM   820  C C   . SER A 1 111 ? 10.302  -1.687  9.013   1.00 16.31 ? 111 SER A C   1 
ATOM   821  O O   . SER A 1 111 ? 10.585  -0.728  9.747   1.00 13.76 ? 111 SER A O   1 
ATOM   822  C CB  . SER A 1 111 ? 8.415   -3.299  9.606   1.00 14.08 ? 111 SER A CB  1 
ATOM   823  O OG  . SER A 1 111 ? 8.813   -3.156  10.954  1.00 22.22 ? 111 SER A OG  1 
ATOM   824  N N   . GLN A 1 112 ? 11.243  -2.405  8.408   1.00 15.33 ? 112 GLN A N   1 
ATOM   825  C CA  . GLN A 1 112 ? 12.650  -2.115  8.660   1.00 14.78 ? 112 GLN A CA  1 
ATOM   826  C C   . GLN A 1 112 ? 13.053  -0.745  8.141   1.00 14.08 ? 112 GLN A C   1 
ATOM   827  O O   . GLN A 1 112 ? 13.932  -0.107  8.709   1.00 15.84 ? 112 GLN A O   1 
ATOM   828  C CB  . GLN A 1 112 ? 13.554  -3.197  8.080   1.00 14.42 ? 112 GLN A CB  1 
ATOM   829  C CG  . GLN A 1 112 ? 13.328  -4.555  8.701   1.00 14.58 ? 112 GLN A CG  1 
ATOM   830  C CD  . GLN A 1 112 ? 14.486  -5.494  8.459   1.00 27.39 ? 112 GLN A CD  1 
ATOM   831  O OE1 . GLN A 1 112 ? 15.641  -5.061  8.380   1.00 23.98 ? 112 GLN A OE1 1 
ATOM   832  N NE2 . GLN A 1 112 ? 14.190  -6.786  8.330   1.00 23.92 ? 112 GLN A NE2 1 
ATOM   833  N N   . MET A 1 113 ? 12.395  -0.280  7.080   1.00 12.22 ? 113 MET A N   1 
ATOM   834  C CA  . MET A 1 113 ? 12.683  1.047   6.533   1.00 11.71 ? 113 MET A CA  1 
ATOM   835  C C   . MET A 1 113 ? 12.013  2.179   7.312   1.00 13.10 ? 113 MET A C   1 
ATOM   836  O O   . MET A 1 113 ? 12.159  3.354   6.960   1.00 11.20 ? 113 MET A O   1 
ATOM   837  C CB  . MET A 1 113 ? 12.330  1.126   5.039   1.00 9.81  ? 113 MET A CB  1 
ATOM   838  C CG  . MET A 1 113 ? 13.208  0.214   4.162   1.00 11.23 ? 113 MET A CG  1 
ATOM   839  S SD  . MET A 1 113 ? 12.942  0.364   2.378   1.00 14.55 ? 113 MET A SD  1 
ATOM   840  C CE  . MET A 1 113 ? 11.301  -0.347  2.152   1.00 10.31 ? 113 MET A CE  1 
ATOM   841  N N   . GLY A 1 114 ? 11.291  1.829   8.373   1.00 14.82 ? 114 GLY A N   1 
ATOM   842  C CA  . GLY A 1 114 ? 10.719  2.833   9.261   1.00 11.57 ? 114 GLY A CA  1 
ATOM   843  C C   . GLY A 1 114 ? 9.405   3.415   8.771   1.00 15.09 ? 114 GLY A C   1 
ATOM   844  O O   . GLY A 1 114 ? 8.897   4.400   9.321   1.00 15.66 ? 114 GLY A O   1 
ATOM   845  N N   . LEU A 1 115 ? 8.820   2.793   7.753   1.00 13.22 ? 115 LEU A N   1 
ATOM   846  C CA  . LEU A 1 115 ? 7.654   3.381   7.101   1.00 12.39 ? 115 LEU A CA  1 
ATOM   847  C C   . LEU A 1 115 ? 6.351   3.258   7.902   1.00 13.21 ? 115 LEU A C   1 
ATOM   848  O O   . LEU A 1 115 ? 5.367   3.930   7.591   1.00 12.92 ? 115 LEU A O   1 
ATOM   849  C CB  . LEU A 1 115 ? 7.487   2.819   5.688   1.00 13.29 ? 115 LEU A CB  1 
ATOM   850  C CG  . LEU A 1 115 ? 8.590   3.227   4.703   1.00 14.07 ? 115 LEU A CG  1 
ATOM   851  C CD1 . LEU A 1 115 ? 8.424   2.475   3.401   1.00 8.81  ? 115 LEU A CD1 1 
ATOM   852  C CD2 . LEU A 1 115 ? 8.564   4.722   4.429   1.00 17.20 ? 115 LEU A CD2 1 
ATOM   853  N N   . ASP A 1 116 ? 6.340   2.403   8.921   1.00 9.78  ? 116 ASP A N   1 
ATOM   854  C CA  . ASP A 1 116 ? 5.154   2.272   9.764   1.00 14.36 ? 116 ASP A CA  1 
ATOM   855  C C   . ASP A 1 116 ? 5.001   3.500   10.669  1.00 14.91 ? 116 ASP A C   1 
ATOM   856  O O   . ASP A 1 116 ? 3.919   3.774   11.191  1.00 16.73 ? 116 ASP A O   1 
ATOM   857  C CB  . ASP A 1 116 ? 5.202   0.986   10.592  1.00 10.86 ? 116 ASP A CB  1 
ATOM   858  C CG  . ASP A 1 116 ? 4.973   -0.257  9.757   1.00 14.94 ? 116 ASP A CG  1 
ATOM   859  O OD1 . ASP A 1 116 ? 3.934   -0.337  9.061   1.00 17.40 ? 116 ASP A OD1 1 
ATOM   860  O OD2 . ASP A 1 116 ? 5.835   -1.162  9.791   1.00 17.77 ? 116 ASP A OD2 1 
ATOM   861  N N   . THR A 1 117 ? 6.086   4.247   10.846  1.00 14.40 ? 117 THR A N   1 
ATOM   862  C CA  . THR A 1 117 ? 6.019   5.509   11.577  1.00 16.98 ? 117 THR A CA  1 
ATOM   863  C C   . THR A 1 117 ? 5.201   6.513   10.787  1.00 18.35 ? 117 THR A C   1 
ATOM   864  O O   . THR A 1 117 ? 5.399   6.656   9.586   1.00 18.99 ? 117 THR A O   1 
ATOM   865  C CB  . THR A 1 117 ? 7.436   6.085   11.796  1.00 18.00 ? 117 THR A CB  1 
ATOM   866  O OG1 . THR A 1 117 ? 8.140   5.254   12.721  1.00 17.63 ? 117 THR A OG1 1 
ATOM   867  C CG2 . THR A 1 117 ? 7.370   7.509   12.349  1.00 24.32 ? 117 THR A CG2 1 
ATOM   868  N N   . ARG A 1 118 ? 4.266   7.191   11.452  1.00 17.81 ? 118 ARG A N   1 
ATOM   869  C CA  . ARG A 1 118 ? 3.518   8.275   10.831  1.00 20.95 ? 118 ARG A CA  1 
ATOM   870  C C   . ARG A 1 118 ? 4.261   9.593   11.019  1.00 22.81 ? 118 ARG A C   1 
ATOM   871  O O   . ARG A 1 118 ? 4.303   10.150  12.122  1.00 25.87 ? 118 ARG A O   1 
ATOM   872  C CB  . ARG A 1 118 ? 2.110   8.405   11.431  1.00 20.19 ? 118 ARG A CB  1 
ATOM   873  C CG  . ARG A 1 118 ? 1.296   9.517   10.765  1.00 18.35 ? 118 ARG A CG  1 
ATOM   874  C CD  . ARG A 1 118 ? -0.044  9.761   11.459  1.00 18.18 ? 118 ARG A CD  1 
ATOM   875  N NE  . ARG A 1 118 ? -0.961  10.487  10.589  1.00 14.93 ? 118 ARG A NE  1 
ATOM   876  C CZ  . ARG A 1 118 ? -1.991  9.920   9.967   1.00 16.46 ? 118 ARG A CZ  1 
ATOM   877  N NH1 . ARG A 1 118 ? -2.244  8.630   10.146  1.00 17.46 ? 118 ARG A NH1 1 
ATOM   878  N NH2 . ARG A 1 118 ? -2.773  10.639  9.173   1.00 18.17 ? 118 ARG A NH2 1 
ATOM   879  N N   . PRO A 1 119 ? 4.825   10.114  9.935   1.00 21.05 ? 119 PRO A N   1 
ATOM   880  C CA  . PRO A 1 119 ? 5.592   11.360  10.009  1.00 28.19 ? 119 PRO A CA  1 
ATOM   881  C C   . PRO A 1 119 ? 4.696   12.532  10.399  1.00 31.26 ? 119 PRO A C   1 
ATOM   882  O O   . PRO A 1 119 ? 3.522   12.539  10.039  1.00 25.90 ? 119 PRO A O   1 
ATOM   883  C CB  . PRO A 1 119 ? 6.099   11.539  8.574   1.00 28.19 ? 119 PRO A CB  1 
ATOM   884  C CG  . PRO A 1 119 ? 5.100   10.808  7.730   1.00 29.83 ? 119 PRO A CG  1 
ATOM   885  C CD  . PRO A 1 119 ? 4.664   9.629   8.554   1.00 18.23 ? 119 PRO A CD  1 
ATOM   886  N N   . SER A 1 120 ? 5.237   13.496  11.140  1.00 27.58 ? 120 SER A N   1 
ATOM   887  C CA  . SER A 1 120 ? 4.499   14.719  11.430  1.00 33.32 ? 120 SER A CA  1 
ATOM   888  C C   . SER A 1 120 ? 4.399   15.545  10.155  1.00 36.52 ? 120 SER A C   1 
ATOM   889  O O   . SER A 1 120 ? 5.087   15.261  9.176   1.00 31.65 ? 120 SER A O   1 
ATOM   890  C CB  . SER A 1 120 ? 5.199   15.531  12.522  1.00 26.53 ? 120 SER A CB  1 
ATOM   891  O OG  . SER A 1 120 ? 6.424   16.071  12.049  1.00 32.03 ? 120 SER A OG  1 
ATOM   892  N N   . MET A 1 121 ? 3.548   16.570  10.168  1.00 37.24 ? 121 MET A N   1 
ATOM   893  C CA  . MET A 1 121 ? 3.429   17.468  9.020   1.00 39.11 ? 121 MET A CA  1 
ATOM   894  C C   . MET A 1 121 ? 4.704   18.279  8.782   1.00 43.75 ? 121 MET A C   1 
ATOM   895  O O   . MET A 1 121 ? 5.112   18.483  7.638   1.00 43.07 ? 121 MET A O   1 
ATOM   896  C CB  . MET A 1 121 ? 2.222   18.396  9.165   1.00 42.28 ? 121 MET A CB  1 
ATOM   897  C CG  . MET A 1 121 ? 0.898   17.715  8.850   1.00 46.45 ? 121 MET A CG  1 
ATOM   898  S SD  . MET A 1 121 ? -0.495  18.854  8.850   1.00 63.15 ? 121 MET A SD  1 
ATOM   899  C CE  . MET A 1 121 ? 0.106   20.120  7.731   1.00 46.67 ? 121 MET A CE  1 
ATOM   900  N N   . LYS A 1 122 ? 5.330   18.736  9.864   1.00 41.73 ? 122 LYS A N   1 
ATOM   901  C CA  . LYS A 1 122 ? 6.614   19.425  9.761   1.00 41.20 ? 122 LYS A CA  1 
ATOM   902  C C   . LYS A 1 122 ? 7.710   18.502  9.225   1.00 40.77 ? 122 LYS A C   1 
ATOM   903  O O   . LYS A 1 122 ? 8.541   18.924  8.417   1.00 41.42 ? 122 LYS A O   1 
ATOM   904  C CB  . LYS A 1 122 ? 7.025   20.022  11.109  1.00 39.22 ? 122 LYS A CB  1 
ATOM   905  C CG  . LYS A 1 122 ? 6.404   21.387  11.384  1.00 44.74 ? 122 LYS A CG  1 
ATOM   906  C CD  . LYS A 1 122 ? 6.982   22.029  12.638  1.00 44.09 ? 122 LYS A CD  1 
ATOM   907  C CE  . LYS A 1 122 ? 6.449   23.442  12.829  1.00 40.24 ? 122 LYS A CE  1 
ATOM   908  N NZ  . LYS A 1 122 ? 4.961   23.473  12.908  1.00 49.84 ? 122 LYS A NZ  1 
ATOM   909  N N   . GLU A 1 123 ? 7.703   17.250  9.673   1.00 39.54 ? 123 GLU A N   1 
ATOM   910  C CA  . GLU A 1 123 ? 8.667   16.252  9.210   1.00 36.79 ? 123 GLU A CA  1 
ATOM   911  C C   . GLU A 1 123 ? 8.533   16.032  7.711   1.00 42.70 ? 123 GLU A C   1 
ATOM   912  O O   . GLU A 1 123 ? 9.527   15.845  7.005   1.00 43.53 ? 123 GLU A O   1 
ATOM   913  C CB  . GLU A 1 123 ? 8.455   14.924  9.947   1.00 35.92 ? 123 GLU A CB  1 
ATOM   914  C CG  . GLU A 1 123 ? 9.447   13.823  9.591   1.00 37.32 ? 123 GLU A CG  1 
ATOM   915  C CD  . GLU A 1 123 ? 9.309   12.603  10.495  1.00 40.19 ? 123 GLU A CD  1 
ATOM   916  O OE1 . GLU A 1 123 ? 10.155  11.683  10.404  1.00 43.64 ? 123 GLU A OE1 1 
ATOM   917  O OE2 . GLU A 1 123 ? 8.352   12.565  11.301  1.00 36.25 ? 123 GLU A OE2 1 
ATOM   918  N N   . ALA A 1 124 ? 7.293   16.071  7.231   1.00 38.90 ? 124 ALA A N   1 
ATOM   919  C CA  . ALA A 1 124 ? 6.994   15.814  5.830   1.00 39.74 ? 124 ALA A CA  1 
ATOM   920  C C   . ALA A 1 124 ? 7.410   16.963  4.904   1.00 41.80 ? 124 ALA A C   1 
ATOM   921  O O   . ALA A 1 124 ? 7.513   16.782  3.690   1.00 42.44 ? 124 ALA A O   1 
ATOM   922  C CB  . ALA A 1 124 ? 5.515   15.504  5.662   1.00 38.45 ? 124 ALA A CB  1 
ATOM   923  N N   . GLY A 1 125 ? 7.640   18.143  5.475   1.00 34.77 ? 125 GLY A N   1 
ATOM   924  C CA  . GLY A 1 125 ? 8.077   19.288  4.697   1.00 35.13 ? 125 GLY A CA  1 
ATOM   925  C C   . GLY A 1 125 ? 6.926   20.091  4.116   1.00 39.31 ? 125 GLY A C   1 
ATOM   926  O O   . GLY A 1 125 ? 6.988   21.318  4.017   1.00 42.34 ? 125 GLY A O   1 
ATOM   927  N N   . GLY A 1 126 ? 5.868   19.391  3.730   1.00 42.34 ? 126 GLY A N   1 
ATOM   928  C CA  . GLY A 1 126 ? 4.684   20.025  3.190   1.00 42.43 ? 126 GLY A CA  1 
ATOM   929  C C   . GLY A 1 126 ? 3.812   19.022  2.463   1.00 42.44 ? 126 GLY A C   1 
ATOM   930  O O   . GLY A 1 126 ? 4.314   18.166  1.732   1.00 44.59 ? 126 GLY A O   1 
ATOM   931  N N   . LYS A 1 127 ? 2.501   19.130  2.666   1.00 46.30 ? 127 LYS A N   1 
ATOM   932  C CA  . LYS A 1 127 ? 1.528   18.309  1.944   1.00 47.30 ? 127 LYS A CA  1 
ATOM   933  C C   . LYS A 1 127 ? 1.676   18.455  0.424   1.00 38.14 ? 127 LYS A C   1 
ATOM   934  O O   . LYS A 1 127 ? 2.380   19.345  -0.057  1.00 44.22 ? 127 LYS A O   1 
ATOM   935  C CB  . LYS A 1 127 ? 0.107   18.681  2.380   1.00 45.83 ? 127 LYS A CB  1 
ATOM   936  C CG  . LYS A 1 127 ? -0.129  20.185  2.446   1.00 43.47 ? 127 LYS A CG  1 
ATOM   937  C CD  . LYS A 1 127 ? -0.496  20.633  3.851   1.00 47.06 ? 127 LYS A CD  1 
ATOM   938  C CE  . LYS A 1 127 ? -1.868  20.107  4.256   1.00 45.61 ? 127 LYS A CE  1 
ATOM   939  N NZ  . LYS A 1 127 ? -2.334  20.692  5.542   1.00 45.22 ? 127 LYS A NZ  1 
ATOM   940  N N   . GLU A 1 128 ? 1.016   17.581  -0.333  1.00 34.53 ? 128 GLU A N   1 
ATOM   941  C CA  . GLU A 1 128 ? 1.128   17.612  -1.787  1.00 34.46 ? 128 GLU A CA  1 
ATOM   942  C C   . GLU A 1 128 ? 0.040   18.490  -2.403  1.00 35.47 ? 128 GLU A C   1 
ATOM   943  O O   . GLU A 1 128 ? -1.129  18.106  -2.443  1.00 28.72 ? 128 GLU A O   1 
ATOM   944  C CB  . GLU A 1 128 ? 1.050   16.193  -2.357  1.00 40.60 ? 128 GLU A CB  1 
ATOM   945  C CG  . GLU A 1 128 ? 2.001   15.925  -3.521  1.00 35.94 ? 128 GLU A CG  1 
ATOM   946  C CD  . GLU A 1 128 ? 1.366   16.186  -4.878  1.00 44.29 ? 128 GLU A CD  1 
ATOM   947  O OE1 . GLU A 1 128 ? 1.787   15.537  -5.862  1.00 43.24 ? 128 GLU A OE1 1 
ATOM   948  O OE2 . GLU A 1 128 ? 0.449   17.034  -4.969  1.00 44.96 ? 128 GLU A OE2 1 
ATOM   949  N N   . GLU A 1 129 ? 0.440   19.660  -2.894  1.00 25.90 ? 129 GLU A N   1 
ATOM   950  C CA  . GLU A 1 129 ? -0.487  20.629  -3.472  1.00 25.10 ? 129 GLU A CA  1 
ATOM   951  C C   . GLU A 1 129 ? -0.097  20.974  -4.909  1.00 20.73 ? 129 GLU A C   1 
ATOM   952  O O   . GLU A 1 129 ? 0.834   21.750  -5.140  1.00 21.01 ? 129 GLU A O   1 
ATOM   953  C CB  . GLU A 1 129 ? -0.504  21.888  -2.616  1.00 21.29 ? 129 GLU A CB  1 
ATOM   954  C CG  . GLU A 1 129 ? -0.872  21.605  -1.156  1.00 25.86 ? 129 GLU A CG  1 
ATOM   955  C CD  . GLU A 1 129 ? -0.441  22.713  -0.219  1.00 37.53 ? 129 GLU A CD  1 
ATOM   956  O OE1 . GLU A 1 129 ? 0.421   23.517  -0.613  1.00 38.97 ? 129 GLU A OE1 1 
ATOM   957  O OE2 . GLU A 1 129 ? -0.953  22.782  0.916   1.00 44.29 ? 129 GLU A OE2 1 
ATOM   958  N N   . GLY A 1 130 ? -0.805  20.391  -5.868  1.00 18.62 ? 130 GLY A N   1 
ATOM   959  C CA  . GLY A 1 130 ? -0.503  20.595  -7.275  1.00 20.86 ? 130 GLY A CA  1 
ATOM   960  C C   . GLY A 1 130 ? -1.744  20.682  -8.139  1.00 20.29 ? 130 GLY A C   1 
ATOM   961  O O   . GLY A 1 130 ? -2.860  20.531  -7.639  1.00 18.64 ? 130 GLY A O   1 
ATOM   962  N N   . PRO A 1 131 ? -1.558  20.895  -9.450  1.00 17.96 ? 131 PRO A N   1 
ATOM   963  C CA  . PRO A 1 131 ? -2.681  21.080  -10.381 1.00 18.95 ? 131 PRO A CA  1 
ATOM   964  C C   . PRO A 1 131 ? -3.476  19.798  -10.612 1.00 22.34 ? 131 PRO A C   1 
ATOM   965  O O   . PRO A 1 131 ? -2.929  18.706  -10.520 1.00 19.54 ? 131 PRO A O   1 
ATOM   966  C CB  . PRO A 1 131 ? -1.998  21.531  -11.671 1.00 20.49 ? 131 PRO A CB  1 
ATOM   967  C CG  . PRO A 1 131 ? -0.608  20.966  -11.590 1.00 22.53 ? 131 PRO A CG  1 
ATOM   968  C CD  . PRO A 1 131 ? -0.247  20.960  -10.124 1.00 21.47 ? 131 PRO A CD  1 
ATOM   969  N N   . PRO A 1 132 ? -4.775  19.932  -10.898 1.00 19.47 ? 132 PRO A N   1 
ATOM   970  C CA  . PRO A 1 132 ? -5.653  18.763  -11.044 1.00 23.19 ? 132 PRO A CA  1 
ATOM   971  C C   . PRO A 1 132 ? -5.371  17.853  -12.253 1.00 29.29 ? 132 PRO A C   1 
ATOM   972  O O   . PRO A 1 132 ? -5.793  16.694  -12.235 1.00 36.58 ? 132 PRO A O   1 
ATOM   973  C CB  . PRO A 1 132 ? -7.057  19.383  -11.148 1.00 20.88 ? 132 PRO A CB  1 
ATOM   974  C CG  . PRO A 1 132 ? -6.818  20.811  -11.544 1.00 24.10 ? 132 PRO A CG  1 
ATOM   975  C CD  . PRO A 1 132 ? -5.525  21.198  -10.908 1.00 17.91 ? 132 PRO A CD  1 
ATOM   976  N N   . GLN A 1 133 ? -4.672  18.346  -13.271 1.00 26.54 ? 133 GLN A N   1 
ATOM   977  C CA  . GLN A 1 133 ? -4.495  17.555  -14.490 1.00 35.59 ? 133 GLN A CA  1 
ATOM   978  C C   . GLN A 1 133 ? -3.105  17.686  -15.126 1.00 35.85 ? 133 GLN A C   1 
ATOM   979  O O   . GLN A 1 133 ? -2.338  18.594  -14.800 1.00 38.65 ? 133 GLN A O   1 
ATOM   980  C CB  . GLN A 1 133 ? -5.584  17.909  -15.511 1.00 35.46 ? 133 GLN A CB  1 
ATOM   981  C CG  . GLN A 1 133 ? -5.679  16.943  -16.689 1.00 45.36 ? 133 GLN A CG  1 
ATOM   982  C CD  . GLN A 1 133 ? -7.058  16.318  -16.820 1.00 47.79 ? 133 GLN A CD  1 
ATOM   983  O OE1 . GLN A 1 133 ? -7.362  15.313  -16.174 1.00 52.32 ? 133 GLN A OE1 1 
ATOM   984  N NE2 . GLN A 1 133 ? -7.902  16.914  -17.655 1.00 48.57 ? 133 GLN A NE2 1 
HETATM 985  C C1  . EDO B 2 .   ? -11.895 -3.616  11.652  1.00 24.60 ? 201 EDO A C1  1 
HETATM 986  O O1  . EDO B 2 .   ? -11.420 -2.330  11.256  1.00 26.97 ? 201 EDO A O1  1 
HETATM 987  C C2  . EDO B 2 .   ? -11.495 -4.595  10.561  1.00 23.03 ? 201 EDO A C2  1 
HETATM 988  O O2  . EDO B 2 .   ? -11.731 -3.992  9.282   1.00 25.05 ? 201 EDO A O2  1 
HETATM 989  C C1  . EDO C 2 .   ? 4.218   -2.020  -17.863 1.00 30.17 ? 202 EDO A C1  1 
HETATM 990  O O1  . EDO C 2 .   ? 4.020   -0.763  -18.533 1.00 35.24 ? 202 EDO A O1  1 
HETATM 991  C C2  . EDO C 2 .   ? 3.737   -3.173  -18.743 1.00 37.27 ? 202 EDO A C2  1 
HETATM 992  O O2  . EDO C 2 .   ? 2.359   -3.479  -18.460 1.00 33.18 ? 202 EDO A O2  1 
HETATM 993  C C1  . EDO D 2 .   ? -1.486  -5.189  10.079  1.00 30.25 ? 203 EDO A C1  1 
HETATM 994  O O1  . EDO D 2 .   ? -0.904  -4.169  10.905  1.00 25.99 ? 203 EDO A O1  1 
HETATM 995  C C2  . EDO D 2 .   ? -0.480  -6.295  9.794   1.00 33.78 ? 203 EDO A C2  1 
HETATM 996  O O2  . EDO D 2 .   ? -0.939  -7.035  8.652   1.00 32.79 ? 203 EDO A O2  1 
HETATM 997  C C1  . EDO E 2 .   ? 0.901   4.871   -8.621  1.00 23.53 ? 204 EDO A C1  1 
HETATM 998  O O1  . EDO E 2 .   ? -0.298  5.399   -8.048  1.00 30.16 ? 204 EDO A O1  1 
HETATM 999  C C2  . EDO E 2 .   ? 1.848   6.026   -8.920  1.00 29.00 ? 204 EDO A C2  1 
HETATM 1000 O O2  . EDO E 2 .   ? 3.080   5.492   -9.419  1.00 34.35 ? 204 EDO A O2  1 
HETATM 1001 O O   . HOH F 3 .   ? -5.119  2.103   -18.474 1.00 24.42 ? 301 HOH A O   1 
HETATM 1002 O O   . HOH F 3 .   ? -6.107  6.861   -1.297  1.00 15.95 ? 302 HOH A O   1 
HETATM 1003 O O   . HOH F 3 .   ? 1.379   2.961   11.143  1.00 16.69 ? 303 HOH A O   1 
HETATM 1004 O O   . HOH F 3 .   ? -6.472  -8.667  -11.699 1.00 17.26 ? 304 HOH A O   1 
HETATM 1005 O O   . HOH F 3 .   ? 0.092   6.552   -13.407 1.00 20.49 ? 305 HOH A O   1 
HETATM 1006 O O   . HOH F 3 .   ? 1.383   -5.763  7.384   1.00 21.83 ? 306 HOH A O   1 
HETATM 1007 O O   . HOH F 3 .   ? -11.305 -1.472  7.646   1.00 18.49 ? 307 HOH A O   1 
HETATM 1008 O O   . HOH F 3 .   ? -6.528  -9.464  -9.372  1.00 20.17 ? 308 HOH A O   1 
HETATM 1009 O O   . HOH F 3 .   ? 5.258   -3.227  8.506   1.00 14.26 ? 309 HOH A O   1 
HETATM 1010 O O   . HOH F 3 .   ? 0.706   -4.090  -15.621 1.00 23.28 ? 310 HOH A O   1 
HETATM 1011 O O   . HOH F 3 .   ? 2.595   3.446   7.146   1.00 11.53 ? 311 HOH A O   1 
HETATM 1012 O O   . HOH F 3 .   ? 12.322  -11.398 -0.547  1.00 20.22 ? 312 HOH A O   1 
HETATM 1013 O O   . HOH F 3 .   ? -10.466 2.666   -5.931  1.00 25.72 ? 313 HOH A O   1 
HETATM 1014 O O   . HOH F 3 .   ? -5.347  3.757   16.616  1.00 21.11 ? 314 HOH A O   1 
HETATM 1015 O O   . HOH F 3 .   ? -7.547  13.157  -5.485  1.00 27.31 ? 315 HOH A O   1 
HETATM 1016 O O   . HOH F 3 .   ? 0.560   -11.837 -11.148 1.00 24.71 ? 316 HOH A O   1 
HETATM 1017 O O   . HOH F 3 .   ? -2.664  -8.362  -12.846 1.00 23.73 ? 317 HOH A O   1 
HETATM 1018 O O   . HOH F 3 .   ? -16.343 1.050   12.334  1.00 27.04 ? 318 HOH A O   1 
HETATM 1019 O O   . HOH F 3 .   ? -10.185 11.287  -0.715  1.00 20.21 ? 319 HOH A O   1 
HETATM 1020 O O   . HOH F 3 .   ? 6.699   10.447  -1.661  1.00 19.52 ? 320 HOH A O   1 
HETATM 1021 O O   . HOH F 3 .   ? -10.812 6.806   14.311  1.00 32.63 ? 321 HOH A O   1 
HETATM 1022 O O   . HOH F 3 .   ? 6.513   -17.669 -4.924  1.00 31.32 ? 322 HOH A O   1 
HETATM 1023 O O   . HOH F 3 .   ? -4.561  8.976   -0.755  1.00 19.70 ? 323 HOH A O   1 
HETATM 1024 O O   . HOH F 3 .   ? -5.882  7.899   11.812  1.00 23.74 ? 324 HOH A O   1 
HETATM 1025 O O   . HOH F 3 .   ? 3.382   -13.939 2.399   1.00 22.58 ? 325 HOH A O   1 
HETATM 1026 O O   . HOH F 3 .   ? 8.422   0.910   10.405  1.00 18.88 ? 326 HOH A O   1 
HETATM 1027 O O   . HOH F 3 .   ? 0.365   4.919   12.337  1.00 19.28 ? 327 HOH A O   1 
HETATM 1028 O O   . HOH F 3 .   ? 5.906   3.308   -11.679 1.00 23.53 ? 328 HOH A O   1 
# 
loop_
_pdbx_poly_seq_scheme.asym_id 
_pdbx_poly_seq_scheme.entity_id 
_pdbx_poly_seq_scheme.seq_id 
_pdbx_poly_seq_scheme.mon_id 
_pdbx_poly_seq_scheme.ndb_seq_num 
_pdbx_poly_seq_scheme.pdb_seq_num 
_pdbx_poly_seq_scheme.auth_seq_num 
_pdbx_poly_seq_scheme.pdb_mon_id 
_pdbx_poly_seq_scheme.auth_mon_id 
_pdbx_poly_seq_scheme.pdb_strand_id 
_pdbx_poly_seq_scheme.pdb_ins_code 
_pdbx_poly_seq_scheme.hetero 
A 1 1   MET 1   1   ?   ?   ?   A . n 
A 1 2   GLY 2   2   ?   ?   ?   A . n 
A 1 3   ASN 3   3   ?   ?   ?   A . n 
A 1 4   GLY 4   4   4   GLY GLY A . n 
A 1 5   GLN 5   5   5   GLN GLN A . n 
A 1 6   GLY 6   6   6   GLY GLY A . n 
A 1 7   ARG 7   7   7   ARG ARG A . n 
A 1 8   ASP 8   8   8   ASP ASP A . n 
A 1 9   TRP 9   9   9   TRP TRP A . n 
A 1 10  LYS 10  10  10  LYS LYS A . n 
A 1 11  MET 11  11  11  MET MET A . n 
A 1 12  ALA 12  12  12  ALA ALA A . n 
A 1 13  ILE 13  13  13  ILE ILE A . n 
A 1 14  LYS 14  14  14  LYS LYS A . n 
A 1 15  ARG 15  15  15  ARG ARG A . n 
A 1 16  CYS 16  16  16  CYS CYS A . n 
A 1 17  SER 17  17  17  SER SER A . n 
A 1 18  ASN 18  18  18  ASN ASN A . n 
A 1 19  VAL 19  19  19  VAL VAL A . n 
A 1 20  ALA 20  20  20  ALA ALA A . n 
A 1 21  VAL 21  21  21  VAL VAL A . n 
A 1 22  GLY 22  22  22  GLY GLY A . n 
A 1 23  VAL 23  23  23  VAL VAL A . n 
A 1 24  GLY 24  24  24  GLY GLY A . n 
A 1 25  GLY 25  25  25  GLY GLY A . n 
A 1 26  LYS 26  26  26  LYS LYS A . n 
A 1 27  SER 27  27  27  SER SER A . n 
A 1 28  LYS 28  28  28  LYS LYS A . n 
A 1 29  LYS 29  29  29  LYS LYS A . n 
A 1 30  PHE 30  30  30  PHE PHE A . n 
A 1 31  GLY 31  31  31  GLY GLY A . n 
A 1 32  GLU 32  32  32  GLU GLU A . n 
A 1 33  GLY 33  33  33  GLY GLY A . n 
A 1 34  ASN 34  34  34  ASN ASN A . n 
A 1 35  PHE 35  35  35  PHE PHE A . n 
A 1 36  ARG 36  36  36  ARG ARG A . n 
A 1 37  TRP 37  37  37  TRP TRP A . n 
A 1 38  ALA 38  38  38  ALA ALA A . n 
A 1 39  ILE 39  39  39  ILE ILE A . n 
A 1 40  ARG 40  40  40  ARG ARG A . n 
A 1 41  MET 41  41  41  MET MET A . n 
A 1 42  ALA 42  42  42  ALA ALA A . n 
A 1 43  ASN 43  43  43  ASN ASN A . n 
A 1 44  VAL 44  44  44  VAL VAL A . n 
A 1 45  SER 45  45  45  SER SER A . n 
A 1 46  THR 46  46  46  THR THR A . n 
A 1 47  GLY 47  47  47  GLY GLY A . n 
A 1 48  ARG 48  48  48  ARG ARG A . n 
A 1 49  GLU 49  49  49  GLU GLU A . n 
A 1 50  PRO 50  50  50  PRO PRO A . n 
A 1 51  GLY 51  51  51  GLY GLY A . n 
A 1 52  ASP 52  52  52  ASP ASP A . n 
A 1 53  ILE 53  53  53  ILE ILE A . n 
A 1 54  PRO 54  54  54  PRO PRO A . n 
A 1 55  GLU 55  55  55  GLU GLU A . n 
A 1 56  THR 56  56  56  THR THR A . n 
A 1 57  LEU 57  57  57  LEU LEU A . n 
A 1 58  ASP 58  58  58  ASP ASP A . n 
A 1 59  GLN 59  59  59  GLN GLN A . n 
A 1 60  LEU 60  60  60  LEU LEU A . n 
A 1 61  ARG 61  61  61  ARG ARG A . n 
A 1 62  LEU 62  62  62  LEU LEU A . n 
A 1 63  VAL 63  63  63  VAL VAL A . n 
A 1 64  ILE 64  64  64  ILE ILE A . n 
A 1 65  CYS 65  65  65  CYS CYS A . n 
A 1 66  ASP 66  66  66  ASP ASP A . n 
A 1 67  LEU 67  67  67  LEU LEU A . n 
A 1 68  GLN 68  68  68  GLN GLN A . n 
A 1 69  GLU 69  69  69  GLU GLU A . n 
A 1 70  ARG 70  70  70  ARG ARG A . n 
A 1 71  ARG 71  71  71  ARG ARG A . n 
A 1 72  GLU 72  72  72  GLU GLU A . n 
A 1 73  LYS 73  73  73  LYS LYS A . n 
A 1 74  PHE 74  74  74  PHE PHE A . n 
A 1 75  GLY 75  75  75  GLY GLY A . n 
A 1 76  SER 76  76  76  SER SER A . n 
A 1 77  SER 77  77  77  SER SER A . n 
A 1 78  LYS 78  78  78  LYS LYS A . n 
A 1 79  GLU 79  79  79  GLU GLU A . n 
A 1 80  ILE 80  80  80  ILE ILE A . n 
A 1 81  ASP 81  81  81  ASP ASP A . n 
A 1 82  MET 82  82  82  MET MET A . n 
A 1 83  ALA 83  83  83  ALA ALA A . n 
A 1 84  ILE 84  84  84  ILE ILE A . n 
A 1 85  VAL 85  85  85  VAL VAL A . n 
A 1 86  THR 86  86  86  THR THR A . n 
A 1 87  LEU 87  87  87  LEU LEU A . n 
A 1 88  LYS 88  88  88  LYS LYS A . n 
A 1 89  VAL 89  89  89  VAL VAL A . n 
A 1 90  PHE 90  90  90  PHE PHE A . n 
A 1 91  ALA 91  91  91  ALA ALA A . n 
A 1 92  VAL 92  92  92  VAL VAL A . n 
A 1 93  ALA 93  93  93  ALA ALA A . n 
A 1 94  GLY 94  94  94  GLY GLY A . n 
A 1 95  LEU 95  95  95  LEU LEU A . n 
A 1 96  LEU 96  96  96  LEU LEU A . n 
A 1 97  ASN 97  97  97  ASN ASN A . n 
A 1 98  MET 98  98  98  MET MET A . n 
A 1 99  THR 99  99  99  THR THR A . n 
A 1 100 VAL 100 100 100 VAL VAL A . n 
A 1 101 SER 101 101 101 SER SER A . n 
A 1 102 THR 102 102 102 THR THR A . n 
A 1 103 ALA 103 103 103 ALA ALA A . n 
A 1 104 ALA 104 104 104 ALA ALA A . n 
A 1 105 ALA 105 105 105 ALA ALA A . n 
A 1 106 ALA 106 106 106 ALA ALA A . n 
A 1 107 GLU 107 107 107 GLU GLU A . n 
A 1 108 ASN 108 108 108 ASN ASN A . n 
A 1 109 MET 109 109 109 MET MET A . n 
A 1 110 TYR 110 110 110 TYR TYR A . n 
A 1 111 SER 111 111 111 SER SER A . n 
A 1 112 GLN 112 112 112 GLN GLN A . n 
A 1 113 MET 113 113 113 MET MET A . n 
A 1 114 GLY 114 114 114 GLY GLY A . n 
A 1 115 LEU 115 115 115 LEU LEU A . n 
A 1 116 ASP 116 116 116 ASP ASP A . n 
A 1 117 THR 117 117 117 THR THR A . n 
A 1 118 ARG 118 118 118 ARG ARG A . n 
A 1 119 PRO 119 119 119 PRO PRO A . n 
A 1 120 SER 120 120 120 SER SER A . n 
A 1 121 MET 121 121 121 MET MET A . n 
A 1 122 LYS 122 122 122 LYS LYS A . n 
A 1 123 GLU 123 123 123 GLU GLU A . n 
A 1 124 ALA 124 124 124 ALA ALA A . n 
A 1 125 GLY 125 125 125 GLY GLY A . n 
A 1 126 GLY 126 126 126 GLY GLY A . n 
A 1 127 LYS 127 127 127 LYS LYS A . n 
A 1 128 GLU 128 128 128 GLU GLU A . n 
A 1 129 GLU 129 129 129 GLU GLU A . n 
A 1 130 GLY 130 130 130 GLY GLY A . n 
A 1 131 PRO 131 131 131 PRO PRO A . n 
A 1 132 PRO 132 132 132 PRO PRO A . n 
A 1 133 GLN 133 133 133 GLN GLN A . n 
A 1 134 ALA 134 134 ?   ?   ?   A . n 
A 1 135 TYR 135 135 ?   ?   ?   A . n 
A 1 136 LEU 136 136 ?   ?   ?   A . n 
A 1 137 VAL 137 137 ?   ?   ?   A . n 
A 1 138 PRO 138 138 ?   ?   ?   A . n 
A 1 139 ARG 139 139 ?   ?   ?   A . n 
A 1 140 GLY 140 140 ?   ?   ?   A . n 
A 1 141 SER 141 141 ?   ?   ?   A . n 
A 1 142 LEU 142 142 ?   ?   ?   A . n 
A 1 143 GLU 143 143 ?   ?   ?   A . n 
A 1 144 HIS 144 144 ?   ?   ?   A . n 
A 1 145 HIS 145 145 ?   ?   ?   A . n 
A 1 146 HIS 146 146 ?   ?   ?   A . n 
A 1 147 HIS 147 147 ?   ?   ?   A . n 
A 1 148 HIS 148 148 ?   ?   ?   A . n 
A 1 149 HIS 149 149 ?   ?   ?   A . n 
# 
loop_
_pdbx_nonpoly_scheme.asym_id 
_pdbx_nonpoly_scheme.entity_id 
_pdbx_nonpoly_scheme.mon_id 
_pdbx_nonpoly_scheme.ndb_seq_num 
_pdbx_nonpoly_scheme.pdb_seq_num 
_pdbx_nonpoly_scheme.auth_seq_num 
_pdbx_nonpoly_scheme.pdb_mon_id 
_pdbx_nonpoly_scheme.auth_mon_id 
_pdbx_nonpoly_scheme.pdb_strand_id 
_pdbx_nonpoly_scheme.pdb_ins_code 
B 2 EDO 1  201 1  EDO EGL A . 
C 2 EDO 1  202 2  EDO EGL A . 
D 2 EDO 1  203 3  EDO EGL A . 
E 2 EDO 1  204 4  EDO EGL A . 
F 3 HOH 1  301 1  HOH HOH A . 
F 3 HOH 2  302 2  HOH HOH A . 
F 3 HOH 3  303 3  HOH HOH A . 
F 3 HOH 4  304 4  HOH HOH A . 
F 3 HOH 5  305 5  HOH HOH A . 
F 3 HOH 6  306 7  HOH HOH A . 
F 3 HOH 7  307 8  HOH HOH A . 
F 3 HOH 8  308 9  HOH HOH A . 
F 3 HOH 9  309 10 HOH HOH A . 
F 3 HOH 10 310 11 HOH HOH A . 
F 3 HOH 11 311 12 HOH HOH A . 
F 3 HOH 12 312 14 HOH HOH A . 
F 3 HOH 13 313 15 HOH HOH A . 
F 3 HOH 14 314 16 HOH HOH A . 
F 3 HOH 15 315 17 HOH HOH A . 
F 3 HOH 16 316 19 HOH HOH A . 
F 3 HOH 17 317 20 HOH HOH A . 
F 3 HOH 18 318 21 HOH HOH A . 
F 3 HOH 19 319 23 HOH HOH A . 
F 3 HOH 20 320 26 HOH HOH A . 
F 3 HOH 21 321 28 HOH HOH A . 
F 3 HOH 22 322 29 HOH HOH A . 
F 3 HOH 23 323 30 HOH HOH A . 
F 3 HOH 24 324 31 HOH HOH A . 
F 3 HOH 25 325 33 HOH HOH A . 
F 3 HOH 26 326 36 HOH HOH A . 
F 3 HOH 27 327 38 HOH HOH A . 
F 3 HOH 28 328 39 HOH HOH A . 
# 
_pdbx_struct_assembly.id                   1 
_pdbx_struct_assembly.details              author_and_software_defined_assembly 
_pdbx_struct_assembly.method_details       PISA 
_pdbx_struct_assembly.oligomeric_details   monomeric 
_pdbx_struct_assembly.oligomeric_count     1 
# 
_pdbx_struct_assembly_gen.assembly_id       1 
_pdbx_struct_assembly_gen.oper_expression   1 
_pdbx_struct_assembly_gen.asym_id_list      A,B,C,D,E,F 
# 
_pdbx_struct_oper_list.id                   1 
_pdbx_struct_oper_list.type                 'identity operation' 
_pdbx_struct_oper_list.name                 1_555 
_pdbx_struct_oper_list.symmetry_operation   x,y,z 
_pdbx_struct_oper_list.matrix[1][1]         1.0000000000 
_pdbx_struct_oper_list.matrix[1][2]         0.0000000000 
_pdbx_struct_oper_list.matrix[1][3]         0.0000000000 
_pdbx_struct_oper_list.vector[1]            0.0000000000 
_pdbx_struct_oper_list.matrix[2][1]         0.0000000000 
_pdbx_struct_oper_list.matrix[2][2]         1.0000000000 
_pdbx_struct_oper_list.matrix[2][3]         0.0000000000 
_pdbx_struct_oper_list.vector[2]            0.0000000000 
_pdbx_struct_oper_list.matrix[3][1]         0.0000000000 
_pdbx_struct_oper_list.matrix[3][2]         0.0000000000 
_pdbx_struct_oper_list.matrix[3][3]         1.0000000000 
_pdbx_struct_oper_list.vector[3]            0.0000000000 
# 
loop_
_pdbx_audit_revision_history.ordinal 
_pdbx_audit_revision_history.data_content_type 
_pdbx_audit_revision_history.major_revision 
_pdbx_audit_revision_history.minor_revision 
_pdbx_audit_revision_history.revision_date 
1 'Structure model' 1 0 2013-07-10 
2 'Structure model' 1 1 2017-11-15 
3 'Structure model' 1 2 2023-09-20 
# 
_pdbx_audit_revision_details.ordinal             1 
_pdbx_audit_revision_details.revision_ordinal    1 
_pdbx_audit_revision_details.data_content_type   'Structure model' 
_pdbx_audit_revision_details.provider            repository 
_pdbx_audit_revision_details.type                'Initial release' 
_pdbx_audit_revision_details.description         ? 
_pdbx_audit_revision_details.details             ? 
# 
loop_
_pdbx_audit_revision_group.ordinal 
_pdbx_audit_revision_group.revision_ordinal 
_pdbx_audit_revision_group.data_content_type 
_pdbx_audit_revision_group.group 
1 2 'Structure model' 'Refinement description' 
2 3 'Structure model' 'Data collection'        
3 3 'Structure model' 'Database references'    
4 3 'Structure model' 'Derived calculations'   
5 3 'Structure model' 'Refinement description' 
# 
loop_
_pdbx_audit_revision_category.ordinal 
_pdbx_audit_revision_category.revision_ordinal 
_pdbx_audit_revision_category.data_content_type 
_pdbx_audit_revision_category.category 
1 2 'Structure model' software                      
2 3 'Structure model' chem_comp_atom                
3 3 'Structure model' chem_comp_bond                
4 3 'Structure model' database_2                    
5 3 'Structure model' pdbx_initial_refinement_model 
6 3 'Structure model' struct_ref_seq_dif            
7 3 'Structure model' struct_site                   
# 
loop_
_pdbx_audit_revision_item.ordinal 
_pdbx_audit_revision_item.revision_ordinal 
_pdbx_audit_revision_item.data_content_type 
_pdbx_audit_revision_item.item 
1 3 'Structure model' '_database_2.pdbx_DOI'                
2 3 'Structure model' '_database_2.pdbx_database_accession' 
3 3 'Structure model' '_struct_ref_seq_dif.details'         
4 3 'Structure model' '_struct_site.pdbx_auth_asym_id'      
5 3 'Structure model' '_struct_site.pdbx_auth_comp_id'      
6 3 'Structure model' '_struct_site.pdbx_auth_seq_id'       
# 
loop_
_software.name 
_software.classification 
_software.version 
_software.citation_id 
_software.pdbx_ordinal 
MrBUMP phasing          .                           ? 1 
PHENIX refinement       '(phenix.refine: 1.8_1069)' ? 2 
XDS    'data reduction' .                           ? 3 
XSCALE 'data scaling'   .                           ? 4 
# 
loop_
_pdbx_validate_torsion.id 
_pdbx_validate_torsion.PDB_model_num 
_pdbx_validate_torsion.auth_comp_id 
_pdbx_validate_torsion.auth_asym_id 
_pdbx_validate_torsion.auth_seq_id 
_pdbx_validate_torsion.PDB_ins_code 
_pdbx_validate_torsion.label_alt_id 
_pdbx_validate_torsion.phi 
_pdbx_validate_torsion.psi 
1 1 GLN A 5  ? ? -143.85 -11.08 
2 1 VAL A 23 ? ? -71.28  28.10  
# 
loop_
_pdbx_unobs_or_zero_occ_residues.id 
_pdbx_unobs_or_zero_occ_residues.PDB_model_num 
_pdbx_unobs_or_zero_occ_residues.polymer_flag 
_pdbx_unobs_or_zero_occ_residues.occupancy_flag 
_pdbx_unobs_or_zero_occ_residues.auth_asym_id 
_pdbx_unobs_or_zero_occ_residues.auth_comp_id 
_pdbx_unobs_or_zero_occ_residues.auth_seq_id 
_pdbx_unobs_or_zero_occ_residues.PDB_ins_code 
_pdbx_unobs_or_zero_occ_residues.label_asym_id 
_pdbx_unobs_or_zero_occ_residues.label_comp_id 
_pdbx_unobs_or_zero_occ_residues.label_seq_id 
1  1 Y 1 A MET 1   ? A MET 1   
2  1 Y 1 A GLY 2   ? A GLY 2   
3  1 Y 1 A ASN 3   ? A ASN 3   
4  1 Y 1 A ALA 134 ? A ALA 134 
5  1 Y 1 A TYR 135 ? A TYR 135 
6  1 Y 1 A LEU 136 ? A LEU 136 
7  1 Y 1 A VAL 137 ? A VAL 137 
8  1 Y 1 A PRO 138 ? A PRO 138 
9  1 Y 1 A ARG 139 ? A ARG 139 
10 1 Y 1 A GLY 140 ? A GLY 140 
11 1 Y 1 A SER 141 ? A SER 141 
12 1 Y 1 A LEU 142 ? A LEU 142 
13 1 Y 1 A GLU 143 ? A GLU 143 
14 1 Y 1 A HIS 144 ? A HIS 144 
15 1 Y 1 A HIS 145 ? A HIS 145 
16 1 Y 1 A HIS 146 ? A HIS 146 
17 1 Y 1 A HIS 147 ? A HIS 147 
18 1 Y 1 A HIS 148 ? A HIS 148 
19 1 Y 1 A HIS 149 ? A HIS 149 
# 
loop_
_chem_comp_atom.comp_id 
_chem_comp_atom.atom_id 
_chem_comp_atom.type_symbol 
_chem_comp_atom.pdbx_aromatic_flag 
_chem_comp_atom.pdbx_stereo_config 
_chem_comp_atom.pdbx_ordinal 
ALA N    N N N 1   
ALA CA   C N S 2   
ALA C    C N N 3   
ALA O    O N N 4   
ALA CB   C N N 5   
ALA OXT  O N N 6   
ALA H    H N N 7   
ALA H2   H N N 8   
ALA HA   H N N 9   
ALA HB1  H N N 10  
ALA HB2  H N N 11  
ALA HB3  H N N 12  
ALA HXT  H N N 13  
ARG N    N N N 14  
ARG CA   C N S 15  
ARG C    C N N 16  
ARG O    O N N 17  
ARG CB   C N N 18  
ARG CG   C N N 19  
ARG CD   C N N 20  
ARG NE   N N N 21  
ARG CZ   C N N 22  
ARG NH1  N N N 23  
ARG NH2  N N N 24  
ARG OXT  O N N 25  
ARG H    H N N 26  
ARG H2   H N N 27  
ARG HA   H N N 28  
ARG HB2  H N N 29  
ARG HB3  H N N 30  
ARG HG2  H N N 31  
ARG HG3  H N N 32  
ARG HD2  H N N 33  
ARG HD3  H N N 34  
ARG HE   H N N 35  
ARG HH11 H N N 36  
ARG HH12 H N N 37  
ARG HH21 H N N 38  
ARG HH22 H N N 39  
ARG HXT  H N N 40  
ASN N    N N N 41  
ASN CA   C N S 42  
ASN C    C N N 43  
ASN O    O N N 44  
ASN CB   C N N 45  
ASN CG   C N N 46  
ASN OD1  O N N 47  
ASN ND2  N N N 48  
ASN OXT  O N N 49  
ASN H    H N N 50  
ASN H2   H N N 51  
ASN HA   H N N 52  
ASN HB2  H N N 53  
ASN HB3  H N N 54  
ASN HD21 H N N 55  
ASN HD22 H N N 56  
ASN HXT  H N N 57  
ASP N    N N N 58  
ASP CA   C N S 59  
ASP C    C N N 60  
ASP O    O N N 61  
ASP CB   C N N 62  
ASP CG   C N N 63  
ASP OD1  O N N 64  
ASP OD2  O N N 65  
ASP OXT  O N N 66  
ASP H    H N N 67  
ASP H2   H N N 68  
ASP HA   H N N 69  
ASP HB2  H N N 70  
ASP HB3  H N N 71  
ASP HD2  H N N 72  
ASP HXT  H N N 73  
CYS N    N N N 74  
CYS CA   C N R 75  
CYS C    C N N 76  
CYS O    O N N 77  
CYS CB   C N N 78  
CYS SG   S N N 79  
CYS OXT  O N N 80  
CYS H    H N N 81  
CYS H2   H N N 82  
CYS HA   H N N 83  
CYS HB2  H N N 84  
CYS HB3  H N N 85  
CYS HG   H N N 86  
CYS HXT  H N N 87  
EDO C1   C N N 88  
EDO O1   O N N 89  
EDO C2   C N N 90  
EDO O2   O N N 91  
EDO H11  H N N 92  
EDO H12  H N N 93  
EDO HO1  H N N 94  
EDO H21  H N N 95  
EDO H22  H N N 96  
EDO HO2  H N N 97  
GLN N    N N N 98  
GLN CA   C N S 99  
GLN C    C N N 100 
GLN O    O N N 101 
GLN CB   C N N 102 
GLN CG   C N N 103 
GLN CD   C N N 104 
GLN OE1  O N N 105 
GLN NE2  N N N 106 
GLN OXT  O N N 107 
GLN H    H N N 108 
GLN H2   H N N 109 
GLN HA   H N N 110 
GLN HB2  H N N 111 
GLN HB3  H N N 112 
GLN HG2  H N N 113 
GLN HG3  H N N 114 
GLN HE21 H N N 115 
GLN HE22 H N N 116 
GLN HXT  H N N 117 
GLU N    N N N 118 
GLU CA   C N S 119 
GLU C    C N N 120 
GLU O    O N N 121 
GLU CB   C N N 122 
GLU CG   C N N 123 
GLU CD   C N N 124 
GLU OE1  O N N 125 
GLU OE2  O N N 126 
GLU OXT  O N N 127 
GLU H    H N N 128 
GLU H2   H N N 129 
GLU HA   H N N 130 
GLU HB2  H N N 131 
GLU HB3  H N N 132 
GLU HG2  H N N 133 
GLU HG3  H N N 134 
GLU HE2  H N N 135 
GLU HXT  H N N 136 
GLY N    N N N 137 
GLY CA   C N N 138 
GLY C    C N N 139 
GLY O    O N N 140 
GLY OXT  O N N 141 
GLY H    H N N 142 
GLY H2   H N N 143 
GLY HA2  H N N 144 
GLY HA3  H N N 145 
GLY HXT  H N N 146 
HIS N    N N N 147 
HIS CA   C N S 148 
HIS C    C N N 149 
HIS O    O N N 150 
HIS CB   C N N 151 
HIS CG   C Y N 152 
HIS ND1  N Y N 153 
HIS CD2  C Y N 154 
HIS CE1  C Y N 155 
HIS NE2  N Y N 156 
HIS OXT  O N N 157 
HIS H    H N N 158 
HIS H2   H N N 159 
HIS HA   H N N 160 
HIS HB2  H N N 161 
HIS HB3  H N N 162 
HIS HD1  H N N 163 
HIS HD2  H N N 164 
HIS HE1  H N N 165 
HIS HE2  H N N 166 
HIS HXT  H N N 167 
HOH O    O N N 168 
HOH H1   H N N 169 
HOH H2   H N N 170 
ILE N    N N N 171 
ILE CA   C N S 172 
ILE C    C N N 173 
ILE O    O N N 174 
ILE CB   C N S 175 
ILE CG1  C N N 176 
ILE CG2  C N N 177 
ILE CD1  C N N 178 
ILE OXT  O N N 179 
ILE H    H N N 180 
ILE H2   H N N 181 
ILE HA   H N N 182 
ILE HB   H N N 183 
ILE HG12 H N N 184 
ILE HG13 H N N 185 
ILE HG21 H N N 186 
ILE HG22 H N N 187 
ILE HG23 H N N 188 
ILE HD11 H N N 189 
ILE HD12 H N N 190 
ILE HD13 H N N 191 
ILE HXT  H N N 192 
LEU N    N N N 193 
LEU CA   C N S 194 
LEU C    C N N 195 
LEU O    O N N 196 
LEU CB   C N N 197 
LEU CG   C N N 198 
LEU CD1  C N N 199 
LEU CD2  C N N 200 
LEU OXT  O N N 201 
LEU H    H N N 202 
LEU H2   H N N 203 
LEU HA   H N N 204 
LEU HB2  H N N 205 
LEU HB3  H N N 206 
LEU HG   H N N 207 
LEU HD11 H N N 208 
LEU HD12 H N N 209 
LEU HD13 H N N 210 
LEU HD21 H N N 211 
LEU HD22 H N N 212 
LEU HD23 H N N 213 
LEU HXT  H N N 214 
LYS N    N N N 215 
LYS CA   C N S 216 
LYS C    C N N 217 
LYS O    O N N 218 
LYS CB   C N N 219 
LYS CG   C N N 220 
LYS CD   C N N 221 
LYS CE   C N N 222 
LYS NZ   N N N 223 
LYS OXT  O N N 224 
LYS H    H N N 225 
LYS H2   H N N 226 
LYS HA   H N N 227 
LYS HB2  H N N 228 
LYS HB3  H N N 229 
LYS HG2  H N N 230 
LYS HG3  H N N 231 
LYS HD2  H N N 232 
LYS HD3  H N N 233 
LYS HE2  H N N 234 
LYS HE3  H N N 235 
LYS HZ1  H N N 236 
LYS HZ2  H N N 237 
LYS HZ3  H N N 238 
LYS HXT  H N N 239 
MET N    N N N 240 
MET CA   C N S 241 
MET C    C N N 242 
MET O    O N N 243 
MET CB   C N N 244 
MET CG   C N N 245 
MET SD   S N N 246 
MET CE   C N N 247 
MET OXT  O N N 248 
MET H    H N N 249 
MET H2   H N N 250 
MET HA   H N N 251 
MET HB2  H N N 252 
MET HB3  H N N 253 
MET HG2  H N N 254 
MET HG3  H N N 255 
MET HE1  H N N 256 
MET HE2  H N N 257 
MET HE3  H N N 258 
MET HXT  H N N 259 
PHE N    N N N 260 
PHE CA   C N S 261 
PHE C    C N N 262 
PHE O    O N N 263 
PHE CB   C N N 264 
PHE CG   C Y N 265 
PHE CD1  C Y N 266 
PHE CD2  C Y N 267 
PHE CE1  C Y N 268 
PHE CE2  C Y N 269 
PHE CZ   C Y N 270 
PHE OXT  O N N 271 
PHE H    H N N 272 
PHE H2   H N N 273 
PHE HA   H N N 274 
PHE HB2  H N N 275 
PHE HB3  H N N 276 
PHE HD1  H N N 277 
PHE HD2  H N N 278 
PHE HE1  H N N 279 
PHE HE2  H N N 280 
PHE HZ   H N N 281 
PHE HXT  H N N 282 
PRO N    N N N 283 
PRO CA   C N S 284 
PRO C    C N N 285 
PRO O    O N N 286 
PRO CB   C N N 287 
PRO CG   C N N 288 
PRO CD   C N N 289 
PRO OXT  O N N 290 
PRO H    H N N 291 
PRO HA   H N N 292 
PRO HB2  H N N 293 
PRO HB3  H N N 294 
PRO HG2  H N N 295 
PRO HG3  H N N 296 
PRO HD2  H N N 297 
PRO HD3  H N N 298 
PRO HXT  H N N 299 
SER N    N N N 300 
SER CA   C N S 301 
SER C    C N N 302 
SER O    O N N 303 
SER CB   C N N 304 
SER OG   O N N 305 
SER OXT  O N N 306 
SER H    H N N 307 
SER H2   H N N 308 
SER HA   H N N 309 
SER HB2  H N N 310 
SER HB3  H N N 311 
SER HG   H N N 312 
SER HXT  H N N 313 
THR N    N N N 314 
THR CA   C N S 315 
THR C    C N N 316 
THR O    O N N 317 
THR CB   C N R 318 
THR OG1  O N N 319 
THR CG2  C N N 320 
THR OXT  O N N 321 
THR H    H N N 322 
THR H2   H N N 323 
THR HA   H N N 324 
THR HB   H N N 325 
THR HG1  H N N 326 
THR HG21 H N N 327 
THR HG22 H N N 328 
THR HG23 H N N 329 
THR HXT  H N N 330 
TRP N    N N N 331 
TRP CA   C N S 332 
TRP C    C N N 333 
TRP O    O N N 334 
TRP CB   C N N 335 
TRP CG   C Y N 336 
TRP CD1  C Y N 337 
TRP CD2  C Y N 338 
TRP NE1  N Y N 339 
TRP CE2  C Y N 340 
TRP CE3  C Y N 341 
TRP CZ2  C Y N 342 
TRP CZ3  C Y N 343 
TRP CH2  C Y N 344 
TRP OXT  O N N 345 
TRP H    H N N 346 
TRP H2   H N N 347 
TRP HA   H N N 348 
TRP HB2  H N N 349 
TRP HB3  H N N 350 
TRP HD1  H N N 351 
TRP HE1  H N N 352 
TRP HE3  H N N 353 
TRP HZ2  H N N 354 
TRP HZ3  H N N 355 
TRP HH2  H N N 356 
TRP HXT  H N N 357 
TYR N    N N N 358 
TYR CA   C N S 359 
TYR C    C N N 360 
TYR O    O N N 361 
TYR CB   C N N 362 
TYR CG   C Y N 363 
TYR CD1  C Y N 364 
TYR CD2  C Y N 365 
TYR CE1  C Y N 366 
TYR CE2  C Y N 367 
TYR CZ   C Y N 368 
TYR OH   O N N 369 
TYR OXT  O N N 370 
TYR H    H N N 371 
TYR H2   H N N 372 
TYR HA   H N N 373 
TYR HB2  H N N 374 
TYR HB3  H N N 375 
TYR HD1  H N N 376 
TYR HD2  H N N 377 
TYR HE1  H N N 378 
TYR HE2  H N N 379 
TYR HH   H N N 380 
TYR HXT  H N N 381 
VAL N    N N N 382 
VAL CA   C N S 383 
VAL C    C N N 384 
VAL O    O N N 385 
VAL CB   C N N 386 
VAL CG1  C N N 387 
VAL CG2  C N N 388 
VAL OXT  O N N 389 
VAL H    H N N 390 
VAL H2   H N N 391 
VAL HA   H N N 392 
VAL HB   H N N 393 
VAL HG11 H N N 394 
VAL HG12 H N N 395 
VAL HG13 H N N 396 
VAL HG21 H N N 397 
VAL HG22 H N N 398 
VAL HG23 H N N 399 
VAL HXT  H N N 400 
# 
loop_
_chem_comp_bond.comp_id 
_chem_comp_bond.atom_id_1 
_chem_comp_bond.atom_id_2 
_chem_comp_bond.value_order 
_chem_comp_bond.pdbx_aromatic_flag 
_chem_comp_bond.pdbx_stereo_config 
_chem_comp_bond.pdbx_ordinal 
ALA N   CA   sing N N 1   
ALA N   H    sing N N 2   
ALA N   H2   sing N N 3   
ALA CA  C    sing N N 4   
ALA CA  CB   sing N N 5   
ALA CA  HA   sing N N 6   
ALA C   O    doub N N 7   
ALA C   OXT  sing N N 8   
ALA CB  HB1  sing N N 9   
ALA CB  HB2  sing N N 10  
ALA CB  HB3  sing N N 11  
ALA OXT HXT  sing N N 12  
ARG N   CA   sing N N 13  
ARG N   H    sing N N 14  
ARG N   H2   sing N N 15  
ARG CA  C    sing N N 16  
ARG CA  CB   sing N N 17  
ARG CA  HA   sing N N 18  
ARG C   O    doub N N 19  
ARG C   OXT  sing N N 20  
ARG CB  CG   sing N N 21  
ARG CB  HB2  sing N N 22  
ARG CB  HB3  sing N N 23  
ARG CG  CD   sing N N 24  
ARG CG  HG2  sing N N 25  
ARG CG  HG3  sing N N 26  
ARG CD  NE   sing N N 27  
ARG CD  HD2  sing N N 28  
ARG CD  HD3  sing N N 29  
ARG NE  CZ   sing N N 30  
ARG NE  HE   sing N N 31  
ARG CZ  NH1  sing N N 32  
ARG CZ  NH2  doub N N 33  
ARG NH1 HH11 sing N N 34  
ARG NH1 HH12 sing N N 35  
ARG NH2 HH21 sing N N 36  
ARG NH2 HH22 sing N N 37  
ARG OXT HXT  sing N N 38  
ASN N   CA   sing N N 39  
ASN N   H    sing N N 40  
ASN N   H2   sing N N 41  
ASN CA  C    sing N N 42  
ASN CA  CB   sing N N 43  
ASN CA  HA   sing N N 44  
ASN C   O    doub N N 45  
ASN C   OXT  sing N N 46  
ASN CB  CG   sing N N 47  
ASN CB  HB2  sing N N 48  
ASN CB  HB3  sing N N 49  
ASN CG  OD1  doub N N 50  
ASN CG  ND2  sing N N 51  
ASN ND2 HD21 sing N N 52  
ASN ND2 HD22 sing N N 53  
ASN OXT HXT  sing N N 54  
ASP N   CA   sing N N 55  
ASP N   H    sing N N 56  
ASP N   H2   sing N N 57  
ASP CA  C    sing N N 58  
ASP CA  CB   sing N N 59  
ASP CA  HA   sing N N 60  
ASP C   O    doub N N 61  
ASP C   OXT  sing N N 62  
ASP CB  CG   sing N N 63  
ASP CB  HB2  sing N N 64  
ASP CB  HB3  sing N N 65  
ASP CG  OD1  doub N N 66  
ASP CG  OD2  sing N N 67  
ASP OD2 HD2  sing N N 68  
ASP OXT HXT  sing N N 69  
CYS N   CA   sing N N 70  
CYS N   H    sing N N 71  
CYS N   H2   sing N N 72  
CYS CA  C    sing N N 73  
CYS CA  CB   sing N N 74  
CYS CA  HA   sing N N 75  
CYS C   O    doub N N 76  
CYS C   OXT  sing N N 77  
CYS CB  SG   sing N N 78  
CYS CB  HB2  sing N N 79  
CYS CB  HB3  sing N N 80  
CYS SG  HG   sing N N 81  
CYS OXT HXT  sing N N 82  
EDO C1  O1   sing N N 83  
EDO C1  C2   sing N N 84  
EDO C1  H11  sing N N 85  
EDO C1  H12  sing N N 86  
EDO O1  HO1  sing N N 87  
EDO C2  O2   sing N N 88  
EDO C2  H21  sing N N 89  
EDO C2  H22  sing N N 90  
EDO O2  HO2  sing N N 91  
GLN N   CA   sing N N 92  
GLN N   H    sing N N 93  
GLN N   H2   sing N N 94  
GLN CA  C    sing N N 95  
GLN CA  CB   sing N N 96  
GLN CA  HA   sing N N 97  
GLN C   O    doub N N 98  
GLN C   OXT  sing N N 99  
GLN CB  CG   sing N N 100 
GLN CB  HB2  sing N N 101 
GLN CB  HB3  sing N N 102 
GLN CG  CD   sing N N 103 
GLN CG  HG2  sing N N 104 
GLN CG  HG3  sing N N 105 
GLN CD  OE1  doub N N 106 
GLN CD  NE2  sing N N 107 
GLN NE2 HE21 sing N N 108 
GLN NE2 HE22 sing N N 109 
GLN OXT HXT  sing N N 110 
GLU N   CA   sing N N 111 
GLU N   H    sing N N 112 
GLU N   H2   sing N N 113 
GLU CA  C    sing N N 114 
GLU CA  CB   sing N N 115 
GLU CA  HA   sing N N 116 
GLU C   O    doub N N 117 
GLU C   OXT  sing N N 118 
GLU CB  CG   sing N N 119 
GLU CB  HB2  sing N N 120 
GLU CB  HB3  sing N N 121 
GLU CG  CD   sing N N 122 
GLU CG  HG2  sing N N 123 
GLU CG  HG3  sing N N 124 
GLU CD  OE1  doub N N 125 
GLU CD  OE2  sing N N 126 
GLU OE2 HE2  sing N N 127 
GLU OXT HXT  sing N N 128 
GLY N   CA   sing N N 129 
GLY N   H    sing N N 130 
GLY N   H2   sing N N 131 
GLY CA  C    sing N N 132 
GLY CA  HA2  sing N N 133 
GLY CA  HA3  sing N N 134 
GLY C   O    doub N N 135 
GLY C   OXT  sing N N 136 
GLY OXT HXT  sing N N 137 
HIS N   CA   sing N N 138 
HIS N   H    sing N N 139 
HIS N   H2   sing N N 140 
HIS CA  C    sing N N 141 
HIS CA  CB   sing N N 142 
HIS CA  HA   sing N N 143 
HIS C   O    doub N N 144 
HIS C   OXT  sing N N 145 
HIS CB  CG   sing N N 146 
HIS CB  HB2  sing N N 147 
HIS CB  HB3  sing N N 148 
HIS CG  ND1  sing Y N 149 
HIS CG  CD2  doub Y N 150 
HIS ND1 CE1  doub Y N 151 
HIS ND1 HD1  sing N N 152 
HIS CD2 NE2  sing Y N 153 
HIS CD2 HD2  sing N N 154 
HIS CE1 NE2  sing Y N 155 
HIS CE1 HE1  sing N N 156 
HIS NE2 HE2  sing N N 157 
HIS OXT HXT  sing N N 158 
HOH O   H1   sing N N 159 
HOH O   H2   sing N N 160 
ILE N   CA   sing N N 161 
ILE N   H    sing N N 162 
ILE N   H2   sing N N 163 
ILE CA  C    sing N N 164 
ILE CA  CB   sing N N 165 
ILE CA  HA   sing N N 166 
ILE C   O    doub N N 167 
ILE C   OXT  sing N N 168 
ILE CB  CG1  sing N N 169 
ILE CB  CG2  sing N N 170 
ILE CB  HB   sing N N 171 
ILE CG1 CD1  sing N N 172 
ILE CG1 HG12 sing N N 173 
ILE CG1 HG13 sing N N 174 
ILE CG2 HG21 sing N N 175 
ILE CG2 HG22 sing N N 176 
ILE CG2 HG23 sing N N 177 
ILE CD1 HD11 sing N N 178 
ILE CD1 HD12 sing N N 179 
ILE CD1 HD13 sing N N 180 
ILE OXT HXT  sing N N 181 
LEU N   CA   sing N N 182 
LEU N   H    sing N N 183 
LEU N   H2   sing N N 184 
LEU CA  C    sing N N 185 
LEU CA  CB   sing N N 186 
LEU CA  HA   sing N N 187 
LEU C   O    doub N N 188 
LEU C   OXT  sing N N 189 
LEU CB  CG   sing N N 190 
LEU CB  HB2  sing N N 191 
LEU CB  HB3  sing N N 192 
LEU CG  CD1  sing N N 193 
LEU CG  CD2  sing N N 194 
LEU CG  HG   sing N N 195 
LEU CD1 HD11 sing N N 196 
LEU CD1 HD12 sing N N 197 
LEU CD1 HD13 sing N N 198 
LEU CD2 HD21 sing N N 199 
LEU CD2 HD22 sing N N 200 
LEU CD2 HD23 sing N N 201 
LEU OXT HXT  sing N N 202 
LYS N   CA   sing N N 203 
LYS N   H    sing N N 204 
LYS N   H2   sing N N 205 
LYS CA  C    sing N N 206 
LYS CA  CB   sing N N 207 
LYS CA  HA   sing N N 208 
LYS C   O    doub N N 209 
LYS C   OXT  sing N N 210 
LYS CB  CG   sing N N 211 
LYS CB  HB2  sing N N 212 
LYS CB  HB3  sing N N 213 
LYS CG  CD   sing N N 214 
LYS CG  HG2  sing N N 215 
LYS CG  HG3  sing N N 216 
LYS CD  CE   sing N N 217 
LYS CD  HD2  sing N N 218 
LYS CD  HD3  sing N N 219 
LYS CE  NZ   sing N N 220 
LYS CE  HE2  sing N N 221 
LYS CE  HE3  sing N N 222 
LYS NZ  HZ1  sing N N 223 
LYS NZ  HZ2  sing N N 224 
LYS NZ  HZ3  sing N N 225 
LYS OXT HXT  sing N N 226 
MET N   CA   sing N N 227 
MET N   H    sing N N 228 
MET N   H2   sing N N 229 
MET CA  C    sing N N 230 
MET CA  CB   sing N N 231 
MET CA  HA   sing N N 232 
MET C   O    doub N N 233 
MET C   OXT  sing N N 234 
MET CB  CG   sing N N 235 
MET CB  HB2  sing N N 236 
MET CB  HB3  sing N N 237 
MET CG  SD   sing N N 238 
MET CG  HG2  sing N N 239 
MET CG  HG3  sing N N 240 
MET SD  CE   sing N N 241 
MET CE  HE1  sing N N 242 
MET CE  HE2  sing N N 243 
MET CE  HE3  sing N N 244 
MET OXT HXT  sing N N 245 
PHE N   CA   sing N N 246 
PHE N   H    sing N N 247 
PHE N   H2   sing N N 248 
PHE CA  C    sing N N 249 
PHE CA  CB   sing N N 250 
PHE CA  HA   sing N N 251 
PHE C   O    doub N N 252 
PHE C   OXT  sing N N 253 
PHE CB  CG   sing N N 254 
PHE CB  HB2  sing N N 255 
PHE CB  HB3  sing N N 256 
PHE CG  CD1  doub Y N 257 
PHE CG  CD2  sing Y N 258 
PHE CD1 CE1  sing Y N 259 
PHE CD1 HD1  sing N N 260 
PHE CD2 CE2  doub Y N 261 
PHE CD2 HD2  sing N N 262 
PHE CE1 CZ   doub Y N 263 
PHE CE1 HE1  sing N N 264 
PHE CE2 CZ   sing Y N 265 
PHE CE2 HE2  sing N N 266 
PHE CZ  HZ   sing N N 267 
PHE OXT HXT  sing N N 268 
PRO N   CA   sing N N 269 
PRO N   CD   sing N N 270 
PRO N   H    sing N N 271 
PRO CA  C    sing N N 272 
PRO CA  CB   sing N N 273 
PRO CA  HA   sing N N 274 
PRO C   O    doub N N 275 
PRO C   OXT  sing N N 276 
PRO CB  CG   sing N N 277 
PRO CB  HB2  sing N N 278 
PRO CB  HB3  sing N N 279 
PRO CG  CD   sing N N 280 
PRO CG  HG2  sing N N 281 
PRO CG  HG3  sing N N 282 
PRO CD  HD2  sing N N 283 
PRO CD  HD3  sing N N 284 
PRO OXT HXT  sing N N 285 
SER N   CA   sing N N 286 
SER N   H    sing N N 287 
SER N   H2   sing N N 288 
SER CA  C    sing N N 289 
SER CA  CB   sing N N 290 
SER CA  HA   sing N N 291 
SER C   O    doub N N 292 
SER C   OXT  sing N N 293 
SER CB  OG   sing N N 294 
SER CB  HB2  sing N N 295 
SER CB  HB3  sing N N 296 
SER OG  HG   sing N N 297 
SER OXT HXT  sing N N 298 
THR N   CA   sing N N 299 
THR N   H    sing N N 300 
THR N   H2   sing N N 301 
THR CA  C    sing N N 302 
THR CA  CB   sing N N 303 
THR CA  HA   sing N N 304 
THR C   O    doub N N 305 
THR C   OXT  sing N N 306 
THR CB  OG1  sing N N 307 
THR CB  CG2  sing N N 308 
THR CB  HB   sing N N 309 
THR OG1 HG1  sing N N 310 
THR CG2 HG21 sing N N 311 
THR CG2 HG22 sing N N 312 
THR CG2 HG23 sing N N 313 
THR OXT HXT  sing N N 314 
TRP N   CA   sing N N 315 
TRP N   H    sing N N 316 
TRP N   H2   sing N N 317 
TRP CA  C    sing N N 318 
TRP CA  CB   sing N N 319 
TRP CA  HA   sing N N 320 
TRP C   O    doub N N 321 
TRP C   OXT  sing N N 322 
TRP CB  CG   sing N N 323 
TRP CB  HB2  sing N N 324 
TRP CB  HB3  sing N N 325 
TRP CG  CD1  doub Y N 326 
TRP CG  CD2  sing Y N 327 
TRP CD1 NE1  sing Y N 328 
TRP CD1 HD1  sing N N 329 
TRP CD2 CE2  doub Y N 330 
TRP CD2 CE3  sing Y N 331 
TRP NE1 CE2  sing Y N 332 
TRP NE1 HE1  sing N N 333 
TRP CE2 CZ2  sing Y N 334 
TRP CE3 CZ3  doub Y N 335 
TRP CE3 HE3  sing N N 336 
TRP CZ2 CH2  doub Y N 337 
TRP CZ2 HZ2  sing N N 338 
TRP CZ3 CH2  sing Y N 339 
TRP CZ3 HZ3  sing N N 340 
TRP CH2 HH2  sing N N 341 
TRP OXT HXT  sing N N 342 
TYR N   CA   sing N N 343 
TYR N   H    sing N N 344 
TYR N   H2   sing N N 345 
TYR CA  C    sing N N 346 
TYR CA  CB   sing N N 347 
TYR CA  HA   sing N N 348 
TYR C   O    doub N N 349 
TYR C   OXT  sing N N 350 
TYR CB  CG   sing N N 351 
TYR CB  HB2  sing N N 352 
TYR CB  HB3  sing N N 353 
TYR CG  CD1  doub Y N 354 
TYR CG  CD2  sing Y N 355 
TYR CD1 CE1  sing Y N 356 
TYR CD1 HD1  sing N N 357 
TYR CD2 CE2  doub Y N 358 
TYR CD2 HD2  sing N N 359 
TYR CE1 CZ   doub Y N 360 
TYR CE1 HE1  sing N N 361 
TYR CE2 CZ   sing Y N 362 
TYR CE2 HE2  sing N N 363 
TYR CZ  OH   sing N N 364 
TYR OH  HH   sing N N 365 
TYR OXT HXT  sing N N 366 
VAL N   CA   sing N N 367 
VAL N   H    sing N N 368 
VAL N   H2   sing N N 369 
VAL CA  C    sing N N 370 
VAL CA  CB   sing N N 371 
VAL CA  HA   sing N N 372 
VAL C   O    doub N N 373 
VAL C   OXT  sing N N 374 
VAL CB  CG1  sing N N 375 
VAL CB  CG2  sing N N 376 
VAL CB  HB   sing N N 377 
VAL CG1 HG11 sing N N 378 
VAL CG1 HG12 sing N N 379 
VAL CG1 HG13 sing N N 380 
VAL CG2 HG21 sing N N 381 
VAL CG2 HG22 sing N N 382 
VAL CG2 HG23 sing N N 383 
VAL OXT HXT  sing N N 384 
# 
loop_
_pdbx_entity_nonpoly.entity_id 
_pdbx_entity_nonpoly.name 
_pdbx_entity_nonpoly.comp_id 
2 1,2-ETHANEDIOL EDO 
3 water          HOH 
# 
_pdbx_initial_refinement_model.id               1 
_pdbx_initial_refinement_model.entity_id_list   ? 
_pdbx_initial_refinement_model.type             'experimental model' 
_pdbx_initial_refinement_model.source_name      PDB 
_pdbx_initial_refinement_model.accession_code   1ECW 
_pdbx_initial_refinement_model.details          'PDB entry 1ECW, SIV matrix protein' 
# 
